data_9J7G
#
_entry.id   9J7G
#
_cell.length_a   109.472
_cell.length_b   74.149
_cell.length_c   123.113
_cell.angle_alpha   90.000
_cell.angle_beta   100.861
_cell.angle_gamma   90.000
#
_symmetry.space_group_name_H-M   'P 1 21 1'
#
loop_
_entity.id
_entity.type
_entity.pdbx_description
1 polymer 'Kelch-like ECH-associated protein 1'
2 non-polymer 2-[(4-aminophenyl)sulfonyl-[4-[(2-azanyl-2-oxidanylidene-ethyl)-(4-methoxyphenyl)sulfonyl-amino]naphthalen-1-yl]amino]ethanamide
3 non-polymer ~{N}-[4-[(2-azanyl-2-oxidanylidene-ethyl)-[4-[(2-azanyl-2-oxidanylidene-ethyl)-(4-methoxyphenyl)sulfonyl-amino]naphthalen-1-yl]sulfamoyl]phenyl]-3-[2-[2-[2-[3-[[4-[(2-azanyl-2-oxidanylidene-ethyl)-[4-[(2-azanyl-2-oxidanylidene-ethyl)-(4-methoxyphenyl)sulfonyl-amino]naphthalen-1-yl]sulfamoyl]phenyl]amino]-3-oxidanylidene-propoxy]ethoxy]ethoxy]ethoxy]propanamide
#
_entity_poly.entity_id   1
_entity_poly.type   'polypeptide(L)'
_entity_poly.pdbx_seq_one_letter_code
;PKVGRLIYTAGGYFRQSLSYLEAYNPSDGTWLRLADLQVPRSGLAGCVVGGLLYAVGGRNNSPDGNTDSSALDCYNPMTN
QWSPCAPMSVPRNRIGVGVIDGHIYAVGGSHGCIHHNSVERYEPERDEWHLVAPMLTRRIGVGVAVLNRLLYAVGGFDGT
NRLNSAECYYPERNEWRMITAMNTIRSGAGVCVLHNCIYAAGGYDGQDQLNSVERYDVETETWTFVAPMKHRRSALGITV
HQGRIYVLGGYDGHTFLDSVECYDPDTDTWSEVTRMTSGRSGVGVAVT
;
_entity_poly.pdbx_strand_id   A,B,C,X
#
loop_
_chem_comp.id
_chem_comp.type
_chem_comp.name
_chem_comp.formula
A1EMM non-polymer ~{N}-[4-[(2-azanyl-2-oxidanylidene-ethyl)-[4-[(2-azanyl-2-oxidanylidene-ethyl)-(4-methoxyphenyl)sulfonyl-amino]naphthalen-1-yl]sulfamoyl]phenyl]-3-[2-[2-[2-[3-[[4-[(2-azanyl-2-oxidanylidene-ethyl)-[4-[(2-azanyl-2-oxidanylidene-ethyl)-(4-methoxyphenyl)sulfonyl-amino]naphthalen-1-yl]sulfamoyl]phenyl]amino]-3-oxidanylidene-propoxy]ethoxy]ethoxy]ethoxy]propanamide 'C66 H72 N10 O20 S4'
GFD non-polymer 2-[(4-aminophenyl)sulfonyl-[4-[(2-azanyl-2-oxidanylidene-ethyl)-(4-methoxyphenyl)sulfonyl-amino]naphthalen-1-yl]amino]ethanamide 'C27 H27 N5 O7 S2'
#
# COMPACT_ATOMS: atom_id res chain seq x y z
N VAL A 3 31.60 -20.37 -10.00
CA VAL A 3 32.43 -19.23 -10.42
C VAL A 3 31.53 -18.10 -10.86
N GLY A 4 30.31 -18.01 -10.27
CA GLY A 4 29.35 -17.00 -10.65
C GLY A 4 28.66 -16.41 -9.43
N ARG A 5 27.76 -15.44 -9.67
CA ARG A 5 26.89 -14.92 -8.62
C ARG A 5 25.90 -16.01 -8.20
N LEU A 6 25.60 -16.12 -6.90
CA LEU A 6 24.78 -17.22 -6.39
C LEU A 6 23.63 -16.72 -5.53
N ILE A 7 22.53 -17.47 -5.55
CA ILE A 7 21.39 -17.17 -4.68
C ILE A 7 21.64 -17.88 -3.36
N TYR A 8 21.86 -17.10 -2.30
CA TYR A 8 22.06 -17.63 -0.95
C TYR A 8 20.75 -17.58 -0.19
N THR A 9 20.48 -18.62 0.61
CA THR A 9 19.33 -18.69 1.50
C THR A 9 19.83 -19.09 2.87
N ALA A 10 19.67 -18.21 3.83
CA ALA A 10 20.14 -18.47 5.19
C ALA A 10 18.97 -18.75 6.12
N GLY A 11 19.12 -19.75 6.97
CA GLY A 11 18.16 -19.93 8.02
C GLY A 11 16.85 -20.47 7.50
N GLY A 12 15.80 -20.20 8.26
CA GLY A 12 14.45 -20.62 7.91
C GLY A 12 13.80 -21.36 9.05
N TYR A 13 12.66 -22.00 8.74
CA TYR A 13 11.99 -22.85 9.71
C TYR A 13 11.55 -24.15 9.07
N PHE A 14 11.66 -25.23 9.84
CA PHE A 14 10.94 -26.47 9.55
C PHE A 14 11.00 -27.35 10.79
N ARG A 15 9.87 -27.49 11.48
CA ARG A 15 9.84 -28.17 12.78
C ARG A 15 10.47 -27.32 13.88
N GLN A 16 11.71 -26.87 13.69
CA GLN A 16 12.32 -25.85 14.56
C GLN A 16 13.19 -24.94 13.69
N SER A 17 13.68 -23.87 14.29
CA SER A 17 14.53 -22.93 13.56
C SER A 17 15.73 -23.61 12.94
N LEU A 18 16.04 -23.22 11.70
CA LEU A 18 17.10 -23.80 10.89
C LEU A 18 18.38 -22.95 10.98
N SER A 19 19.51 -23.61 10.74
CA SER A 19 20.82 -22.97 10.69
C SER A 19 21.48 -23.05 9.32
N TYR A 20 20.79 -23.60 8.32
CA TYR A 20 21.43 -23.84 7.04
C TYR A 20 21.80 -22.55 6.34
N LEU A 21 22.95 -22.58 5.66
CA LEU A 21 23.24 -21.65 4.58
C LEU A 21 23.47 -22.50 3.36
N GLU A 22 22.79 -22.15 2.28
CA GLU A 22 22.93 -22.85 1.02
C GLU A 22 22.87 -21.82 -0.08
N ALA A 23 23.44 -22.17 -1.22
CA ALA A 23 23.44 -21.28 -2.36
C ALA A 23 23.07 -22.10 -3.58
N TYR A 24 22.42 -21.43 -4.54
CA TYR A 24 21.96 -22.08 -5.75
C TYR A 24 22.61 -21.37 -6.93
N ASN A 25 23.21 -22.17 -7.84
CA ASN A 25 23.75 -21.66 -9.09
C ASN A 25 22.71 -21.82 -10.20
N PRO A 26 22.11 -20.73 -10.68
CA PRO A 26 21.10 -20.86 -11.74
C PRO A 26 21.59 -21.34 -13.10
N SER A 27 22.88 -21.19 -13.45
CA SER A 27 23.29 -21.62 -14.78
C SER A 27 23.37 -23.13 -14.87
N ASP A 28 23.91 -23.78 -13.84
CA ASP A 28 23.93 -25.24 -13.80
C ASP A 28 22.94 -25.82 -12.79
N GLY A 29 22.06 -25.00 -12.21
CA GLY A 29 21.00 -25.56 -11.40
C GLY A 29 21.48 -26.42 -10.26
N THR A 30 22.58 -26.05 -9.63
CA THR A 30 23.13 -26.86 -8.56
C THR A 30 23.12 -26.09 -7.25
N TRP A 31 22.96 -26.86 -6.17
CA TRP A 31 22.95 -26.35 -4.81
C TRP A 31 24.26 -26.65 -4.10
N LEU A 32 24.71 -25.69 -3.32
CA LEU A 32 25.93 -25.82 -2.55
C LEU A 32 25.58 -25.71 -1.08
N ARG A 33 26.28 -26.46 -0.24
CA ARG A 33 26.07 -26.39 1.20
C ARG A 33 27.27 -25.67 1.80
N LEU A 34 27.01 -24.58 2.54
CA LEU A 34 28.04 -23.70 3.08
C LEU A 34 27.94 -23.66 4.61
N ALA A 35 28.75 -22.80 5.21
CA ALA A 35 28.85 -22.76 6.67
C ALA A 35 27.50 -22.51 7.33
N ASP A 36 27.13 -23.36 8.29
CA ASP A 36 25.91 -23.11 9.01
C ASP A 36 25.98 -21.80 9.80
N LEU A 37 24.82 -21.22 10.05
CA LEU A 37 24.71 -20.09 10.96
C LEU A 37 25.12 -20.50 12.37
N GLN A 38 25.73 -19.58 13.10
CA GLN A 38 26.17 -19.95 14.43
C GLN A 38 25.00 -20.19 15.38
N VAL A 39 23.91 -19.45 15.20
CA VAL A 39 22.65 -19.71 15.92
C VAL A 39 21.54 -19.89 14.89
N PRO A 40 20.68 -20.90 15.02
CA PRO A 40 19.56 -21.05 14.06
C PRO A 40 18.57 -19.90 14.15
N ARG A 41 18.08 -19.47 12.99
CA ARG A 41 17.16 -18.35 12.93
C ARG A 41 16.17 -18.53 11.79
N SER A 42 14.96 -18.00 12.01
CA SER A 42 13.93 -17.86 10.99
C SER A 42 13.29 -16.48 11.14
N GLY A 43 12.61 -16.03 10.08
CA GLY A 43 12.09 -14.68 10.02
C GLY A 43 13.14 -13.60 10.01
N LEU A 44 14.36 -13.95 9.63
CA LEU A 44 15.43 -13.00 9.39
C LEU A 44 15.36 -12.52 7.95
N ALA A 45 16.10 -11.46 7.65
CA ALA A 45 16.31 -11.03 6.28
C ALA A 45 17.79 -11.08 5.93
N GLY A 46 18.07 -11.31 4.65
CA GLY A 46 19.42 -11.26 4.12
C GLY A 46 19.60 -10.09 3.18
N CYS A 47 20.83 -9.64 3.06
CA CYS A 47 21.18 -8.60 2.11
C CYS A 47 22.67 -8.69 1.88
N VAL A 48 23.13 -8.01 0.82
CA VAL A 48 24.54 -7.98 0.45
C VAL A 48 25.00 -6.54 0.37
N VAL A 49 26.10 -6.26 1.05
CA VAL A 49 26.80 -4.97 0.91
C VAL A 49 28.29 -5.24 0.77
N GLY A 50 28.91 -4.60 -0.21
CA GLY A 50 30.29 -4.86 -0.52
C GLY A 50 30.60 -6.33 -0.68
N GLY A 51 29.75 -7.07 -1.39
CA GLY A 51 30.00 -8.47 -1.63
C GLY A 51 29.99 -9.35 -0.40
N LEU A 52 29.54 -8.84 0.74
CA LEU A 52 29.36 -9.63 1.94
C LEU A 52 27.90 -9.97 2.15
N LEU A 53 27.66 -11.08 2.82
CA LEU A 53 26.31 -11.58 3.09
C LEU A 53 25.99 -11.31 4.54
N TYR A 54 25.03 -10.44 4.79
CA TYR A 54 24.61 -10.15 6.16
C TYR A 54 23.28 -10.82 6.48
N ALA A 55 23.19 -11.41 7.68
CA ALA A 55 21.98 -12.01 8.23
C ALA A 55 21.42 -11.10 9.33
N VAL A 56 20.19 -10.65 9.18
CA VAL A 56 19.63 -9.62 10.05
C VAL A 56 18.38 -10.17 10.75
N GLY A 57 18.34 -10.06 12.09
CA GLY A 57 17.13 -10.27 12.85
C GLY A 57 16.70 -11.72 12.95
N GLY A 58 15.39 -11.94 12.91
CA GLY A 58 14.84 -13.28 13.06
C GLY A 58 14.53 -13.62 14.50
N ARG A 59 14.11 -14.86 14.72
CA ARG A 59 13.85 -15.39 16.05
C ARG A 59 14.80 -16.56 16.31
N ASN A 60 15.63 -16.43 17.35
CA ASN A 60 16.53 -17.49 17.76
C ASN A 60 15.75 -18.69 18.28
N ASN A 61 16.33 -19.88 18.12
CA ASN A 61 15.84 -21.09 18.79
C ASN A 61 17.03 -21.70 19.52
N SER A 62 16.91 -21.90 20.83
CA SER A 62 18.06 -22.22 21.66
C SER A 62 17.59 -22.99 22.88
N PRO A 63 18.53 -23.51 23.68
CA PRO A 63 18.15 -24.19 24.93
C PRO A 63 17.52 -23.24 25.95
N ASP A 64 18.04 -22.02 26.10
CA ASP A 64 17.36 -21.04 26.92
C ASP A 64 15.90 -20.92 26.49
N GLY A 65 15.67 -20.80 25.20
CA GLY A 65 14.32 -20.73 24.66
C GLY A 65 14.35 -20.23 23.23
N ASN A 66 13.16 -19.80 22.77
CA ASN A 66 12.99 -19.17 21.47
C ASN A 66 12.86 -17.67 21.68
N THR A 67 13.85 -16.92 21.22
CA THR A 67 13.94 -15.51 21.54
C THR A 67 14.13 -14.72 20.26
N ASP A 68 13.40 -13.62 20.13
CA ASP A 68 13.57 -12.70 19.02
C ASP A 68 14.96 -12.11 19.05
N SER A 69 15.59 -12.01 17.89
CA SER A 69 17.02 -11.73 17.79
C SER A 69 17.31 -10.26 17.45
N SER A 70 18.43 -9.78 17.95
CA SER A 70 18.91 -8.45 17.64
C SER A 70 20.12 -8.53 16.70
N ALA A 71 20.48 -9.76 16.31
CA ALA A 71 21.79 -10.10 15.77
C ALA A 71 21.99 -9.66 14.34
N LEU A 72 23.21 -9.20 14.06
CA LEU A 72 23.70 -8.97 12.71
C LEU A 72 24.94 -9.83 12.55
N ASP A 73 24.97 -10.69 11.54
CA ASP A 73 26.15 -11.51 11.31
C ASP A 73 26.53 -11.53 9.84
N CYS A 74 27.83 -11.60 9.57
CA CYS A 74 28.38 -11.35 8.25
C CYS A 74 29.15 -12.56 7.76
N TYR A 75 28.86 -12.99 6.53
CA TYR A 75 29.42 -14.20 5.96
C TYR A 75 30.21 -13.85 4.71
N ASN A 76 31.45 -14.35 4.61
CA ASN A 76 32.28 -14.02 3.45
C ASN A 76 32.42 -15.20 2.53
N PRO A 77 31.89 -15.13 1.31
CA PRO A 77 31.93 -16.32 0.46
C PRO A 77 33.34 -16.75 0.16
N MET A 78 34.33 -15.86 0.27
CA MET A 78 35.72 -16.22 -0.04
C MET A 78 36.32 -17.07 1.05
N THR A 79 35.91 -16.83 2.30
CA THR A 79 36.40 -17.56 3.45
C THR A 79 35.39 -18.54 4.03
N ASN A 80 34.18 -18.60 3.50
CA ASN A 80 33.15 -19.49 4.03
C ASN A 80 33.08 -19.42 5.56
N GLN A 81 33.04 -18.19 6.07
CA GLN A 81 33.08 -17.96 7.50
C GLN A 81 32.07 -16.90 7.96
N TRP A 82 31.33 -17.22 9.01
CA TRP A 82 30.41 -16.28 9.63
C TRP A 82 31.14 -15.49 10.71
N SER A 83 30.83 -14.19 10.78
CA SER A 83 31.48 -13.32 11.75
C SER A 83 30.43 -12.39 12.38
N PRO A 84 30.31 -12.38 13.70
CA PRO A 84 29.35 -11.47 14.33
C PRO A 84 29.71 -10.01 14.12
N CYS A 85 28.67 -9.17 14.07
CA CYS A 85 28.77 -7.71 14.12
C CYS A 85 27.84 -7.15 15.17
N ALA A 86 27.93 -5.84 15.34
CA ALA A 86 27.19 -5.13 16.35
C ALA A 86 25.69 -5.35 16.16
N PRO A 87 24.97 -5.75 17.21
CA PRO A 87 23.53 -6.00 17.13
C PRO A 87 22.71 -4.72 17.10
N MET A 88 21.48 -4.86 16.61
CA MET A 88 20.62 -3.71 16.46
C MET A 88 20.20 -3.18 17.84
N SER A 89 19.58 -1.99 17.82
CA SER A 89 19.11 -1.41 19.06
C SER A 89 18.15 -2.36 19.76
N VAL A 90 17.18 -2.89 19.03
CA VAL A 90 16.16 -3.77 19.62
C VAL A 90 16.13 -5.07 18.83
N PRO A 91 15.50 -6.11 19.34
CA PRO A 91 15.27 -7.31 18.52
C PRO A 91 14.24 -7.01 17.46
N ARG A 92 14.26 -7.80 16.38
CA ARG A 92 13.31 -7.65 15.28
C ARG A 92 13.06 -9.00 14.61
N ASN A 93 11.91 -9.60 14.89
CA ASN A 93 11.45 -10.78 14.18
C ASN A 93 10.55 -10.36 13.01
N ARG A 94 10.53 -11.15 11.95
CA ARG A 94 9.71 -10.81 10.80
C ARG A 94 10.13 -9.45 10.24
N ILE A 95 11.43 -9.33 10.01
CA ILE A 95 12.09 -8.06 9.69
C ILE A 95 12.21 -7.89 8.18
N GLY A 96 12.32 -6.63 7.77
CA GLY A 96 12.74 -6.30 6.42
C GLY A 96 13.99 -5.43 6.43
N VAL A 97 14.81 -5.59 5.38
CA VAL A 97 16.03 -4.82 5.24
C VAL A 97 16.24 -4.40 3.80
N GLY A 98 16.91 -3.26 3.65
CA GLY A 98 17.28 -2.75 2.35
C GLY A 98 18.62 -2.06 2.44
N VAL A 99 19.29 -1.99 1.31
CA VAL A 99 20.63 -1.43 1.25
C VAL A 99 20.61 -0.20 0.40
N ILE A 100 21.09 0.91 0.96
CA ILE A 100 21.25 2.19 0.27
C ILE A 100 22.65 2.70 0.54
N ASP A 101 23.37 3.07 -0.50
CA ASP A 101 24.69 3.64 -0.34
C ASP A 101 25.55 2.78 0.58
N GLY A 102 25.57 1.48 0.32
CA GLY A 102 26.32 0.57 1.19
C GLY A 102 25.98 0.63 2.65
N HIS A 103 24.73 0.97 3.00
CA HIS A 103 24.26 0.87 4.38
C HIS A 103 23.05 -0.03 4.42
N ILE A 104 22.90 -0.74 5.55
CA ILE A 104 21.81 -1.68 5.78
C ILE A 104 20.75 -1.01 6.62
N TYR A 105 19.53 -0.95 6.10
CA TYR A 105 18.39 -0.42 6.82
C TYR A 105 17.60 -1.61 7.37
N ALA A 106 17.48 -1.69 8.70
CA ALA A 106 16.61 -2.66 9.34
C ALA A 106 15.26 -1.99 9.63
N VAL A 107 14.19 -2.58 9.12
CA VAL A 107 12.92 -1.88 9.02
C VAL A 107 11.85 -2.71 9.69
N GLY A 108 11.18 -2.10 10.67
CA GLY A 108 10.07 -2.77 11.32
C GLY A 108 10.48 -4.00 12.11
N GLY A 109 9.63 -5.03 12.05
CA GLY A 109 9.78 -6.24 12.82
C GLY A 109 9.15 -6.19 14.19
N SER A 110 9.16 -7.36 14.85
CA SER A 110 8.48 -7.59 16.12
C SER A 110 9.47 -7.95 17.21
N HIS A 111 9.32 -7.33 18.37
CA HIS A 111 9.95 -7.79 19.62
C HIS A 111 8.85 -8.26 20.57
N GLY A 112 8.80 -9.53 20.88
CA GLY A 112 7.67 -9.98 21.69
C GLY A 112 6.36 -9.70 20.93
N CYS A 113 5.48 -8.83 21.45
CA CYS A 113 4.61 -8.17 20.51
C CYS A 113 4.63 -6.63 20.65
N ILE A 114 5.80 -6.07 20.91
CA ILE A 114 6.10 -4.76 20.34
C ILE A 114 6.13 -4.93 18.82
N HIS A 115 5.29 -4.17 18.12
CA HIS A 115 5.32 -4.12 16.67
C HIS A 115 6.07 -2.84 16.28
N HIS A 116 7.32 -3.02 15.83
CA HIS A 116 8.22 -1.90 15.60
C HIS A 116 7.77 -1.05 14.42
N ASN A 117 7.98 0.24 14.55
CA ASN A 117 7.86 1.14 13.43
C ASN A 117 9.12 1.98 13.34
N SER A 118 10.11 1.64 14.13
CA SER A 118 11.41 2.28 14.08
C SER A 118 12.30 1.51 13.12
N VAL A 119 13.08 2.25 12.34
CA VAL A 119 14.08 1.64 11.47
C VAL A 119 15.44 2.22 11.81
N GLU A 120 16.47 1.37 11.73
CA GLU A 120 17.85 1.77 11.99
C GLU A 120 18.76 1.35 10.83
N ARG A 121 19.87 2.08 10.70
CA ARG A 121 20.81 1.97 9.59
C ARG A 121 22.18 1.59 10.13
N TYR A 122 22.79 0.59 9.51
CA TYR A 122 24.08 0.08 9.93
C TYR A 122 25.16 0.55 8.97
N GLU A 123 26.28 1.02 9.52
CA GLU A 123 27.42 1.45 8.73
C GLU A 123 28.50 0.38 8.81
N PRO A 124 28.74 -0.40 7.74
CA PRO A 124 29.69 -1.52 7.86
C PRO A 124 31.09 -1.10 8.25
N GLU A 125 31.62 -0.06 7.61
CA GLU A 125 32.96 0.40 7.96
C GLU A 125 33.06 0.71 9.45
N ARG A 126 32.13 1.54 9.96
CA ARG A 126 32.15 1.88 11.38
C ARG A 126 31.71 0.72 12.28
N ASP A 127 30.93 -0.24 11.76
CA ASP A 127 30.30 -1.27 12.57
C ASP A 127 29.36 -0.68 13.64
N GLU A 128 28.54 0.30 13.22
CA GLU A 128 27.66 1.05 14.11
C GLU A 128 26.23 1.04 13.58
N TRP A 129 25.28 1.02 14.49
CA TRP A 129 23.87 1.14 14.12
C TRP A 129 23.36 2.45 14.67
N HIS A 130 22.67 3.24 13.84
CA HIS A 130 22.09 4.50 14.28
C HIS A 130 20.66 4.59 13.81
N LEU A 131 19.75 4.87 14.74
CA LEU A 131 18.33 4.97 14.38
C LEU A 131 18.08 6.15 13.44
N VAL A 132 17.06 6.00 12.60
CA VAL A 132 16.64 7.07 11.71
C VAL A 132 15.15 7.27 11.90
N ALA A 133 14.57 8.11 11.06
CA ALA A 133 13.16 8.41 11.22
C ALA A 133 12.35 7.12 11.22
N PRO A 134 11.38 6.99 12.13
CA PRO A 134 10.53 5.80 12.13
C PRO A 134 9.47 5.87 11.06
N MET A 135 8.99 4.70 10.65
CA MET A 135 7.93 4.62 9.67
C MET A 135 6.67 5.31 10.17
N LEU A 136 5.80 5.68 9.24
CA LEU A 136 4.46 6.15 9.61
C LEU A 136 3.67 5.04 10.26
N THR A 137 3.82 3.80 9.76
CA THR A 137 3.03 2.67 10.24
C THR A 137 3.92 1.66 10.94
N ARG A 138 3.30 0.90 11.86
CA ARG A 138 3.97 -0.23 12.52
C ARG A 138 3.83 -1.46 11.65
N ARG A 139 4.96 -2.11 11.33
CA ARG A 139 5.00 -3.16 10.31
C ARG A 139 5.92 -4.30 10.73
N ILE A 140 5.41 -5.52 10.63
CA ILE A 140 6.14 -6.76 10.88
C ILE A 140 5.66 -7.72 9.80
N GLY A 141 6.53 -8.64 9.40
CA GLY A 141 6.26 -9.36 8.17
C GLY A 141 6.24 -8.40 7.00
N VAL A 142 7.13 -7.41 7.01
CA VAL A 142 7.14 -6.34 6.02
C VAL A 142 8.22 -6.63 4.98
N GLY A 143 7.92 -6.28 3.72
CA GLY A 143 8.87 -6.43 2.63
C GLY A 143 9.51 -5.09 2.30
N VAL A 144 10.80 -5.13 1.98
CA VAL A 144 11.54 -3.91 1.70
C VAL A 144 12.26 -4.02 0.37
N ALA A 145 12.37 -2.88 -0.32
CA ALA A 145 12.92 -2.78 -1.66
C ALA A 145 13.56 -1.41 -1.79
N VAL A 146 14.68 -1.35 -2.54
CA VAL A 146 15.34 -0.09 -2.82
C VAL A 146 15.36 0.16 -4.32
N LEU A 147 14.96 1.37 -4.71
CA LEU A 147 14.80 1.71 -6.11
C LEU A 147 15.14 3.18 -6.25
N ASN A 148 16.13 3.49 -7.08
CA ASN A 148 16.60 4.86 -7.25
C ASN A 148 16.89 5.51 -5.89
N ARG A 149 17.65 4.78 -5.08
CA ARG A 149 18.05 5.23 -3.74
C ARG A 149 16.84 5.67 -2.88
N LEU A 150 15.70 5.00 -3.04
CA LEU A 150 14.50 5.20 -2.22
C LEU A 150 14.07 3.87 -1.62
N LEU A 151 13.91 3.80 -0.31
CA LEU A 151 13.53 2.56 0.37
C LEU A 151 12.02 2.48 0.52
N TYR A 152 11.45 1.33 0.15
CA TYR A 152 10.03 1.08 0.25
C TYR A 152 9.79 -0.02 1.27
N ALA A 153 8.88 0.24 2.22
CA ALA A 153 8.36 -0.79 3.11
C ALA A 153 6.93 -1.12 2.70
N VAL A 154 6.66 -2.41 2.45
CA VAL A 154 5.43 -2.86 1.78
C VAL A 154 4.77 -3.90 2.66
N GLY A 155 3.48 -3.69 2.97
CA GLY A 155 2.62 -4.63 3.69
C GLY A 155 2.98 -4.82 5.16
N GLY A 156 2.57 -5.96 5.70
CA GLY A 156 2.89 -6.34 7.07
C GLY A 156 1.68 -6.35 7.99
N PHE A 157 1.95 -6.31 9.29
CA PHE A 157 0.92 -6.33 10.33
C PHE A 157 1.29 -5.29 11.37
N ASP A 158 0.37 -4.38 11.69
CA ASP A 158 0.70 -3.25 12.55
C ASP A 158 0.49 -3.53 14.03
N GLY A 159 0.11 -4.76 14.39
CA GLY A 159 -0.23 -5.12 15.74
C GLY A 159 -1.71 -5.35 15.94
N THR A 160 -2.53 -4.83 15.03
CA THR A 160 -3.95 -5.11 14.99
C THR A 160 -4.44 -5.43 13.57
N ASN A 161 -3.95 -4.72 12.54
CA ASN A 161 -4.36 -4.92 11.14
C ASN A 161 -3.26 -5.52 10.27
N ARG A 162 -3.67 -6.35 9.33
CA ARG A 162 -2.86 -6.67 8.17
C ARG A 162 -2.95 -5.53 7.16
N LEU A 163 -1.82 -5.19 6.57
CA LEU A 163 -1.66 -3.94 5.84
C LEU A 163 -1.60 -4.20 4.34
N ASN A 164 -2.15 -3.27 3.57
CA ASN A 164 -1.82 -3.19 2.16
C ASN A 164 -1.12 -1.87 1.84
N SER A 165 -0.99 -0.98 2.81
CA SER A 165 -0.28 0.26 2.54
C SER A 165 1.20 -0.01 2.31
N ALA A 166 1.87 0.99 1.74
CA ALA A 166 3.30 0.96 1.54
C ALA A 166 3.79 2.38 1.67
N GLU A 167 4.88 2.54 2.39
CA GLU A 167 5.49 3.85 2.52
C GLU A 167 6.93 3.81 2.01
N CYS A 168 7.44 4.99 1.73
CA CYS A 168 8.69 5.16 1.02
C CYS A 168 9.52 6.19 1.77
N TYR A 169 10.81 5.91 1.91
CA TYR A 169 11.73 6.67 2.74
C TYR A 169 12.71 7.44 1.88
N TYR A 170 12.77 8.77 2.07
CA TYR A 170 13.68 9.65 1.35
C TYR A 170 14.87 9.93 2.24
N PRO A 171 15.96 9.18 2.13
CA PRO A 171 17.11 9.41 3.02
C PRO A 171 17.56 10.86 2.98
N GLU A 172 17.47 11.49 1.80
CA GLU A 172 17.83 12.90 1.66
C GLU A 172 17.22 13.75 2.78
N ARG A 173 15.89 13.70 2.92
CA ARG A 173 15.14 14.43 3.96
C ARG A 173 15.05 13.68 5.30
N ASN A 174 15.40 12.39 5.36
CA ASN A 174 15.15 11.52 6.51
C ASN A 174 13.70 11.63 6.98
N GLU A 175 12.79 11.25 6.08
CA GLU A 175 11.36 11.24 6.40
C GLU A 175 10.69 10.16 5.56
N TRP A 176 9.50 9.76 6.00
CA TRP A 176 8.73 8.70 5.35
C TRP A 176 7.43 9.28 4.80
N ARG A 177 7.04 8.82 3.61
CA ARG A 177 5.80 9.23 2.98
C ARG A 177 5.07 7.99 2.52
N MET A 178 3.74 8.04 2.52
CA MET A 178 2.98 6.89 2.10
C MET A 178 2.85 6.96 0.59
N ILE A 179 3.05 5.81 -0.06
CA ILE A 179 2.89 5.72 -1.51
C ILE A 179 1.60 4.96 -1.67
N THR A 180 1.15 4.82 -2.91
CA THR A 180 -0.11 4.15 -3.18
C THR A 180 -0.18 2.78 -2.54
N ALA A 181 -1.32 2.44 -1.97
CA ALA A 181 -1.52 1.11 -1.40
C ALA A 181 -1.63 0.05 -2.49
N MET A 182 -1.22 -1.18 -2.13
CA MET A 182 -1.42 -2.34 -2.99
C MET A 182 -2.90 -2.71 -3.06
N ASN A 183 -3.29 -3.30 -4.18
CA ASN A 183 -4.65 -3.77 -4.28
C ASN A 183 -4.90 -4.94 -3.34
N THR A 184 -3.86 -5.62 -2.89
CA THR A 184 -4.01 -6.73 -1.97
C THR A 184 -3.34 -6.44 -0.62
N ILE A 185 -3.93 -7.00 0.43
CA ILE A 185 -3.38 -6.99 1.77
C ILE A 185 -2.35 -8.11 1.81
N ARG A 186 -1.08 -7.76 2.02
CA ARG A 186 -0.01 -8.75 2.06
C ARG A 186 0.81 -8.52 3.31
N SER A 187 0.87 -9.54 4.16
CA SER A 187 1.88 -9.57 5.21
C SER A 187 2.67 -10.86 5.05
N GLY A 188 3.97 -10.77 5.28
CA GLY A 188 4.83 -11.87 4.90
C GLY A 188 5.05 -12.00 3.41
N ALA A 189 5.07 -10.90 2.67
CA ALA A 189 5.19 -11.06 1.23
C ALA A 189 6.67 -11.08 0.81
N GLY A 190 6.90 -11.39 -0.45
CA GLY A 190 8.21 -11.22 -1.06
C GLY A 190 8.26 -9.96 -1.87
N VAL A 191 9.16 -9.05 -1.52
CA VAL A 191 9.24 -7.74 -2.13
C VAL A 191 10.65 -7.56 -2.66
N CYS A 192 10.76 -7.22 -3.94
CA CYS A 192 12.02 -7.02 -4.63
C CYS A 192 11.82 -5.96 -5.72
N VAL A 193 12.94 -5.46 -6.25
CA VAL A 193 12.89 -4.49 -7.34
C VAL A 193 13.48 -5.11 -8.61
N LEU A 194 12.89 -4.78 -9.75
CA LEU A 194 13.31 -5.34 -11.02
C LEU A 194 12.82 -4.42 -12.13
N HIS A 195 13.75 -3.75 -12.81
CA HIS A 195 13.45 -2.87 -13.94
C HIS A 195 12.45 -1.78 -13.55
N ASN A 196 12.80 -1.00 -12.53
CA ASN A 196 11.94 0.12 -12.09
C ASN A 196 10.50 -0.31 -11.70
N CYS A 197 10.35 -1.56 -11.25
CA CYS A 197 9.13 -2.02 -10.60
C CYS A 197 9.45 -2.64 -9.23
N ILE A 198 8.63 -2.35 -8.24
CA ILE A 198 8.64 -3.13 -7.01
C ILE A 198 7.66 -4.28 -7.17
N TYR A 199 8.10 -5.50 -6.88
CA TYR A 199 7.23 -6.66 -6.98
C TYR A 199 6.93 -7.12 -5.57
N ALA A 200 5.64 -7.20 -5.26
CA ALA A 200 5.14 -7.84 -4.05
C ALA A 200 4.52 -9.15 -4.51
N ALA A 201 4.98 -10.27 -3.92
CA ALA A 201 4.57 -11.60 -4.34
C ALA A 201 4.21 -12.43 -3.12
N GLY A 202 3.04 -13.09 -3.20
CA GLY A 202 2.46 -13.90 -2.14
C GLY A 202 2.29 -13.15 -0.82
N GLY A 203 2.30 -13.90 0.24
CA GLY A 203 2.05 -13.40 1.56
C GLY A 203 0.68 -13.84 2.02
N TYR A 204 0.28 -13.27 3.14
CA TYR A 204 -0.97 -13.62 3.80
C TYR A 204 -1.85 -12.39 3.85
N ASP A 205 -3.10 -12.52 3.42
CA ASP A 205 -4.02 -11.38 3.49
C ASP A 205 -4.91 -11.42 4.72
N GLY A 206 -4.64 -12.30 5.68
CA GLY A 206 -5.51 -12.49 6.83
C GLY A 206 -6.48 -13.65 6.70
N GLN A 207 -6.75 -14.11 5.49
CA GLN A 207 -7.67 -15.22 5.25
C GLN A 207 -6.95 -16.47 4.76
N ASP A 208 -6.22 -16.37 3.64
CA ASP A 208 -5.47 -17.48 3.08
C ASP A 208 -4.15 -16.98 2.51
N GLN A 209 -3.18 -17.88 2.42
CA GLN A 209 -1.91 -17.53 1.80
C GLN A 209 -2.12 -17.28 0.32
N LEU A 210 -1.35 -16.33 -0.21
CA LEU A 210 -1.57 -15.76 -1.52
C LEU A 210 -0.63 -16.37 -2.56
N ASN A 211 -1.08 -16.37 -3.80
CA ASN A 211 -0.22 -16.72 -4.91
C ASN A 211 -0.18 -15.61 -5.98
N SER A 212 -0.83 -14.48 -5.72
CA SER A 212 -0.89 -13.41 -6.69
C SER A 212 0.33 -12.49 -6.54
N VAL A 213 0.66 -11.82 -7.64
CA VAL A 213 1.83 -10.97 -7.70
C VAL A 213 1.40 -9.66 -8.34
N GLU A 214 1.72 -8.55 -7.70
CA GLU A 214 1.43 -7.27 -8.27
C GLU A 214 2.68 -6.40 -8.21
N ARG A 215 2.81 -5.50 -9.17
CA ARG A 215 3.97 -4.61 -9.18
C ARG A 215 3.56 -3.15 -9.19
N TYR A 216 4.38 -2.38 -8.50
CA TYR A 216 4.26 -0.95 -8.40
C TYR A 216 5.21 -0.33 -9.40
N ASP A 217 4.66 0.22 -10.47
CA ASP A 217 5.45 0.89 -11.48
C ASP A 217 5.65 2.33 -11.03
N VAL A 218 6.91 2.72 -10.79
CA VAL A 218 7.10 4.00 -10.16
C VAL A 218 6.89 5.14 -11.16
N GLU A 219 6.90 4.85 -12.46
CA GLU A 219 6.51 5.82 -13.48
C GLU A 219 5.10 6.34 -13.17
N THR A 220 4.16 5.40 -12.98
CA THR A 220 2.73 5.59 -12.74
C THR A 220 2.36 5.66 -11.26
N GLU A 221 3.26 5.31 -10.35
CA GLU A 221 3.00 5.12 -8.90
C GLU A 221 1.64 4.48 -8.65
N THR A 222 1.37 3.43 -9.42
CA THR A 222 0.17 2.64 -9.27
C THR A 222 0.51 1.15 -9.39
N TRP A 223 -0.31 0.33 -8.73
CA TRP A 223 -0.09 -1.12 -8.61
C TRP A 223 -0.89 -1.87 -9.66
N THR A 224 -0.21 -2.73 -10.42
CA THR A 224 -0.77 -3.58 -11.45
C THR A 224 -0.74 -5.00 -10.95
N PHE A 225 -1.62 -5.85 -11.43
CA PHE A 225 -1.37 -7.28 -11.25
C PHE A 225 -0.54 -7.85 -12.41
N VAL A 226 0.17 -8.95 -12.11
CA VAL A 226 0.94 -9.75 -13.07
C VAL A 226 0.57 -11.22 -12.87
N ALA A 227 1.12 -12.09 -13.73
CA ALA A 227 0.90 -13.52 -13.58
C ALA A 227 1.07 -13.95 -12.12
N PRO A 228 0.27 -14.91 -11.64
CA PRO A 228 0.45 -15.41 -10.29
C PRO A 228 1.44 -16.57 -10.23
N MET A 229 1.94 -16.81 -9.03
CA MET A 229 2.80 -17.95 -8.81
C MET A 229 2.00 -19.22 -8.92
N LYS A 230 2.71 -20.33 -9.22
CA LYS A 230 2.03 -21.61 -9.26
C LYS A 230 1.64 -22.10 -7.87
N HIS A 231 2.32 -21.65 -6.82
CA HIS A 231 2.02 -22.13 -5.48
C HIS A 231 1.75 -20.95 -4.54
N ARG A 232 0.61 -20.97 -3.84
CA ARG A 232 0.44 -20.06 -2.71
C ARG A 232 1.68 -20.17 -1.86
N ARG A 233 2.11 -19.04 -1.28
CA ARG A 233 3.21 -19.09 -0.33
C ARG A 233 3.24 -17.78 0.43
N SER A 234 3.47 -17.92 1.73
CA SER A 234 3.64 -16.83 2.70
C SER A 234 5.07 -16.92 3.27
N ALA A 235 5.59 -15.80 3.75
CA ALA A 235 6.90 -15.78 4.39
C ALA A 235 7.93 -16.47 3.52
N LEU A 236 7.93 -16.12 2.23
CA LEU A 236 8.90 -16.64 1.29
C LEU A 236 10.16 -15.80 1.33
N GLY A 237 11.20 -16.29 0.65
CA GLY A 237 12.36 -15.49 0.34
C GLY A 237 12.29 -15.16 -1.14
N ILE A 238 12.76 -13.98 -1.50
CA ILE A 238 12.67 -13.56 -2.89
C ILE A 238 14.01 -12.90 -3.22
N THR A 239 14.42 -13.03 -4.48
CA THR A 239 15.53 -12.23 -4.97
C THR A 239 15.42 -12.08 -6.46
N VAL A 240 16.26 -11.22 -7.01
CA VAL A 240 16.37 -11.07 -8.45
C VAL A 240 17.77 -11.45 -8.88
N HIS A 241 17.85 -12.18 -9.98
CA HIS A 241 19.13 -12.67 -10.46
C HIS A 241 19.10 -12.74 -11.99
N GLN A 242 20.00 -11.98 -12.60
CA GLN A 242 20.09 -11.92 -14.05
C GLN A 242 18.73 -11.61 -14.68
N GLY A 243 18.09 -10.56 -14.14
CA GLY A 243 16.89 -10.00 -14.71
C GLY A 243 15.63 -10.83 -14.61
N ARG A 244 15.62 -11.87 -13.77
CA ARG A 244 14.43 -12.63 -13.44
C ARG A 244 14.26 -12.67 -11.93
N ILE A 245 12.99 -12.87 -11.46
CA ILE A 245 12.66 -12.96 -10.05
C ILE A 245 12.71 -14.41 -9.62
N TYR A 246 13.29 -14.66 -8.45
CA TYR A 246 13.32 -15.99 -7.83
C TYR A 246 12.57 -15.91 -6.51
N VAL A 247 11.70 -16.89 -6.26
CA VAL A 247 10.99 -17.02 -4.98
C VAL A 247 11.27 -18.39 -4.43
N LEU A 248 11.68 -18.45 -3.17
CA LEU A 248 12.21 -19.68 -2.61
C LEU A 248 11.39 -20.12 -1.42
N GLY A 249 10.86 -21.32 -1.50
CA GLY A 249 10.18 -21.90 -0.35
C GLY A 249 9.00 -21.05 0.09
N GLY A 250 8.84 -20.96 1.41
CA GLY A 250 7.69 -20.32 2.04
C GLY A 250 6.70 -21.34 2.56
N TYR A 251 5.61 -20.82 3.11
CA TYR A 251 4.51 -21.59 3.69
C TYR A 251 3.24 -21.41 2.87
N ASP A 252 2.49 -22.50 2.68
CA ASP A 252 1.24 -22.41 1.91
C ASP A 252 0.01 -22.55 2.80
N GLY A 253 0.20 -22.53 4.12
CA GLY A 253 -0.86 -22.79 5.07
C GLY A 253 -0.95 -24.22 5.50
N HIS A 254 -0.30 -25.13 4.77
CA HIS A 254 -0.41 -26.57 4.94
C HIS A 254 0.97 -27.15 5.18
N THR A 255 1.87 -26.99 4.20
CA THR A 255 3.19 -27.59 4.17
C THR A 255 4.25 -26.49 4.05
N PHE A 256 5.50 -26.82 4.41
CA PHE A 256 6.61 -25.89 4.22
C PHE A 256 7.21 -26.16 2.84
N LEU A 257 7.14 -25.16 1.98
CA LEU A 257 7.53 -25.33 0.59
C LEU A 257 9.03 -25.54 0.44
N ASP A 258 9.40 -26.39 -0.50
CA ASP A 258 10.77 -26.48 -0.98
C ASP A 258 10.91 -25.96 -2.40
N SER A 259 9.81 -25.54 -3.03
CA SER A 259 9.82 -25.20 -4.44
C SER A 259 10.43 -23.83 -4.67
N VAL A 260 11.13 -23.68 -5.79
CA VAL A 260 11.69 -22.39 -6.21
C VAL A 260 11.12 -22.03 -7.57
N GLU A 261 10.49 -20.88 -7.65
CA GLU A 261 9.83 -20.45 -8.88
C GLU A 261 10.56 -19.24 -9.42
N CYS A 262 10.59 -19.15 -10.75
CA CYS A 262 11.33 -18.11 -11.45
C CYS A 262 10.37 -17.40 -12.40
N TYR A 263 10.37 -16.07 -12.35
CA TYR A 263 9.43 -15.24 -13.08
C TYR A 263 10.16 -14.50 -14.18
N ASP A 264 9.72 -14.69 -15.41
CA ASP A 264 10.27 -13.97 -16.54
C ASP A 264 9.42 -12.75 -16.83
N PRO A 265 9.92 -11.54 -16.61
CA PRO A 265 9.13 -10.36 -16.94
C PRO A 265 8.80 -10.24 -18.42
N ASP A 266 9.67 -10.74 -19.30
CA ASP A 266 9.41 -10.63 -20.72
C ASP A 266 8.23 -11.49 -21.14
N THR A 267 8.20 -12.73 -20.71
CA THR A 267 7.13 -13.62 -21.10
C THR A 267 5.98 -13.63 -20.10
N ASP A 268 6.08 -12.84 -19.04
CA ASP A 268 5.09 -12.78 -17.96
C ASP A 268 4.61 -14.16 -17.52
N THR A 269 5.56 -15.05 -17.23
CA THR A 269 5.20 -16.40 -16.81
C THR A 269 6.13 -16.84 -15.67
N TRP A 270 5.64 -17.77 -14.85
CA TRP A 270 6.42 -18.39 -13.79
C TRP A 270 6.72 -19.83 -14.17
N SER A 271 7.91 -20.29 -13.84
CA SER A 271 8.26 -21.69 -13.99
C SER A 271 8.92 -22.11 -12.71
N GLU A 272 8.85 -23.38 -12.39
CA GLU A 272 9.56 -23.89 -11.23
C GLU A 272 10.94 -24.34 -11.69
N VAL A 273 11.98 -23.66 -11.22
CA VAL A 273 13.31 -23.91 -11.77
C VAL A 273 14.03 -24.99 -10.99
N THR A 274 13.70 -25.17 -9.71
CA THR A 274 14.35 -26.19 -8.91
C THR A 274 13.53 -26.41 -7.63
N ARG A 275 14.07 -27.26 -6.76
CA ARG A 275 13.59 -27.42 -5.39
C ARG A 275 14.80 -27.31 -4.49
N MET A 276 14.60 -26.72 -3.32
CA MET A 276 15.63 -26.72 -2.31
C MET A 276 15.82 -28.14 -1.78
N THR A 277 16.86 -28.30 -0.98
CA THR A 277 17.13 -29.60 -0.37
C THR A 277 16.10 -29.97 0.69
N SER A 278 15.56 -28.98 1.37
CA SER A 278 14.64 -29.18 2.48
C SER A 278 13.58 -28.09 2.39
N GLY A 279 12.31 -28.45 2.46
CA GLY A 279 11.28 -27.42 2.46
C GLY A 279 11.36 -26.58 3.74
N ARG A 280 11.28 -25.25 3.57
CA ARG A 280 11.36 -24.32 4.68
C ARG A 280 10.68 -23.00 4.34
N SER A 281 10.56 -22.14 5.34
CA SER A 281 9.94 -20.83 5.21
C SER A 281 10.68 -19.84 6.10
N GLY A 282 10.47 -18.56 5.86
CA GLY A 282 11.05 -17.55 6.73
C GLY A 282 12.55 -17.43 6.57
N VAL A 283 13.05 -17.59 5.36
CA VAL A 283 14.48 -17.60 5.08
C VAL A 283 14.90 -16.17 4.75
N GLY A 284 16.20 -15.91 4.80
CA GLY A 284 16.79 -14.69 4.25
C GLY A 284 17.46 -15.05 2.93
N VAL A 285 17.33 -14.17 1.94
CA VAL A 285 17.86 -14.43 0.62
C VAL A 285 18.62 -13.23 0.11
N ALA A 286 19.74 -13.50 -0.55
CA ALA A 286 20.51 -12.45 -1.18
C ALA A 286 21.35 -13.08 -2.29
N VAL A 287 21.70 -12.27 -3.27
CA VAL A 287 22.48 -12.76 -4.38
C VAL A 287 23.79 -11.98 -4.45
N THR A 288 24.91 -12.71 -4.33
CA THR A 288 26.23 -12.17 -4.63
C THR A 288 27.16 -13.20 -5.30
N GLY B 4 21.18 39.03 -38.31
CA GLY B 4 21.72 38.96 -36.95
C GLY B 4 21.51 37.65 -36.20
N ARG B 5 21.73 37.70 -34.88
CA ARG B 5 21.49 36.55 -34.02
C ARG B 5 20.09 36.63 -33.42
N LEU B 6 19.31 35.57 -33.59
CA LEU B 6 17.89 35.59 -33.27
C LEU B 6 17.55 34.73 -32.05
N ILE B 7 16.46 35.14 -31.39
CA ILE B 7 15.83 34.37 -30.32
C ILE B 7 15.00 33.25 -30.94
N TYR B 8 15.21 32.03 -30.48
CA TYR B 8 14.50 30.87 -31.01
C TYR B 8 13.55 30.33 -29.94
N THR B 9 12.32 30.01 -30.36
CA THR B 9 11.30 29.33 -29.55
C THR B 9 11.03 28.00 -30.23
N ALA B 10 11.05 26.92 -29.45
CA ALA B 10 10.84 25.58 -29.97
C ALA B 10 9.86 24.86 -29.08
N GLY B 11 8.89 24.16 -29.71
CA GLY B 11 7.75 23.53 -29.06
C GLY B 11 6.83 24.48 -28.30
N GLY B 12 6.12 23.90 -27.34
CA GLY B 12 5.20 24.60 -26.48
C GLY B 12 3.86 23.90 -26.42
N TYR B 13 2.88 24.56 -25.84
CA TYR B 13 1.57 23.95 -25.70
C TYR B 13 0.53 25.06 -25.81
N PHE B 14 -0.56 24.77 -26.56
CA PHE B 14 -1.79 25.56 -26.64
C PHE B 14 -2.92 24.62 -27.01
N ARG B 15 -3.43 23.89 -26.03
CA ARG B 15 -4.44 22.87 -26.25
C ARG B 15 -3.92 21.71 -27.09
N GLN B 16 -2.61 21.68 -27.38
CA GLN B 16 -1.91 20.54 -27.96
C GLN B 16 -0.41 20.82 -27.84
N SER B 17 0.39 19.77 -27.99
CA SER B 17 1.83 19.93 -27.92
C SER B 17 2.38 20.42 -29.26
N LEU B 18 2.94 21.63 -29.25
CA LEU B 18 3.33 22.34 -30.47
C LEU B 18 4.66 21.84 -31.02
N SER B 19 4.79 21.98 -32.33
CA SER B 19 5.98 21.62 -33.08
C SER B 19 6.64 22.86 -33.67
N TYR B 20 6.09 24.03 -33.37
CA TYR B 20 6.50 25.26 -34.02
C TYR B 20 7.92 25.66 -33.62
N LEU B 21 8.82 25.77 -34.61
CA LEU B 21 10.11 26.43 -34.42
C LEU B 21 10.06 27.80 -35.07
N GLU B 22 10.17 28.85 -34.25
CA GLU B 22 10.08 30.22 -34.70
C GLU B 22 11.30 30.98 -34.22
N ALA B 23 11.52 32.16 -34.81
CA ALA B 23 12.68 32.98 -34.50
C ALA B 23 12.31 34.45 -34.56
N TYR B 24 12.73 35.22 -33.55
CA TYR B 24 12.41 36.63 -33.44
C TYR B 24 13.69 37.46 -33.54
N ASN B 25 13.67 38.47 -34.42
CA ASN B 25 14.79 39.38 -34.60
C ASN B 25 14.51 40.71 -33.92
N PRO B 26 15.05 40.97 -32.72
CA PRO B 26 14.69 42.21 -32.02
C PRO B 26 15.16 43.46 -32.73
N SER B 27 16.09 43.34 -33.68
CA SER B 27 16.61 44.49 -34.41
C SER B 27 15.49 45.22 -35.16
N ASP B 28 14.58 44.47 -35.78
CA ASP B 28 13.49 45.06 -36.54
C ASP B 28 12.11 44.61 -36.08
N GLY B 29 12.00 43.66 -35.16
CA GLY B 29 10.71 43.16 -34.73
C GLY B 29 10.18 41.96 -35.50
N THR B 30 10.92 41.44 -36.47
CA THR B 30 10.45 40.37 -37.34
C THR B 30 10.38 39.02 -36.63
N TRP B 31 9.51 38.15 -37.13
CA TRP B 31 9.35 36.78 -36.68
C TRP B 31 9.51 35.84 -37.89
N LEU B 32 10.14 34.69 -37.67
CA LEU B 32 10.46 33.75 -38.73
C LEU B 32 9.90 32.38 -38.44
N ARG B 33 9.50 31.67 -39.47
CA ARG B 33 8.96 30.34 -39.31
C ARG B 33 9.99 29.36 -39.84
N LEU B 34 10.65 28.66 -38.92
CA LEU B 34 11.70 27.73 -39.26
C LEU B 34 11.15 26.32 -39.17
N ALA B 35 11.97 25.36 -39.60
CA ALA B 35 11.55 23.98 -39.76
C ALA B 35 10.85 23.46 -38.52
N ASP B 36 9.74 22.75 -38.73
CA ASP B 36 9.02 22.20 -37.60
C ASP B 36 9.86 21.15 -36.88
N LEU B 37 9.60 21.00 -35.58
CA LEU B 37 10.17 19.89 -34.83
C LEU B 37 9.64 18.58 -35.37
N GLN B 38 10.53 17.59 -35.53
CA GLN B 38 10.05 16.30 -36.02
C GLN B 38 8.87 15.79 -35.18
N VAL B 39 8.99 15.87 -33.86
CA VAL B 39 7.96 15.41 -32.93
C VAL B 39 7.49 16.62 -32.11
N PRO B 40 6.21 16.92 -32.06
CA PRO B 40 5.75 18.02 -31.19
C PRO B 40 6.16 17.79 -29.75
N ARG B 41 6.42 18.87 -29.01
CA ARG B 41 6.96 18.74 -27.67
C ARG B 41 6.57 19.93 -26.82
N SER B 42 6.75 19.78 -25.51
CA SER B 42 6.28 20.72 -24.52
C SER B 42 7.10 20.58 -23.25
N GLY B 43 7.22 21.66 -22.49
CA GLY B 43 8.03 21.62 -21.27
C GLY B 43 9.46 21.18 -21.50
N LEU B 44 10.08 21.64 -22.56
CA LEU B 44 11.41 21.21 -22.94
C LEU B 44 12.37 22.37 -22.76
N ALA B 45 13.65 22.09 -22.96
CA ALA B 45 14.67 23.13 -22.87
C ALA B 45 15.40 23.34 -24.20
N GLY B 46 15.86 24.56 -24.38
CA GLY B 46 16.63 24.92 -25.57
C GLY B 46 17.91 25.63 -25.20
N CYS B 47 19.00 25.21 -25.84
CA CYS B 47 20.32 25.77 -25.60
C CYS B 47 21.13 25.70 -26.89
N VAL B 48 22.12 26.60 -27.00
CA VAL B 48 23.04 26.66 -28.14
C VAL B 48 24.45 26.26 -27.71
N VAL B 49 25.07 25.43 -28.56
CA VAL B 49 26.42 24.95 -28.36
C VAL B 49 27.06 24.82 -29.73
N GLY B 50 27.91 25.78 -30.09
CA GLY B 50 28.61 25.75 -31.37
C GLY B 50 27.78 26.33 -32.48
N GLY B 51 26.96 27.34 -32.16
CA GLY B 51 26.02 27.87 -33.12
C GLY B 51 24.87 26.95 -33.47
N LEU B 52 24.87 25.70 -33.01
CA LEU B 52 23.74 24.79 -33.21
C LEU B 52 22.75 24.90 -32.05
N LEU B 53 21.45 24.79 -32.38
CA LEU B 53 20.38 24.88 -31.40
C LEU B 53 19.90 23.49 -30.99
N TYR B 54 19.82 23.26 -29.68
CA TYR B 54 19.44 21.97 -29.14
C TYR B 54 18.10 22.10 -28.42
N ALA B 55 17.21 21.13 -28.71
CA ALA B 55 15.91 20.97 -28.07
C ALA B 55 16.01 19.74 -27.19
N VAL B 56 15.78 19.91 -25.89
CA VAL B 56 16.07 18.87 -24.93
C VAL B 56 14.82 18.51 -24.12
N GLY B 57 14.44 17.23 -24.16
CA GLY B 57 13.43 16.70 -23.25
C GLY B 57 12.05 17.22 -23.58
N GLY B 58 11.21 17.25 -22.56
CA GLY B 58 9.81 17.65 -22.70
C GLY B 58 8.85 16.47 -22.67
N ARG B 59 7.66 16.68 -23.26
CA ARG B 59 6.56 15.72 -23.30
C ARG B 59 6.06 15.61 -24.74
N ASN B 60 6.10 14.39 -25.29
CA ASN B 60 5.71 14.11 -26.66
C ASN B 60 4.22 14.34 -26.91
N ASN B 61 3.83 14.22 -28.19
CA ASN B 61 2.45 14.08 -28.61
C ASN B 61 2.46 13.29 -29.92
N SER B 62 2.57 11.96 -29.77
CA SER B 62 2.61 11.00 -30.87
C SER B 62 1.19 10.47 -31.07
N PRO B 63 0.98 9.19 -31.44
CA PRO B 63 -0.40 8.65 -31.34
C PRO B 63 -0.95 8.76 -29.93
N ASP B 64 -0.09 8.52 -28.93
CA ASP B 64 -0.45 8.61 -27.51
C ASP B 64 -0.01 9.96 -26.93
N GLY B 65 -0.98 10.80 -26.59
CA GLY B 65 -0.79 12.23 -26.36
C GLY B 65 0.09 12.59 -25.18
N ASN B 66 0.68 11.60 -24.50
CA ASN B 66 1.65 11.90 -23.45
C ASN B 66 2.97 11.24 -23.81
N THR B 67 3.54 10.51 -22.84
CA THR B 67 4.93 10.08 -22.87
C THR B 67 5.87 11.28 -22.73
N ASP B 68 6.61 11.30 -21.62
CA ASP B 68 7.65 12.28 -21.44
C ASP B 68 8.84 11.94 -22.32
N SER B 69 9.59 12.97 -22.71
CA SER B 69 10.60 12.90 -23.76
C SER B 69 11.99 12.75 -23.19
N SER B 70 12.75 11.79 -23.71
CA SER B 70 14.18 11.72 -23.43
C SER B 70 15.01 12.18 -24.62
N ALA B 71 14.38 12.88 -25.57
CA ALA B 71 15.00 13.17 -26.85
C ALA B 71 15.89 14.39 -26.81
N LEU B 72 16.96 14.33 -27.59
CA LEU B 72 17.86 15.45 -27.83
C LEU B 72 17.95 15.63 -29.34
N ASP B 73 17.52 16.80 -29.81
CA ASP B 73 17.47 17.08 -31.24
C ASP B 73 18.24 18.35 -31.55
N CYS B 74 18.86 18.36 -32.73
CA CYS B 74 19.74 19.46 -33.11
C CYS B 74 19.18 20.19 -34.32
N TYR B 75 19.08 21.51 -34.20
CA TYR B 75 18.67 22.41 -35.29
C TYR B 75 19.87 23.25 -35.74
N ASN B 76 20.25 23.16 -37.02
CA ASN B 76 21.39 23.91 -37.58
C ASN B 76 20.92 25.03 -38.49
N PRO B 77 20.88 26.29 -38.04
CA PRO B 77 20.26 27.34 -38.87
C PRO B 77 20.82 27.51 -40.28
N MET B 78 22.09 27.12 -40.58
CA MET B 78 22.70 27.32 -41.90
C MET B 78 22.09 26.45 -42.98
N THR B 79 22.34 25.14 -42.91
CA THR B 79 21.41 24.23 -43.55
C THR B 79 20.01 24.38 -43.00
N ASN B 80 19.89 24.59 -41.71
CA ASN B 80 18.56 24.90 -41.22
C ASN B 80 17.99 23.47 -41.30
N GLN B 81 17.79 22.74 -40.19
CA GLN B 81 17.41 21.33 -40.27
C GLN B 81 17.59 20.61 -38.93
N TRP B 82 16.59 19.82 -38.60
CA TRP B 82 16.53 19.08 -37.36
C TRP B 82 17.16 17.70 -37.57
N SER B 83 18.15 17.39 -36.74
CA SER B 83 18.74 16.07 -36.73
C SER B 83 18.66 15.46 -35.34
N PRO B 84 18.36 14.16 -35.24
CA PRO B 84 18.22 13.52 -33.93
C PRO B 84 19.58 13.13 -33.38
N CYS B 85 19.84 13.53 -32.14
CA CYS B 85 21.06 13.12 -31.47
C CYS B 85 20.78 11.90 -30.57
N ALA B 86 21.77 11.54 -29.76
CA ALA B 86 21.63 10.45 -28.80
C ALA B 86 20.66 10.84 -27.68
N PRO B 87 19.80 9.92 -27.24
CA PRO B 87 18.78 10.27 -26.26
C PRO B 87 19.34 10.24 -24.85
N MET B 88 18.66 10.94 -23.94
CA MET B 88 19.10 10.94 -22.56
C MET B 88 18.79 9.60 -21.90
N SER B 89 19.45 9.34 -20.77
CA SER B 89 19.30 8.04 -20.09
C SER B 89 17.85 7.79 -19.70
N VAL B 90 17.16 8.85 -19.29
CA VAL B 90 15.82 8.77 -18.75
C VAL B 90 14.99 9.92 -19.33
N PRO B 91 13.70 9.71 -19.58
CA PRO B 91 12.84 10.82 -20.02
C PRO B 91 12.87 11.92 -19.00
N ARG B 92 13.05 13.15 -19.46
CA ARG B 92 13.08 14.27 -18.52
C ARG B 92 12.12 15.32 -19.03
N ASN B 93 11.01 15.49 -18.35
CA ASN B 93 10.02 16.50 -18.68
C ASN B 93 10.04 17.60 -17.62
N ARG B 94 9.72 18.81 -18.03
CA ARG B 94 9.84 19.98 -17.16
C ARG B 94 11.27 20.16 -16.69
N ILE B 95 12.19 20.08 -17.68
CA ILE B 95 13.63 20.00 -17.49
C ILE B 95 14.23 21.40 -17.41
N GLY B 96 15.44 21.48 -16.87
CA GLY B 96 16.27 22.66 -17.00
C GLY B 96 17.62 22.28 -17.56
N VAL B 97 18.14 23.10 -18.47
CA VAL B 97 19.46 22.82 -19.00
C VAL B 97 20.32 24.08 -18.98
N GLY B 98 21.62 23.85 -18.82
CA GLY B 98 22.63 24.87 -19.01
C GLY B 98 23.83 24.28 -19.70
N VAL B 99 24.60 25.13 -20.38
CA VAL B 99 25.81 24.68 -21.06
C VAL B 99 27.03 25.21 -20.32
N ILE B 100 28.01 24.34 -20.13
CA ILE B 100 29.29 24.71 -19.52
C ILE B 100 30.40 24.26 -20.44
N ASP B 101 31.14 25.23 -21.00
CA ASP B 101 32.33 24.98 -21.78
C ASP B 101 32.04 23.85 -22.80
N GLY B 102 31.00 24.13 -23.60
CA GLY B 102 30.63 23.35 -24.76
C GLY B 102 29.95 22.03 -24.49
N HIS B 103 29.50 21.80 -23.26
CA HIS B 103 28.78 20.60 -22.86
C HIS B 103 27.39 20.99 -22.38
N ILE B 104 26.40 20.13 -22.67
CA ILE B 104 25.01 20.39 -22.31
C ILE B 104 24.65 19.55 -21.09
N TYR B 105 24.21 20.23 -20.02
CA TYR B 105 23.75 19.60 -18.79
C TYR B 105 22.23 19.54 -18.80
N ALA B 106 21.67 18.34 -18.71
CA ALA B 106 20.23 18.15 -18.51
C ALA B 106 19.97 17.95 -17.03
N VAL B 107 19.22 18.88 -16.43
CA VAL B 107 19.10 18.98 -14.98
C VAL B 107 17.70 18.59 -14.54
N GLY B 108 17.60 17.57 -13.71
CA GLY B 108 16.33 17.26 -13.06
C GLY B 108 15.32 16.75 -14.05
N GLY B 109 14.08 17.23 -13.90
CA GLY B 109 12.99 16.84 -14.76
C GLY B 109 12.21 15.64 -14.23
N SER B 110 11.10 15.34 -14.89
CA SER B 110 10.22 14.25 -14.47
C SER B 110 10.12 13.16 -15.55
N HIS B 111 9.73 11.97 -15.10
CA HIS B 111 9.41 10.85 -15.96
C HIS B 111 8.13 10.25 -15.38
N GLY B 112 7.00 10.62 -15.95
CA GLY B 112 5.78 10.26 -15.28
C GLY B 112 5.84 10.78 -13.86
N CYS B 113 5.77 9.85 -12.91
CA CYS B 113 5.60 10.21 -11.50
C CYS B 113 6.95 10.32 -10.80
N ILE B 114 8.00 9.82 -11.46
CA ILE B 114 9.42 10.00 -11.12
C ILE B 114 9.82 11.48 -11.21
N HIS B 115 10.29 12.05 -10.10
CA HIS B 115 10.92 13.38 -10.06
C HIS B 115 12.44 13.24 -9.86
N HIS B 116 13.19 13.50 -10.94
CA HIS B 116 14.62 13.28 -10.95
C HIS B 116 15.36 14.27 -10.07
N ASN B 117 16.35 13.78 -9.32
CA ASN B 117 17.48 14.63 -8.97
C ASN B 117 18.71 14.35 -9.83
N SER B 118 18.61 13.38 -10.73
CA SER B 118 19.74 13.02 -11.56
C SER B 118 20.06 14.12 -12.55
N VAL B 119 21.32 14.14 -12.99
CA VAL B 119 21.77 15.06 -14.03
C VAL B 119 22.62 14.24 -15.00
N GLU B 120 22.60 14.64 -16.27
CA GLU B 120 23.51 14.03 -17.23
C GLU B 120 24.07 15.12 -18.13
N ARG B 121 25.27 14.83 -18.67
CA ARG B 121 26.08 15.72 -19.49
C ARG B 121 26.12 15.16 -20.90
N TYR B 122 26.09 16.08 -21.87
CA TYR B 122 26.14 15.74 -23.30
C TYR B 122 27.43 16.30 -23.91
N GLU B 123 28.23 15.41 -24.51
CA GLU B 123 29.38 15.83 -25.30
C GLU B 123 28.97 15.88 -26.77
N PRO B 124 28.67 17.06 -27.33
CA PRO B 124 28.27 17.11 -28.74
C PRO B 124 29.24 16.39 -29.66
N GLU B 125 30.54 16.66 -29.50
CA GLU B 125 31.60 16.10 -30.34
C GLU B 125 31.49 14.58 -30.49
N ARG B 126 31.28 13.87 -29.39
CA ARG B 126 31.18 12.42 -29.45
C ARG B 126 29.73 11.90 -29.41
N ASP B 127 28.72 12.78 -29.28
CA ASP B 127 27.29 12.39 -29.30
C ASP B 127 26.99 11.35 -28.22
N GLU B 128 27.30 11.71 -26.98
CA GLU B 128 27.22 10.79 -25.86
C GLU B 128 26.70 11.54 -24.64
N TRP B 129 25.83 10.88 -23.88
CA TRP B 129 25.32 11.37 -22.62
C TRP B 129 25.99 10.61 -21.48
N HIS B 130 26.47 11.34 -20.44
CA HIS B 130 27.03 10.71 -19.25
C HIS B 130 26.47 11.36 -17.98
N LEU B 131 26.14 10.50 -17.01
CA LEU B 131 25.59 10.96 -15.74
C LEU B 131 26.65 11.64 -14.91
N VAL B 132 26.22 12.63 -14.16
CA VAL B 132 27.11 13.28 -13.20
C VAL B 132 26.45 13.24 -11.82
N ALA B 133 27.05 13.93 -10.88
CA ALA B 133 26.58 13.91 -9.50
C ALA B 133 25.16 14.45 -9.41
N PRO B 134 24.22 13.70 -8.82
CA PRO B 134 22.85 14.19 -8.69
C PRO B 134 22.74 15.30 -7.66
N MET B 135 21.74 16.15 -7.88
CA MET B 135 21.48 17.27 -7.01
C MET B 135 21.05 16.80 -5.63
N LEU B 136 21.05 17.76 -4.70
CA LEU B 136 20.68 17.48 -3.32
C LEU B 136 19.20 17.16 -3.21
N THR B 137 18.34 17.93 -3.88
CA THR B 137 16.90 17.71 -3.87
C THR B 137 16.41 17.37 -5.27
N ARG B 138 15.34 16.56 -5.35
CA ARG B 138 14.72 16.30 -6.65
C ARG B 138 13.99 17.56 -7.10
N ARG B 139 14.10 17.91 -8.38
CA ARG B 139 13.51 19.16 -8.87
C ARG B 139 12.97 18.92 -10.27
N ILE B 140 11.72 19.29 -10.48
CA ILE B 140 11.15 19.30 -11.81
C ILE B 140 10.51 20.66 -12.02
N GLY B 141 10.43 21.08 -13.30
CA GLY B 141 10.12 22.46 -13.61
C GLY B 141 11.12 23.37 -12.96
N VAL B 142 12.36 23.12 -13.24
CA VAL B 142 13.46 23.77 -12.56
C VAL B 142 14.12 24.74 -13.52
N GLY B 143 14.60 25.87 -12.97
CA GLY B 143 15.39 26.83 -13.70
C GLY B 143 16.88 26.59 -13.48
N VAL B 144 17.60 26.52 -14.58
CA VAL B 144 19.05 26.32 -14.58
C VAL B 144 19.72 27.63 -14.98
N ALA B 145 20.70 28.07 -14.19
CA ALA B 145 21.56 29.20 -14.57
C ALA B 145 23.03 28.79 -14.51
N VAL B 146 23.80 29.14 -15.52
CA VAL B 146 25.24 28.85 -15.58
C VAL B 146 26.03 30.14 -15.33
N LEU B 147 26.82 30.17 -14.28
CA LEU B 147 27.57 31.40 -14.00
C LEU B 147 28.93 31.06 -13.40
N ASN B 148 29.99 31.70 -13.91
CA ASN B 148 31.32 31.48 -13.33
C ASN B 148 31.73 30.00 -13.47
N ARG B 149 31.36 29.36 -14.56
CA ARG B 149 31.65 27.93 -14.72
C ARG B 149 31.04 27.11 -13.60
N LEU B 150 30.04 27.67 -12.93
CA LEU B 150 29.17 26.95 -12.01
C LEU B 150 27.75 26.85 -12.55
N LEU B 151 27.07 25.75 -12.25
CA LEU B 151 25.69 25.55 -12.66
C LEU B 151 24.76 25.75 -11.47
N TYR B 152 23.73 26.57 -11.64
CA TYR B 152 22.80 26.85 -10.56
C TYR B 152 21.42 26.32 -10.96
N ALA B 153 20.83 25.50 -10.07
CA ALA B 153 19.51 24.88 -10.26
C ALA B 153 18.55 25.48 -9.24
N VAL B 154 17.51 26.16 -9.72
CA VAL B 154 16.67 27.05 -8.90
C VAL B 154 15.25 26.52 -8.82
N GLY B 155 14.72 26.42 -7.59
CA GLY B 155 13.33 26.06 -7.36
C GLY B 155 12.89 24.74 -7.99
N GLY B 156 11.63 24.72 -8.44
CA GLY B 156 10.97 23.54 -9.01
C GLY B 156 10.02 22.86 -8.03
N PHE B 157 9.72 21.60 -8.34
CA PHE B 157 8.84 20.77 -7.52
C PHE B 157 9.46 19.39 -7.31
N ASP B 158 9.55 18.94 -6.04
CA ASP B 158 10.29 17.72 -5.68
C ASP B 158 9.42 16.46 -5.66
N GLY B 159 8.18 16.52 -6.15
CA GLY B 159 7.25 15.42 -6.09
C GLY B 159 6.26 15.49 -4.95
N THR B 160 6.57 16.28 -3.90
CA THR B 160 5.70 16.52 -2.75
C THR B 160 5.82 17.93 -2.18
N ASN B 161 6.86 18.69 -2.44
CA ASN B 161 6.95 20.08 -2.01
C ASN B 161 7.40 20.97 -3.17
N ARG B 162 6.74 22.11 -3.34
CA ARG B 162 7.32 23.16 -4.16
C ARG B 162 8.45 23.81 -3.39
N LEU B 163 9.49 24.24 -4.12
CA LEU B 163 10.75 24.62 -3.52
C LEU B 163 11.12 26.07 -3.84
N ASN B 164 11.48 26.81 -2.80
CA ASN B 164 12.19 28.07 -2.90
C ASN B 164 13.71 27.91 -2.91
N SER B 165 14.22 26.69 -2.71
CA SER B 165 15.65 26.48 -2.52
C SER B 165 16.38 26.48 -3.85
N ALA B 166 17.71 26.60 -3.75
CA ALA B 166 18.60 26.46 -4.90
C ALA B 166 19.91 25.79 -4.49
N GLU B 167 20.54 25.17 -5.45
CA GLU B 167 21.84 24.58 -5.22
C GLU B 167 22.74 24.91 -6.40
N CYS B 168 24.02 24.65 -6.20
CA CYS B 168 25.06 25.07 -7.11
C CYS B 168 25.90 23.85 -7.43
N TYR B 169 26.30 23.74 -8.69
CA TYR B 169 27.05 22.59 -9.16
C TYR B 169 28.49 22.99 -9.44
N TYR B 170 29.39 22.26 -8.82
CA TYR B 170 30.80 22.47 -9.06
C TYR B 170 31.25 21.41 -10.04
N PRO B 171 31.41 21.74 -11.33
CA PRO B 171 31.75 20.70 -12.31
C PRO B 171 33.12 20.13 -12.10
N GLU B 172 34.09 20.91 -11.60
CA GLU B 172 35.43 20.36 -11.44
C GLU B 172 35.49 19.41 -10.25
N ARG B 173 34.91 19.82 -9.13
CA ARG B 173 34.75 18.94 -7.97
C ARG B 173 33.69 17.86 -8.17
N ASN B 174 32.77 18.05 -9.13
CA ASN B 174 31.59 17.19 -9.38
C ASN B 174 30.74 16.98 -8.12
N GLU B 175 30.19 18.09 -7.62
CA GLU B 175 29.42 18.03 -6.40
C GLU B 175 28.49 19.24 -6.33
N TRP B 176 27.42 19.09 -5.54
CA TRP B 176 26.37 20.08 -5.40
C TRP B 176 26.38 20.65 -3.99
N ARG B 177 26.18 21.97 -3.87
CA ARG B 177 26.03 22.61 -2.57
C ARG B 177 24.80 23.52 -2.58
N MET B 178 23.89 23.29 -1.63
CA MET B 178 22.75 24.19 -1.47
C MET B 178 23.25 25.62 -1.22
N ILE B 179 22.47 26.58 -1.72
CA ILE B 179 22.73 28.00 -1.54
C ILE B 179 21.51 28.61 -0.85
N THR B 180 21.64 29.88 -0.48
CA THR B 180 20.57 30.55 0.26
C THR B 180 19.28 30.59 -0.57
N ALA B 181 18.13 30.31 0.08
CA ALA B 181 16.89 30.06 -0.65
C ALA B 181 16.19 31.34 -1.10
N MET B 182 15.44 31.22 -2.19
CA MET B 182 14.70 32.34 -2.76
C MET B 182 13.67 32.88 -1.76
N ASN B 183 13.28 34.14 -1.98
CA ASN B 183 12.24 34.73 -1.13
C ASN B 183 10.93 33.99 -1.29
N THR B 184 10.57 33.65 -2.53
CA THR B 184 9.26 33.08 -2.83
C THR B 184 9.41 31.79 -3.65
N ILE B 185 8.95 30.67 -3.08
CA ILE B 185 8.59 29.40 -3.75
C ILE B 185 8.23 29.62 -5.22
N ARG B 186 9.03 29.07 -6.15
CA ARG B 186 8.76 29.13 -7.58
C ARG B 186 8.97 27.78 -8.22
N SER B 187 8.00 27.30 -8.97
CA SER B 187 8.25 26.23 -9.91
C SER B 187 7.81 26.69 -11.28
N GLY B 188 8.42 26.14 -12.32
CA GLY B 188 8.10 26.63 -13.64
C GLY B 188 8.45 28.09 -13.85
N ALA B 189 9.29 28.66 -12.99
CA ALA B 189 9.80 30.00 -13.23
C ALA B 189 10.70 30.02 -14.47
N GLY B 190 11.15 31.21 -14.83
CA GLY B 190 12.19 31.38 -15.84
C GLY B 190 13.46 31.88 -15.19
N VAL B 191 14.56 31.16 -15.45
CA VAL B 191 15.82 31.44 -14.79
C VAL B 191 16.91 31.67 -15.84
N CYS B 192 17.60 32.79 -15.73
CA CYS B 192 18.71 33.12 -16.61
C CYS B 192 19.72 33.95 -15.82
N VAL B 193 20.84 34.25 -16.45
CA VAL B 193 21.93 34.96 -15.79
C VAL B 193 22.25 36.22 -16.58
N LEU B 194 22.33 37.35 -15.88
CA LEU B 194 22.58 38.62 -16.52
C LEU B 194 23.40 39.50 -15.59
N HIS B 195 24.50 40.03 -16.11
CA HIS B 195 25.47 40.85 -15.38
C HIS B 195 25.79 40.26 -14.01
N ASN B 196 26.32 39.04 -14.04
CA ASN B 196 26.81 38.36 -12.86
C ASN B 196 25.72 38.17 -11.79
N CYS B 197 24.49 37.97 -12.26
CA CYS B 197 23.32 37.78 -11.40
C CYS B 197 22.41 36.73 -12.03
N ILE B 198 21.90 35.83 -11.19
CA ILE B 198 20.92 34.82 -11.60
C ILE B 198 19.53 35.37 -11.34
N TYR B 199 18.78 35.55 -12.41
CA TYR B 199 17.41 36.04 -12.32
C TYR B 199 16.45 34.86 -12.29
N ALA B 200 15.53 34.90 -11.32
CA ALA B 200 14.40 33.97 -11.23
C ALA B 200 13.14 34.79 -11.40
N ALA B 201 12.45 34.62 -12.53
CA ALA B 201 11.28 35.41 -12.84
C ALA B 201 10.11 34.49 -13.14
N GLY B 202 8.98 34.71 -12.46
CA GLY B 202 7.75 34.01 -12.78
C GLY B 202 7.56 32.72 -12.01
N GLY B 203 6.61 31.92 -12.50
CA GLY B 203 6.32 30.60 -11.98
C GLY B 203 5.05 30.49 -11.15
N TYR B 204 5.00 29.43 -10.34
CA TYR B 204 3.86 29.03 -9.54
C TYR B 204 4.33 28.87 -8.10
N ASP B 205 3.74 29.65 -7.18
CA ASP B 205 4.09 29.62 -5.76
C ASP B 205 3.34 28.56 -4.97
N GLY B 206 2.57 27.70 -5.65
CA GLY B 206 1.74 26.69 -5.02
C GLY B 206 0.25 27.00 -5.06
N GLN B 207 -0.10 28.25 -5.35
CA GLN B 207 -1.47 28.70 -5.33
C GLN B 207 -1.77 29.47 -6.59
N ASP B 208 -0.98 30.54 -6.84
CA ASP B 208 -1.17 31.42 -7.97
C ASP B 208 0.10 31.50 -8.79
N GLN B 209 -0.05 31.74 -10.09
CA GLN B 209 1.10 32.09 -10.91
C GLN B 209 1.69 33.40 -10.43
N LEU B 210 2.95 33.62 -10.79
CA LEU B 210 3.71 34.74 -10.29
C LEU B 210 4.04 35.69 -11.43
N ASN B 211 4.28 36.94 -11.05
CA ASN B 211 4.82 37.94 -11.95
C ASN B 211 6.03 38.63 -11.33
N SER B 212 6.29 38.42 -10.03
CA SER B 212 7.44 38.99 -9.36
C SER B 212 8.72 38.35 -9.88
N VAL B 213 9.84 38.97 -9.55
CA VAL B 213 11.12 38.50 -10.07
C VAL B 213 12.21 38.83 -9.07
N GLU B 214 13.01 37.83 -8.70
CA GLU B 214 14.14 38.05 -7.81
C GLU B 214 15.43 37.60 -8.46
N ARG B 215 16.49 38.36 -8.23
CA ARG B 215 17.79 38.01 -8.77
C ARG B 215 18.74 37.65 -7.65
N TYR B 216 19.59 36.69 -7.93
CA TYR B 216 20.65 36.28 -7.03
C TYR B 216 21.94 37.00 -7.40
N ASP B 217 22.55 37.65 -6.44
CA ASP B 217 23.82 38.32 -6.65
C ASP B 217 24.85 37.52 -5.85
N VAL B 218 25.73 36.80 -6.55
CA VAL B 218 26.56 35.82 -5.86
C VAL B 218 27.53 36.50 -4.92
N GLU B 219 28.01 37.70 -5.29
CA GLU B 219 28.89 38.48 -4.44
C GLU B 219 28.29 38.66 -3.05
N THR B 220 27.02 39.07 -2.99
CA THR B 220 26.23 39.20 -1.77
C THR B 220 25.69 37.87 -1.27
N GLU B 221 25.60 36.86 -2.13
CA GLU B 221 24.88 35.61 -1.89
C GLU B 221 23.56 35.93 -1.16
N THR B 222 22.78 36.80 -1.82
CA THR B 222 21.46 37.20 -1.39
C THR B 222 20.53 37.32 -2.58
N TRP B 223 19.28 36.93 -2.32
CA TRP B 223 18.16 37.09 -3.23
C TRP B 223 17.45 38.39 -2.91
N THR B 224 17.19 39.16 -3.95
CA THR B 224 16.58 40.47 -3.79
C THR B 224 15.68 40.77 -4.98
N PHE B 225 14.49 41.33 -4.69
CA PHE B 225 13.47 41.54 -5.70
C PHE B 225 13.81 42.71 -6.63
N VAL B 226 13.07 42.80 -7.72
CA VAL B 226 13.25 43.84 -8.74
C VAL B 226 11.88 44.24 -9.28
N ALA B 227 11.87 44.90 -10.45
CA ALA B 227 10.61 45.34 -11.03
C ALA B 227 9.85 44.14 -11.59
N PRO B 228 8.61 43.88 -11.13
CA PRO B 228 7.90 42.67 -11.57
C PRO B 228 7.50 42.75 -13.04
N MET B 229 7.12 41.61 -13.58
CA MET B 229 6.61 41.60 -14.94
C MET B 229 5.18 42.16 -14.95
N LYS B 230 4.75 42.62 -16.12
CA LYS B 230 3.40 43.17 -16.19
C LYS B 230 2.34 42.09 -15.97
N HIS B 231 2.60 40.85 -16.38
CA HIS B 231 1.59 39.79 -16.24
C HIS B 231 2.21 38.55 -15.61
N ARG B 232 1.50 38.01 -14.60
CA ARG B 232 1.81 36.70 -14.03
C ARG B 232 2.05 35.69 -15.14
N ARG B 233 3.01 34.79 -14.92
CA ARG B 233 3.15 33.66 -15.84
C ARG B 233 4.02 32.57 -15.21
N SER B 234 3.95 31.41 -15.85
CA SER B 234 4.60 30.21 -15.37
C SER B 234 4.80 29.36 -16.61
N ALA B 235 5.78 28.48 -16.58
CA ALA B 235 6.12 27.68 -17.77
C ALA B 235 6.44 28.60 -18.95
N LEU B 236 7.25 29.62 -18.65
CA LEU B 236 7.60 30.68 -19.58
C LEU B 236 8.98 30.44 -20.18
N GLY B 237 9.11 30.70 -21.48
CA GLY B 237 10.43 30.84 -22.07
C GLY B 237 11.14 32.10 -21.57
N ILE B 238 12.46 32.00 -21.40
CA ILE B 238 13.31 33.11 -21.00
C ILE B 238 14.63 32.98 -21.72
N THR B 239 15.27 34.13 -21.95
CA THR B 239 16.61 34.24 -22.50
C THR B 239 17.06 35.67 -22.23
N VAL B 240 18.31 35.94 -22.55
CA VAL B 240 18.82 37.30 -22.43
C VAL B 240 19.51 37.64 -23.74
N HIS B 241 19.39 38.91 -24.14
CA HIS B 241 19.81 39.35 -25.47
C HIS B 241 20.34 40.76 -25.35
N GLN B 242 21.65 40.90 -25.55
CA GLN B 242 22.34 42.18 -25.50
C GLN B 242 21.88 43.03 -24.31
N GLY B 243 22.10 42.48 -23.12
CA GLY B 243 21.90 43.22 -21.89
C GLY B 243 20.48 43.25 -21.37
N ARG B 244 19.54 42.57 -22.04
CA ARG B 244 18.14 42.59 -21.66
C ARG B 244 17.56 41.18 -21.74
N ILE B 245 16.67 40.88 -20.79
CA ILE B 245 16.01 39.57 -20.65
C ILE B 245 14.67 39.60 -21.37
N TYR B 246 14.38 38.57 -22.16
CA TYR B 246 13.12 38.39 -22.86
C TYR B 246 12.37 37.22 -22.23
N VAL B 247 11.10 37.46 -21.82
CA VAL B 247 10.18 36.39 -21.42
C VAL B 247 9.23 36.13 -22.59
N LEU B 248 8.89 34.87 -22.79
CA LEU B 248 8.10 34.48 -23.95
C LEU B 248 7.00 33.54 -23.50
N GLY B 249 5.74 33.98 -23.69
CA GLY B 249 4.60 33.13 -23.42
C GLY B 249 4.42 32.81 -21.94
N GLY B 250 3.91 31.61 -21.68
CA GLY B 250 3.65 31.13 -20.35
C GLY B 250 2.17 30.85 -20.16
N TYR B 251 1.76 30.79 -18.88
CA TYR B 251 0.41 30.46 -18.48
C TYR B 251 0.04 31.26 -17.25
N ASP B 252 -0.91 32.20 -17.39
CA ASP B 252 -1.30 33.11 -16.31
C ASP B 252 -2.24 32.46 -15.29
N GLY B 253 -2.65 31.22 -15.53
CA GLY B 253 -3.60 30.52 -14.68
C GLY B 253 -4.94 30.23 -15.32
N HIS B 254 -5.30 30.98 -16.39
CA HIS B 254 -6.51 30.87 -17.22
C HIS B 254 -6.17 30.80 -18.70
N THR B 255 -5.26 31.65 -19.19
CA THR B 255 -4.96 31.80 -20.61
C THR B 255 -3.49 31.49 -20.93
N PHE B 256 -3.25 30.98 -22.14
CA PHE B 256 -1.89 30.73 -22.66
C PHE B 256 -1.35 32.02 -23.30
N LEU B 257 -0.58 32.80 -22.54
CA LEU B 257 -0.02 34.05 -23.07
C LEU B 257 0.64 33.86 -24.44
N ASP B 258 0.53 34.89 -25.27
CA ASP B 258 1.40 35.08 -26.43
C ASP B 258 2.27 36.30 -26.23
N SER B 259 2.12 36.99 -25.10
CA SER B 259 2.88 38.17 -24.77
C SER B 259 4.38 37.88 -24.69
N VAL B 260 5.17 38.94 -24.86
CA VAL B 260 6.63 38.93 -24.75
C VAL B 260 7.05 40.21 -24.06
N GLU B 261 7.82 40.08 -23.00
CA GLU B 261 8.33 41.26 -22.30
C GLU B 261 9.86 41.29 -22.29
N CYS B 262 10.39 42.49 -22.06
CA CYS B 262 11.82 42.79 -22.15
C CYS B 262 12.23 43.66 -20.96
N TYR B 263 13.20 43.16 -20.19
CA TYR B 263 13.67 43.83 -18.98
C TYR B 263 14.99 44.55 -19.24
N ASP B 264 15.01 45.85 -18.93
CA ASP B 264 16.25 46.61 -18.92
C ASP B 264 16.73 46.78 -17.50
N PRO B 265 17.92 46.27 -17.16
CA PRO B 265 18.35 46.31 -15.74
C PRO B 265 18.64 47.71 -15.24
N ASP B 266 19.30 48.55 -16.04
CA ASP B 266 19.57 49.93 -15.66
C ASP B 266 18.26 50.68 -15.36
N THR B 267 17.32 50.62 -16.30
CA THR B 267 16.01 51.24 -16.09
C THR B 267 15.23 50.57 -14.95
N ASP B 268 15.41 49.25 -14.73
CA ASP B 268 14.58 48.47 -13.79
C ASP B 268 13.10 48.53 -14.19
N THR B 269 12.85 48.28 -15.48
CA THR B 269 11.52 48.38 -16.09
C THR B 269 11.32 47.24 -17.09
N TRP B 270 10.13 46.67 -17.03
CA TRP B 270 9.68 45.70 -18.02
C TRP B 270 8.80 46.40 -19.05
N SER B 271 8.94 46.01 -20.32
CA SER B 271 8.11 46.51 -21.40
C SER B 271 7.80 45.40 -22.39
N GLU B 272 6.72 45.58 -23.14
CA GLU B 272 6.28 44.60 -24.13
C GLU B 272 6.77 45.00 -25.51
N VAL B 273 7.51 44.10 -26.16
CA VAL B 273 8.13 44.40 -27.45
C VAL B 273 7.54 43.57 -28.59
N THR B 274 6.80 42.49 -28.31
CA THR B 274 6.12 41.77 -29.37
C THR B 274 5.12 40.81 -28.72
N ARG B 275 4.31 40.20 -29.57
CA ARG B 275 3.51 39.04 -29.23
C ARG B 275 3.92 37.96 -30.22
N MET B 276 4.00 36.72 -29.76
CA MET B 276 4.31 35.69 -30.73
C MET B 276 3.09 35.36 -31.57
N THR B 277 3.35 34.70 -32.70
CA THR B 277 2.29 34.44 -33.67
C THR B 277 1.04 33.88 -32.98
N SER B 278 1.21 32.90 -32.09
CA SER B 278 0.11 32.34 -31.32
C SER B 278 0.52 32.24 -29.86
N GLY B 279 -0.47 32.26 -28.98
CA GLY B 279 -0.21 31.98 -27.58
C GLY B 279 0.29 30.56 -27.39
N ARG B 280 1.14 30.39 -26.38
CA ARG B 280 1.75 29.10 -26.09
C ARG B 280 2.50 29.20 -24.76
N SER B 281 2.77 28.03 -24.16
CA SER B 281 3.56 27.97 -22.94
C SER B 281 4.43 26.72 -23.00
N GLY B 282 5.42 26.67 -22.08
CA GLY B 282 6.29 25.52 -21.93
C GLY B 282 7.26 25.32 -23.07
N VAL B 283 7.91 26.41 -23.49
CA VAL B 283 8.72 26.46 -24.71
C VAL B 283 10.19 26.51 -24.32
N GLY B 284 11.04 26.01 -25.22
CA GLY B 284 12.49 26.17 -25.08
C GLY B 284 13.03 27.35 -25.88
N VAL B 285 13.93 28.12 -25.26
CA VAL B 285 14.45 29.36 -25.84
C VAL B 285 15.98 29.35 -25.86
N ALA B 286 16.54 29.91 -26.94
CA ALA B 286 17.98 30.08 -27.11
C ALA B 286 18.22 31.19 -28.12
N VAL B 287 19.44 31.74 -28.12
CA VAL B 287 19.84 32.85 -28.98
C VAL B 287 21.07 32.47 -29.78
N THR B 288 21.04 32.66 -31.09
CA THR B 288 22.21 32.46 -31.94
C THR B 288 21.93 33.08 -33.31
N ARG C 5 -22.52 -43.21 31.43
CA ARG C 5 -21.24 -42.48 31.37
C ARG C 5 -20.62 -42.66 29.99
N LEU C 6 -20.70 -41.62 29.16
CA LEU C 6 -20.09 -41.61 27.84
C LEU C 6 -19.06 -40.49 27.73
N ILE C 7 -17.89 -40.85 27.21
CA ILE C 7 -16.80 -39.89 26.97
C ILE C 7 -17.16 -39.05 25.74
N TYR C 8 -16.97 -37.74 25.85
CA TYR C 8 -17.23 -36.81 24.76
C TYR C 8 -15.91 -36.23 24.27
N THR C 9 -15.79 -36.07 22.94
CA THR C 9 -14.65 -35.40 22.30
C THR C 9 -15.17 -34.47 21.21
N ALA C 10 -15.05 -33.16 21.42
CA ALA C 10 -15.59 -32.16 20.53
C ALA C 10 -14.47 -31.28 19.95
N GLY C 11 -14.76 -30.65 18.80
CA GLY C 11 -13.79 -29.83 18.10
C GLY C 11 -12.60 -30.63 17.57
N GLY C 12 -11.47 -29.94 17.44
CA GLY C 12 -10.25 -30.49 16.89
C GLY C 12 -9.83 -29.79 15.61
N TYR C 13 -8.72 -30.29 15.03
CA TYR C 13 -8.24 -29.76 13.76
C TYR C 13 -7.60 -30.89 12.97
N PHE C 14 -7.98 -31.02 11.69
CA PHE C 14 -7.29 -31.84 10.69
C PHE C 14 -7.46 -31.13 9.35
N ARG C 15 -6.44 -30.38 8.94
CA ARG C 15 -6.35 -29.64 7.69
C ARG C 15 -7.27 -28.38 7.70
N GLN C 16 -8.38 -28.36 8.47
CA GLN C 16 -8.77 -27.09 9.08
C GLN C 16 -9.70 -27.33 10.28
N SER C 17 -10.19 -26.26 10.93
CA SER C 17 -10.97 -26.52 12.16
C SER C 17 -12.09 -27.54 11.90
N LEU C 18 -12.55 -28.14 12.99
CA LEU C 18 -13.64 -29.11 12.91
C LEU C 18 -14.70 -28.74 13.92
N SER C 19 -15.93 -29.16 13.66
CA SER C 19 -16.99 -29.13 14.65
C SER C 19 -17.52 -30.52 14.94
N TYR C 20 -16.77 -31.55 14.53
CA TYR C 20 -17.17 -32.93 14.72
C TYR C 20 -17.29 -33.23 16.21
N LEU C 21 -18.45 -33.79 16.60
CA LEU C 21 -18.74 -34.14 17.99
C LEU C 21 -19.05 -35.62 18.06
N GLU C 22 -18.16 -36.39 18.68
CA GLU C 22 -18.24 -37.84 18.74
C GLU C 22 -18.29 -38.28 20.20
N ALA C 23 -19.11 -39.27 20.51
CA ALA C 23 -19.26 -39.79 21.87
C ALA C 23 -18.94 -41.28 21.90
N TYR C 24 -18.20 -41.70 22.93
CA TYR C 24 -17.69 -43.07 23.02
C TYR C 24 -18.11 -43.69 24.35
N ASN C 25 -18.77 -44.85 24.28
CA ASN C 25 -18.93 -45.69 25.46
C ASN C 25 -17.88 -46.79 25.41
N PRO C 26 -17.05 -46.96 26.44
CA PRO C 26 -16.07 -48.06 26.40
C PRO C 26 -16.67 -49.42 26.69
N SER C 27 -17.82 -49.49 27.37
CA SER C 27 -18.49 -50.77 27.64
C SER C 27 -18.55 -51.63 26.38
N ASP C 28 -19.00 -51.03 25.27
CA ASP C 28 -19.30 -51.70 23.99
C ASP C 28 -18.32 -51.38 22.89
N GLY C 29 -17.71 -50.20 22.93
CA GLY C 29 -17.04 -49.61 21.79
C GLY C 29 -17.88 -48.62 20.99
N THR C 30 -19.06 -48.21 21.49
CA THR C 30 -19.94 -47.32 20.74
C THR C 30 -19.25 -46.00 20.42
N TRP C 31 -19.36 -45.58 19.17
CA TRP C 31 -18.97 -44.25 18.74
C TRP C 31 -20.18 -43.59 18.09
N LEU C 32 -20.52 -42.37 18.51
CA LEU C 32 -21.74 -41.71 18.09
C LEU C 32 -21.41 -40.31 17.58
N ARG C 33 -21.59 -40.08 16.27
CA ARG C 33 -21.54 -38.73 15.72
C ARG C 33 -22.75 -37.92 16.20
N LEU C 34 -22.55 -36.64 16.50
CA LEU C 34 -23.62 -35.88 17.13
C LEU C 34 -23.51 -34.40 16.73
N ALA C 35 -24.35 -33.57 17.36
CA ALA C 35 -24.57 -32.19 16.92
C ALA C 35 -23.27 -31.42 16.79
N ASP C 36 -23.21 -30.53 15.79
CA ASP C 36 -21.99 -29.83 15.41
C ASP C 36 -22.00 -28.39 15.90
N LEU C 37 -20.81 -27.92 16.29
CA LEU C 37 -20.67 -26.60 16.88
C LEU C 37 -20.98 -25.51 15.84
N GLN C 38 -21.58 -24.42 16.30
CA GLN C 38 -21.78 -23.26 15.44
C GLN C 38 -20.49 -22.85 14.75
N VAL C 39 -19.37 -22.87 15.47
CA VAL C 39 -18.06 -22.48 14.96
C VAL C 39 -17.13 -23.67 15.13
N PRO C 40 -16.34 -24.05 14.12
CA PRO C 40 -15.33 -25.11 14.33
C PRO C 40 -14.12 -24.57 15.08
N ARG C 41 -13.66 -25.32 16.08
CA ARG C 41 -12.57 -24.88 16.93
C ARG C 41 -11.45 -25.91 16.94
N SER C 42 -10.25 -25.41 17.20
CA SER C 42 -9.11 -26.23 17.57
C SER C 42 -8.30 -25.47 18.61
N GLY C 43 -7.80 -26.20 19.61
CA GLY C 43 -7.22 -25.64 20.81
C GLY C 43 -8.20 -25.31 21.92
N LEU C 44 -9.47 -25.63 21.76
CA LEU C 44 -10.45 -25.44 22.82
C LEU C 44 -10.27 -26.50 23.91
N ALA C 45 -11.00 -26.33 25.02
CA ALA C 45 -11.03 -27.31 26.09
C ALA C 45 -12.47 -27.71 26.41
N GLY C 46 -12.59 -28.81 27.15
CA GLY C 46 -13.88 -29.33 27.53
C GLY C 46 -13.99 -29.54 29.02
N CYS C 47 -15.22 -29.45 29.52
CA CYS C 47 -15.52 -29.63 30.93
C CYS C 47 -17.03 -29.82 31.06
N VAL C 48 -17.44 -30.42 32.19
CA VAL C 48 -18.84 -30.70 32.46
C VAL C 48 -19.22 -30.06 33.80
N VAL C 49 -20.31 -29.29 33.80
CA VAL C 49 -20.87 -28.65 35.00
C VAL C 49 -22.40 -28.68 34.94
N GLY C 50 -23.02 -29.33 35.92
CA GLY C 50 -24.46 -29.46 35.94
C GLY C 50 -25.02 -30.53 35.03
N GLY C 51 -24.18 -31.44 34.55
CA GLY C 51 -24.56 -32.40 33.53
C GLY C 51 -24.61 -31.85 32.13
N LEU C 52 -24.41 -30.53 31.94
CA LEU C 52 -24.42 -29.87 30.65
C LEU C 52 -22.99 -29.64 30.16
N LEU C 53 -22.72 -29.97 28.90
CA LEU C 53 -21.40 -29.78 28.31
C LEU C 53 -21.15 -28.30 28.00
N TYR C 54 -19.90 -27.87 28.20
CA TYR C 54 -19.50 -26.50 27.87
C TYR C 54 -18.23 -26.55 27.03
N ALA C 55 -18.14 -25.63 26.05
CA ALA C 55 -17.05 -25.56 25.10
C ALA C 55 -16.37 -24.20 25.19
N VAL C 56 -15.04 -24.22 25.30
CA VAL C 56 -14.26 -23.06 25.74
C VAL C 56 -13.04 -22.85 24.86
N GLY C 57 -12.83 -21.60 24.42
CA GLY C 57 -11.59 -21.22 23.79
C GLY C 57 -11.33 -21.91 22.46
N GLY C 58 -10.05 -21.95 22.08
CA GLY C 58 -9.65 -22.45 20.77
C GLY C 58 -9.48 -21.33 19.76
N ARG C 59 -9.35 -21.71 18.48
CA ARG C 59 -9.32 -20.71 17.42
C ARG C 59 -9.99 -21.26 16.17
N ASN C 60 -10.72 -20.36 15.49
CA ASN C 60 -11.39 -20.65 14.22
C ASN C 60 -10.40 -20.48 13.08
N ASN C 61 -10.43 -21.44 12.15
CA ASN C 61 -9.53 -21.41 11.00
C ASN C 61 -10.28 -20.93 9.75
N THR C 67 -8.65 -17.24 13.36
CA THR C 67 -9.11 -16.23 14.32
C THR C 67 -9.30 -16.81 15.73
N ASP C 68 -8.66 -16.21 16.73
CA ASP C 68 -8.60 -16.81 18.08
C ASP C 68 -9.92 -16.58 18.83
N SER C 69 -10.30 -17.58 19.62
CA SER C 69 -11.66 -17.76 20.08
C SER C 69 -11.93 -17.12 21.43
N SER C 70 -13.01 -16.34 21.51
CA SER C 70 -13.51 -15.80 22.76
C SER C 70 -14.82 -16.48 23.16
N ALA C 71 -15.11 -17.63 22.55
CA ALA C 71 -16.47 -18.17 22.53
C ALA C 71 -16.72 -19.16 23.66
N LEU C 72 -17.85 -18.97 24.38
CA LEU C 72 -18.35 -19.94 25.34
C LEU C 72 -19.75 -20.40 24.90
N ASP C 73 -19.84 -21.65 24.46
CA ASP C 73 -21.07 -22.23 23.94
C ASP C 73 -21.36 -23.52 24.71
N CYS C 74 -22.59 -23.65 25.21
CA CYS C 74 -23.04 -24.79 26.00
C CYS C 74 -23.90 -25.74 25.18
N TYR C 75 -23.97 -27.00 25.65
CA TYR C 75 -24.60 -28.11 24.95
C TYR C 75 -25.38 -28.98 25.94
N ASN C 76 -26.62 -29.34 25.59
CA ASN C 76 -27.44 -30.21 26.42
C ASN C 76 -27.52 -31.59 25.77
N PRO C 77 -27.08 -32.68 26.42
CA PRO C 77 -26.91 -33.96 25.66
C PRO C 77 -28.15 -34.41 24.90
N MET C 78 -29.33 -34.54 25.56
CA MET C 78 -30.44 -35.12 24.84
C MET C 78 -31.37 -34.09 24.23
N THR C 79 -31.31 -32.83 24.67
CA THR C 79 -31.72 -31.77 23.76
C THR C 79 -30.89 -31.85 22.47
N ASN C 80 -29.59 -32.15 22.62
CA ASN C 80 -28.65 -32.35 21.54
C ASN C 80 -28.54 -31.10 20.66
N GLN C 81 -28.75 -29.94 21.28
CA GLN C 81 -28.63 -28.66 20.63
C GLN C 81 -27.69 -27.81 21.47
N TRP C 82 -26.66 -27.26 20.84
CA TRP C 82 -25.81 -26.27 21.50
C TRP C 82 -26.50 -24.90 21.53
N SER C 83 -26.23 -24.14 22.58
CA SER C 83 -26.75 -22.80 22.74
C SER C 83 -25.64 -21.90 23.26
N PRO C 84 -25.39 -20.76 22.60
CA PRO C 84 -24.25 -19.91 22.99
C PRO C 84 -24.48 -19.20 24.32
N CYS C 85 -23.39 -19.05 25.09
CA CYS C 85 -23.36 -18.35 26.38
C CYS C 85 -22.41 -17.15 26.29
N ALA C 86 -22.34 -16.39 27.38
CA ALA C 86 -21.54 -15.16 27.40
C ALA C 86 -20.08 -15.46 27.05
N PRO C 87 -19.41 -14.57 26.29
CA PRO C 87 -18.02 -14.83 25.91
C PRO C 87 -17.08 -14.39 27.01
N MET C 88 -15.86 -14.92 26.95
CA MET C 88 -14.84 -14.52 27.92
C MET C 88 -14.36 -13.10 27.62
N SER C 89 -13.80 -12.45 28.66
CA SER C 89 -13.29 -11.09 28.49
C SER C 89 -12.32 -11.03 27.30
N VAL C 90 -11.44 -12.01 27.21
CA VAL C 90 -10.44 -12.06 26.13
C VAL C 90 -10.50 -13.44 25.48
N PRO C 91 -10.01 -13.55 24.25
CA PRO C 91 -9.87 -14.88 23.63
C PRO C 91 -8.72 -15.68 24.26
N ARG C 92 -8.79 -17.00 24.11
CA ARG C 92 -7.79 -17.89 24.73
C ARG C 92 -7.67 -19.14 23.86
N ASN C 93 -6.85 -19.05 22.82
CA ASN C 93 -6.47 -20.22 22.06
C ASN C 93 -5.42 -21.01 22.84
N ARG C 94 -5.41 -22.32 22.63
CA ARG C 94 -4.56 -23.24 23.41
C ARG C 94 -4.83 -23.08 24.92
N ILE C 95 -6.11 -23.25 25.28
CA ILE C 95 -6.59 -22.94 26.64
C ILE C 95 -6.53 -24.19 27.50
N GLY C 96 -6.54 -23.97 28.81
CA GLY C 96 -6.81 -25.04 29.77
C GLY C 96 -7.87 -24.60 30.74
N VAL C 97 -8.73 -25.53 31.13
CA VAL C 97 -9.84 -25.19 32.01
C VAL C 97 -10.06 -26.28 33.06
N GLY C 98 -10.45 -25.83 34.24
CA GLY C 98 -10.83 -26.72 35.31
C GLY C 98 -12.15 -26.27 35.89
N VAL C 99 -12.82 -27.20 36.56
CA VAL C 99 -14.13 -26.94 37.11
C VAL C 99 -14.07 -27.03 38.63
N ILE C 100 -14.61 -26.01 39.29
CA ILE C 100 -14.58 -25.88 40.74
C ILE C 100 -15.92 -25.34 41.22
N ASP C 101 -16.63 -26.12 42.06
CA ASP C 101 -17.91 -25.71 42.65
C ASP C 101 -18.93 -25.32 41.59
N GLY C 102 -18.97 -26.08 40.49
CA GLY C 102 -19.86 -25.75 39.39
C GLY C 102 -19.60 -24.44 38.70
N HIS C 103 -18.38 -23.90 38.82
CA HIS C 103 -17.91 -22.73 38.06
C HIS C 103 -16.73 -23.15 37.18
N ILE C 104 -16.76 -22.78 35.90
CA ILE C 104 -15.71 -23.14 34.95
C ILE C 104 -14.63 -22.06 34.96
N TYR C 105 -13.37 -22.51 35.05
CA TYR C 105 -12.20 -21.66 35.12
C TYR C 105 -11.48 -21.70 33.78
N ALA C 106 -11.35 -20.53 33.14
CA ALA C 106 -10.58 -20.35 31.91
C ALA C 106 -9.21 -19.80 32.29
N VAL C 107 -8.18 -20.60 32.08
CA VAL C 107 -6.85 -20.27 32.56
C VAL C 107 -5.92 -20.20 31.35
N GLY C 108 -5.13 -19.13 31.27
CA GLY C 108 -4.07 -19.10 30.28
C GLY C 108 -4.61 -18.88 28.87
N GLY C 109 -4.07 -19.65 27.92
CA GLY C 109 -4.36 -19.45 26.52
C GLY C 109 -3.53 -18.34 25.88
N SER C 110 -3.69 -18.22 24.55
CA SER C 110 -2.95 -17.26 23.70
C SER C 110 -3.92 -16.43 22.87
N HIS C 111 -3.89 -15.10 23.00
CA HIS C 111 -4.69 -14.19 22.15
C HIS C 111 -3.82 -13.68 21.00
N GLY C 112 -3.60 -14.51 19.97
CA GLY C 112 -2.73 -13.99 18.94
C GLY C 112 -1.31 -13.70 19.44
N CYS C 113 -0.88 -12.44 19.38
CA CYS C 113 0.37 -12.19 20.08
C CYS C 113 0.36 -12.79 21.50
N ILE C 114 -0.66 -12.42 22.28
CA ILE C 114 -0.56 -12.36 23.73
C ILE C 114 -0.51 -13.77 24.29
N HIS C 115 0.34 -13.95 25.29
CA HIS C 115 0.37 -15.17 26.07
C HIS C 115 -0.21 -14.86 27.45
N HIS C 116 -1.28 -15.57 27.81
CA HIS C 116 -2.13 -15.18 28.93
C HIS C 116 -1.57 -15.73 30.24
N ASN C 117 -1.39 -14.83 31.19
CA ASN C 117 -1.28 -15.23 32.59
C ASN C 117 -2.59 -15.00 33.34
N SER C 118 -3.56 -14.32 32.71
CA SER C 118 -4.84 -14.06 33.35
C SER C 118 -5.74 -15.29 33.33
N VAL C 119 -6.61 -15.37 34.35
CA VAL C 119 -7.61 -16.42 34.50
C VAL C 119 -8.94 -15.78 34.86
N GLU C 120 -10.04 -16.31 34.34
CA GLU C 120 -11.33 -15.74 34.65
C GLU C 120 -12.36 -16.85 34.86
N ARG C 121 -13.39 -16.49 35.61
CA ARG C 121 -14.36 -17.40 36.22
C ARG C 121 -15.71 -17.27 35.53
N TYR C 122 -16.42 -18.39 35.39
CA TYR C 122 -17.78 -18.38 34.84
C TYR C 122 -18.73 -18.94 35.87
N GLU C 123 -19.76 -18.15 36.22
CA GLU C 123 -20.90 -18.59 37.02
C GLU C 123 -22.07 -18.97 36.10
N PRO C 124 -22.26 -20.26 35.77
CA PRO C 124 -23.33 -20.60 34.81
C PRO C 124 -24.69 -19.98 35.14
N GLU C 125 -25.05 -19.86 36.42
CA GLU C 125 -26.40 -19.44 36.77
C GLU C 125 -26.62 -17.95 36.50
N ARG C 126 -25.64 -17.10 36.81
CA ARG C 126 -25.80 -15.70 36.43
C ARG C 126 -25.30 -15.41 35.00
N ASP C 127 -24.60 -16.34 34.36
CA ASP C 127 -24.15 -16.25 32.96
C ASP C 127 -23.18 -15.08 32.74
N GLU C 128 -22.26 -14.89 33.70
CA GLU C 128 -21.29 -13.81 33.66
C GLU C 128 -19.90 -14.40 33.82
N TRP C 129 -18.92 -13.73 33.21
CA TRP C 129 -17.51 -14.05 33.41
C TRP C 129 -16.87 -12.99 34.28
N HIS C 130 -16.00 -13.43 35.18
CA HIS C 130 -15.24 -12.52 36.04
C HIS C 130 -13.81 -13.01 36.17
N LEU C 131 -12.85 -12.11 35.95
CA LEU C 131 -11.45 -12.48 36.07
C LEU C 131 -11.06 -12.48 37.53
N VAL C 132 -10.03 -13.26 37.83
CA VAL C 132 -9.57 -13.48 39.20
C VAL C 132 -8.09 -13.11 39.28
N ALA C 133 -7.38 -13.68 40.24
CA ALA C 133 -5.94 -13.47 40.34
C ALA C 133 -5.25 -14.07 39.12
N PRO C 134 -4.28 -13.37 38.54
CA PRO C 134 -3.51 -13.94 37.44
C PRO C 134 -2.45 -14.91 37.94
N MET C 135 -2.18 -15.93 37.12
CA MET C 135 -1.09 -16.85 37.41
C MET C 135 0.25 -16.13 37.49
N LEU C 136 1.17 -16.78 38.18
CA LEU C 136 2.53 -16.26 38.30
C LEU C 136 3.29 -16.31 36.98
N THR C 137 3.01 -17.32 36.16
CA THR C 137 3.65 -17.53 34.86
C THR C 137 2.62 -17.40 33.75
N ARG C 138 3.02 -16.78 32.62
CA ARG C 138 2.21 -16.85 31.41
C ARG C 138 2.29 -18.27 30.85
N ARG C 139 1.13 -18.85 30.55
CA ARG C 139 1.06 -20.21 30.07
C ARG C 139 0.06 -20.29 28.92
N ILE C 140 0.50 -20.95 27.84
CA ILE C 140 -0.37 -21.35 26.75
C ILE C 140 -0.12 -22.84 26.56
N GLY C 141 -1.10 -23.56 26.03
CA GLY C 141 -0.92 -24.99 25.95
C GLY C 141 -0.81 -25.52 27.38
N VAL C 142 -1.62 -24.95 28.26
CA VAL C 142 -1.53 -25.22 29.67
C VAL C 142 -2.41 -26.43 30.00
N GLY C 143 -1.87 -27.35 30.83
CA GLY C 143 -2.68 -28.41 31.36
C GLY C 143 -3.31 -28.02 32.70
N VAL C 144 -4.57 -28.42 32.88
CA VAL C 144 -5.31 -28.05 34.09
C VAL C 144 -5.92 -29.30 34.72
N ALA C 145 -5.72 -29.42 36.03
CA ALA C 145 -6.33 -30.43 36.89
C ALA C 145 -6.77 -29.75 38.18
N VAL C 146 -7.99 -30.07 38.61
CA VAL C 146 -8.56 -29.54 39.84
C VAL C 146 -8.65 -30.67 40.84
N LEU C 147 -8.14 -30.43 42.05
CA LEU C 147 -7.98 -31.46 43.07
C LEU C 147 -8.04 -30.79 44.44
N ASN C 148 -8.80 -31.37 45.37
CA ASN C 148 -8.87 -30.90 46.76
C ASN C 148 -9.01 -29.36 46.85
N ARG C 149 -10.17 -28.82 46.43
CA ARG C 149 -10.54 -27.39 46.64
C ARG C 149 -9.80 -26.43 45.71
N LEU C 150 -8.89 -26.93 44.84
CA LEU C 150 -7.83 -26.11 44.25
C LEU C 150 -7.65 -26.45 42.78
N LEU C 151 -7.04 -25.50 42.06
CA LEU C 151 -6.83 -25.55 40.62
C LEU C 151 -5.34 -25.49 40.32
N TYR C 152 -4.81 -26.51 39.64
CA TYR C 152 -3.39 -26.60 39.27
C TYR C 152 -3.21 -26.40 37.76
N ALA C 153 -2.32 -25.48 37.38
CA ALA C 153 -1.97 -25.26 35.98
C ALA C 153 -0.60 -25.86 35.72
N VAL C 154 -0.46 -26.69 34.68
CA VAL C 154 0.73 -27.51 34.47
C VAL C 154 1.38 -27.16 33.13
N GLY C 155 2.70 -26.88 33.17
CA GLY C 155 3.49 -26.72 31.97
C GLY C 155 2.98 -25.60 31.06
N GLY C 156 3.21 -25.78 29.76
CA GLY C 156 2.73 -24.84 28.76
C GLY C 156 3.84 -24.12 28.04
N PHE C 157 3.57 -22.88 27.61
CA PHE C 157 4.55 -22.04 26.94
C PHE C 157 4.34 -20.61 27.42
N ASP C 158 5.41 -19.92 27.82
CA ASP C 158 5.29 -18.56 28.34
C ASP C 158 5.63 -17.50 27.30
N GLY C 159 5.92 -17.90 26.06
CA GLY C 159 6.22 -16.99 24.98
C GLY C 159 7.66 -17.02 24.55
N THR C 160 8.56 -17.54 25.40
CA THR C 160 9.95 -17.74 25.05
C THR C 160 10.55 -18.99 25.68
N ASN C 161 9.81 -19.73 26.49
CA ASN C 161 10.35 -20.87 27.22
C ASN C 161 9.26 -21.91 27.40
N ARG C 162 9.61 -23.19 27.21
CA ARG C 162 8.66 -24.27 27.49
C ARG C 162 8.74 -24.68 28.96
N LEU C 163 7.57 -24.84 29.58
CA LEU C 163 7.43 -24.90 31.02
C LEU C 163 7.50 -26.34 31.53
N ASN C 164 8.37 -26.56 32.52
CA ASN C 164 8.30 -27.71 33.40
C ASN C 164 7.57 -27.36 34.71
N SER C 165 7.33 -26.08 34.96
CA SER C 165 6.84 -25.61 36.24
C SER C 165 5.34 -25.78 36.36
N ALA C 166 4.85 -25.72 37.60
CA ALA C 166 3.42 -25.79 37.91
C ALA C 166 3.14 -24.84 39.07
N GLU C 167 1.93 -24.31 39.11
CA GLU C 167 1.50 -23.47 40.22
C GLU C 167 0.08 -23.86 40.60
N CYS C 168 -0.37 -23.37 41.74
CA CYS C 168 -1.65 -23.76 42.29
C CYS C 168 -2.44 -22.52 42.69
N TYR C 169 -3.75 -22.57 42.48
CA TYR C 169 -4.65 -21.46 42.78
C TYR C 169 -5.47 -21.76 44.03
N TYR C 170 -5.55 -20.78 44.92
CA TYR C 170 -6.36 -20.93 46.13
C TYR C 170 -7.60 -20.06 45.99
N PRO C 171 -8.73 -20.66 45.62
CA PRO C 171 -9.95 -19.86 45.36
C PRO C 171 -10.43 -19.00 46.51
N GLU C 172 -10.39 -19.49 47.75
CA GLU C 172 -10.90 -18.71 48.88
C GLU C 172 -10.13 -17.41 49.03
N ARG C 173 -8.81 -17.51 49.07
CA ARG C 173 -7.95 -16.35 49.23
C ARG C 173 -7.59 -15.70 47.92
N ASN C 174 -7.81 -16.40 46.80
CA ASN C 174 -7.72 -15.78 45.49
C ASN C 174 -6.27 -15.41 45.17
N GLU C 175 -5.41 -16.43 45.12
CA GLU C 175 -3.99 -16.18 44.92
C GLU C 175 -3.34 -17.47 44.43
N TRP C 176 -2.11 -17.35 43.93
CA TRP C 176 -1.38 -18.45 43.31
C TRP C 176 -0.08 -18.71 44.07
N ARG C 177 0.33 -19.97 44.08
CA ARG C 177 1.63 -20.35 44.60
C ARG C 177 2.23 -21.39 43.68
N MET C 178 3.54 -21.37 43.55
CA MET C 178 4.17 -22.28 42.61
C MET C 178 4.62 -23.53 43.33
N ILE C 179 4.32 -24.68 42.74
CA ILE C 179 4.63 -25.99 43.30
C ILE C 179 5.89 -26.56 42.67
N THR C 180 6.18 -27.81 43.03
CA THR C 180 7.23 -28.56 42.39
C THR C 180 7.00 -28.62 40.89
N ALA C 181 8.10 -28.38 40.15
CA ALA C 181 8.14 -28.52 38.71
C ALA C 181 8.42 -29.96 38.30
N MET C 182 7.72 -30.42 37.27
CA MET C 182 7.84 -31.80 36.81
C MET C 182 9.28 -32.07 36.37
N ASN C 183 9.58 -33.34 36.11
CA ASN C 183 10.94 -33.69 35.74
C ASN C 183 11.23 -33.43 34.26
N THR C 184 10.22 -33.49 33.38
CA THR C 184 10.41 -33.15 31.98
C THR C 184 9.57 -31.93 31.61
N ILE C 185 10.10 -31.14 30.67
CA ILE C 185 9.39 -29.98 30.14
C ILE C 185 8.25 -30.44 29.25
N ARG C 186 7.09 -29.82 29.41
CA ARG C 186 5.88 -30.30 28.74
C ARG C 186 5.03 -29.11 28.32
N SER C 187 4.71 -29.07 27.04
CA SER C 187 3.82 -28.07 26.48
C SER C 187 2.63 -28.82 25.92
N GLY C 188 1.44 -28.25 26.12
CA GLY C 188 0.22 -28.87 25.63
C GLY C 188 0.14 -30.35 25.94
N ALA C 189 0.35 -30.71 27.19
CA ALA C 189 0.19 -32.09 27.63
C ALA C 189 -1.24 -32.34 28.07
N GLY C 190 -1.57 -33.60 28.31
CA GLY C 190 -2.85 -33.93 28.92
C GLY C 190 -2.77 -33.97 30.43
N VAL C 191 -3.59 -33.16 31.10
CA VAL C 191 -3.53 -33.01 32.55
C VAL C 191 -4.89 -33.38 33.15
N CYS C 192 -4.88 -34.36 34.06
CA CYS C 192 -6.09 -34.86 34.70
C CYS C 192 -5.83 -35.26 36.15
N VAL C 193 -6.94 -35.40 36.90
CA VAL C 193 -7.00 -35.81 38.29
C VAL C 193 -7.47 -37.27 38.35
N LEU C 194 -6.72 -38.12 39.06
CA LEU C 194 -7.09 -39.52 39.24
C LEU C 194 -6.60 -40.01 40.59
N HIS C 195 -7.53 -40.35 41.48
CA HIS C 195 -7.17 -40.96 42.76
C HIS C 195 -6.15 -40.09 43.49
N ASN C 196 -6.50 -38.81 43.67
CA ASN C 196 -5.73 -37.84 44.46
C ASN C 196 -4.29 -37.69 43.95
N CYS C 197 -4.12 -37.72 42.63
CA CYS C 197 -2.86 -37.39 41.98
C CYS C 197 -3.13 -36.80 40.60
N ILE C 198 -2.24 -35.91 40.18
CA ILE C 198 -2.35 -35.23 38.89
C ILE C 198 -1.41 -35.94 37.91
N TYR C 199 -1.96 -36.34 36.76
CA TYR C 199 -1.20 -36.98 35.70
C TYR C 199 -0.95 -35.99 34.57
N ALA C 200 0.31 -35.88 34.12
CA ALA C 200 0.68 -35.10 32.95
C ALA C 200 1.10 -36.07 31.86
N ALA C 201 0.26 -36.19 30.82
CA ALA C 201 0.47 -37.16 29.73
C ALA C 201 0.79 -36.44 28.43
N GLY C 202 1.91 -36.83 27.79
CA GLY C 202 2.35 -36.28 26.51
C GLY C 202 2.89 -34.86 26.62
N GLY C 203 2.96 -34.20 25.47
CA GLY C 203 3.41 -32.82 25.38
C GLY C 203 4.71 -32.69 24.61
N TYR C 204 5.14 -31.44 24.45
CA TYR C 204 6.31 -31.07 23.66
C TYR C 204 7.38 -30.49 24.58
N ASP C 205 8.58 -31.09 24.57
CA ASP C 205 9.69 -30.63 25.41
C ASP C 205 10.64 -29.69 24.68
N GLY C 206 10.22 -29.15 23.55
CA GLY C 206 11.03 -28.26 22.75
C GLY C 206 11.67 -28.92 21.55
N GLN C 207 11.73 -30.25 21.49
CA GLN C 207 12.40 -30.91 20.37
C GLN C 207 11.59 -32.06 19.79
N ASP C 208 11.16 -33.02 20.62
CA ASP C 208 10.30 -34.11 20.17
C ASP C 208 9.06 -34.15 21.05
N GLN C 209 7.94 -34.53 20.45
CA GLN C 209 6.73 -34.75 21.23
C GLN C 209 6.91 -36.02 22.05
N LEU C 210 6.60 -35.93 23.34
CA LEU C 210 6.98 -36.94 24.32
C LEU C 210 5.91 -38.03 24.46
N ASN C 211 6.38 -39.24 24.82
CA ASN C 211 5.53 -40.36 25.22
C ASN C 211 5.48 -40.55 26.74
N SER C 212 6.21 -39.74 27.51
CA SER C 212 6.32 -39.86 28.95
C SER C 212 5.02 -39.46 29.65
N VAL C 213 4.82 -40.01 30.85
CA VAL C 213 3.74 -39.58 31.73
C VAL C 213 4.30 -39.49 33.15
N GLU C 214 3.96 -38.39 33.83
CA GLU C 214 4.39 -38.13 35.20
C GLU C 214 3.16 -37.97 36.09
N ARG C 215 3.29 -38.42 37.34
CA ARG C 215 2.22 -38.30 38.32
C ARG C 215 2.71 -37.50 39.51
N TYR C 216 1.78 -36.75 40.13
CA TYR C 216 2.04 -35.89 41.29
C TYR C 216 1.19 -36.35 42.47
N ASP C 217 1.85 -36.61 43.62
CA ASP C 217 1.19 -36.96 44.88
C ASP C 217 1.18 -35.70 45.76
N VAL C 218 -0.01 -35.15 46.03
CA VAL C 218 -0.11 -33.76 46.44
C VAL C 218 0.67 -33.50 47.73
N GLU C 219 0.57 -34.40 48.72
CA GLU C 219 1.30 -34.12 49.96
C GLU C 219 2.73 -34.63 49.93
N THR C 220 3.06 -35.60 49.07
CA THR C 220 4.48 -35.90 48.84
C THR C 220 5.17 -34.72 48.15
N GLU C 221 4.42 -33.93 47.38
CA GLU C 221 4.95 -32.79 46.63
C GLU C 221 6.20 -33.21 45.88
N THR C 222 6.06 -34.30 45.12
CA THR C 222 7.12 -34.79 44.25
C THR C 222 6.49 -35.35 42.98
N TRP C 223 7.25 -35.32 41.89
CA TRP C 223 6.84 -35.92 40.62
C TRP C 223 7.63 -37.21 40.41
N THR C 224 6.91 -38.30 40.14
CA THR C 224 7.53 -39.61 39.90
C THR C 224 6.97 -40.17 38.59
N PHE C 225 7.79 -40.98 37.92
CA PHE C 225 7.48 -41.48 36.59
C PHE C 225 6.60 -42.73 36.65
N VAL C 226 5.71 -42.84 35.67
CA VAL C 226 4.88 -44.02 35.55
C VAL C 226 5.11 -44.64 34.18
N ALA C 227 4.22 -45.54 33.79
CA ALA C 227 4.36 -46.22 32.51
C ALA C 227 4.12 -45.23 31.37
N PRO C 228 4.97 -45.20 30.35
CA PRO C 228 4.68 -44.38 29.18
C PRO C 228 3.70 -45.07 28.23
N MET C 229 3.14 -44.29 27.33
CA MET C 229 2.14 -44.80 26.40
C MET C 229 2.79 -45.34 25.13
N LYS C 230 2.01 -46.13 24.40
CA LYS C 230 2.45 -46.70 23.13
C LYS C 230 2.96 -45.63 22.18
N HIS C 231 2.15 -44.60 21.95
CA HIS C 231 2.35 -43.64 20.88
C HIS C 231 2.85 -42.31 21.44
N ARG C 232 3.91 -41.76 20.82
CA ARG C 232 4.27 -40.36 20.98
C ARG C 232 3.01 -39.48 20.86
N ARG C 233 2.87 -38.49 21.73
CA ARG C 233 1.66 -37.67 21.66
C ARG C 233 1.89 -36.26 22.16
N SER C 234 1.35 -35.30 21.39
CA SER C 234 1.27 -33.89 21.72
C SER C 234 -0.16 -33.42 21.53
N ALA C 235 -0.53 -32.35 22.20
CA ALA C 235 -1.85 -31.72 22.04
C ALA C 235 -2.98 -32.75 22.07
N LEU C 236 -3.03 -33.53 23.16
CA LEU C 236 -3.97 -34.61 23.33
C LEU C 236 -5.33 -34.11 23.82
N GLY C 237 -6.26 -35.05 23.94
CA GLY C 237 -7.46 -34.88 24.74
C GLY C 237 -7.42 -35.91 25.84
N ILE C 238 -7.82 -35.50 27.04
CA ILE C 238 -7.57 -36.28 28.26
C ILE C 238 -8.79 -36.21 29.15
N THR C 239 -9.25 -37.37 29.64
CA THR C 239 -10.25 -37.49 30.71
C THR C 239 -10.19 -38.90 31.26
N VAL C 240 -10.82 -39.08 32.43
CA VAL C 240 -10.91 -40.37 33.11
C VAL C 240 -12.39 -40.72 33.25
N HIS C 241 -12.67 -42.02 33.07
CA HIS C 241 -14.00 -42.60 33.13
C HIS C 241 -13.89 -43.95 33.81
N GLN C 242 -14.55 -44.10 34.96
CA GLN C 242 -14.65 -45.37 35.65
C GLN C 242 -13.24 -45.85 36.08
N GLY C 243 -12.49 -44.88 36.62
CA GLY C 243 -11.30 -45.13 37.37
C GLY C 243 -10.04 -45.44 36.58
N ARG C 244 -10.08 -45.34 35.27
CA ARG C 244 -8.88 -45.44 34.43
C ARG C 244 -8.85 -44.31 33.43
N ILE C 245 -7.65 -43.77 33.16
CA ILE C 245 -7.49 -42.49 32.46
C ILE C 245 -7.31 -42.76 30.96
N TYR C 246 -8.08 -42.03 30.14
CA TYR C 246 -8.13 -42.23 28.70
C TYR C 246 -7.45 -41.06 27.99
N VAL C 247 -6.59 -41.37 27.02
CA VAL C 247 -5.93 -40.36 26.21
C VAL C 247 -6.40 -40.54 24.77
N LEU C 248 -6.82 -39.44 24.15
CA LEU C 248 -7.44 -39.47 22.85
C LEU C 248 -6.76 -38.46 21.94
N GLY C 249 -6.39 -38.90 20.73
CA GLY C 249 -5.86 -37.99 19.75
C GLY C 249 -4.50 -37.45 20.09
N GLY C 250 -3.98 -36.63 19.18
CA GLY C 250 -2.71 -35.96 19.38
C GLY C 250 -1.99 -35.75 18.06
N TYR C 251 -0.74 -35.27 18.16
CA TYR C 251 0.15 -35.10 17.01
C TYR C 251 1.51 -35.74 17.31
N ASP C 252 1.85 -36.77 16.52
CA ASP C 252 3.13 -37.46 16.61
C ASP C 252 4.31 -36.58 16.18
N GLY C 253 4.06 -35.49 15.43
CA GLY C 253 5.10 -34.68 14.84
C GLY C 253 5.38 -35.02 13.38
N HIS C 254 5.12 -36.27 12.99
CA HIS C 254 5.16 -36.73 11.62
C HIS C 254 3.80 -37.26 11.15
N THR C 255 2.90 -37.57 12.08
CA THR C 255 1.61 -38.19 11.83
C THR C 255 0.57 -37.54 12.73
N PHE C 256 -0.65 -37.32 12.22
CA PHE C 256 -1.75 -37.14 13.16
C PHE C 256 -2.19 -38.52 13.67
N LEU C 257 -2.91 -38.53 14.80
CA LEU C 257 -3.29 -39.79 15.44
C LEU C 257 -4.80 -39.82 15.69
N ASP C 258 -5.40 -40.98 15.43
CA ASP C 258 -6.77 -41.27 15.79
C ASP C 258 -6.87 -42.24 16.96
N SER C 259 -5.76 -42.90 17.31
CA SER C 259 -5.74 -43.96 18.29
CA SER C 259 -5.77 -43.96 18.30
C SER C 259 -5.95 -43.43 19.72
N VAL C 260 -6.50 -44.28 20.58
CA VAL C 260 -6.73 -43.98 21.99
C VAL C 260 -6.15 -45.09 22.84
N GLU C 261 -5.30 -44.73 23.79
CA GLU C 261 -4.70 -45.68 24.73
C GLU C 261 -5.32 -45.51 26.11
N CYS C 262 -5.31 -46.59 26.89
CA CYS C 262 -5.98 -46.61 28.18
C CYS C 262 -5.02 -47.15 29.22
N TYR C 263 -4.89 -46.40 30.32
CA TYR C 263 -3.95 -46.67 31.40
C TYR C 263 -4.74 -47.11 32.63
N ASP C 264 -4.45 -48.32 33.11
CA ASP C 264 -5.00 -48.79 34.36
C ASP C 264 -3.93 -48.59 35.43
N PRO C 265 -4.21 -47.88 36.54
CA PRO C 265 -3.18 -47.71 37.57
C PRO C 265 -2.85 -49.00 38.32
N ASP C 266 -3.86 -49.80 38.66
CA ASP C 266 -3.65 -51.15 39.17
C ASP C 266 -2.64 -51.90 38.30
N THR C 267 -2.92 -51.98 36.99
CA THR C 267 -2.08 -52.67 36.04
C THR C 267 -0.75 -51.95 35.80
N ASP C 268 -0.73 -50.61 35.93
CA ASP C 268 0.30 -49.73 35.36
C ASP C 268 0.73 -50.22 33.98
N THR C 269 -0.29 -50.42 33.13
CA THR C 269 -0.10 -50.76 31.73
C THR C 269 -0.98 -49.85 30.89
N TRP C 270 -0.53 -49.67 29.65
CA TRP C 270 -1.21 -48.87 28.64
C TRP C 270 -1.78 -49.79 27.56
N SER C 271 -3.06 -49.59 27.25
CA SER C 271 -3.77 -50.42 26.29
C SER C 271 -4.45 -49.52 25.28
N GLU C 272 -4.12 -49.65 23.99
CA GLU C 272 -4.97 -49.04 22.98
C GLU C 272 -6.21 -49.91 22.82
N VAL C 273 -7.38 -49.29 22.91
CA VAL C 273 -8.63 -50.04 22.90
C VAL C 273 -9.58 -49.61 21.78
N THR C 274 -9.46 -48.39 21.26
CA THR C 274 -10.32 -47.89 20.18
C THR C 274 -9.49 -47.10 19.19
N ARG C 275 -10.09 -46.85 18.03
CA ARG C 275 -9.55 -45.88 17.08
C ARG C 275 -10.69 -44.93 16.75
N MET C 276 -10.38 -43.63 16.76
CA MET C 276 -11.39 -42.60 16.52
C MET C 276 -11.80 -42.59 15.05
N THR C 277 -13.02 -42.11 14.79
CA THR C 277 -13.46 -42.03 13.40
C THR C 277 -12.45 -41.26 12.55
N SER C 278 -12.01 -40.09 13.00
CA SER C 278 -10.96 -39.32 12.35
C SER C 278 -10.09 -38.65 13.41
N GLY C 279 -8.76 -38.55 13.12
CA GLY C 279 -7.81 -38.01 14.07
C GLY C 279 -7.81 -36.50 14.15
N ARG C 280 -7.23 -35.99 15.22
CA ARG C 280 -7.29 -34.56 15.50
C ARG C 280 -6.13 -34.18 16.39
N SER C 281 -6.09 -32.90 16.70
CA SER C 281 -5.23 -32.35 17.72
C SER C 281 -5.99 -31.19 18.33
N GLY C 282 -5.55 -30.76 19.51
CA GLY C 282 -6.23 -29.68 20.18
C GLY C 282 -7.69 -30.00 20.36
N VAL C 283 -7.96 -31.21 20.85
CA VAL C 283 -9.34 -31.66 21.06
C VAL C 283 -9.85 -31.09 22.39
N GLY C 284 -11.18 -31.03 22.51
CA GLY C 284 -11.84 -30.83 23.79
C GLY C 284 -12.39 -32.16 24.29
N VAL C 285 -12.40 -32.34 25.60
CA VAL C 285 -12.79 -33.61 26.20
C VAL C 285 -13.58 -33.35 27.47
N ALA C 286 -14.61 -34.18 27.70
CA ALA C 286 -15.45 -34.12 28.89
C ALA C 286 -16.13 -35.47 29.05
N VAL C 287 -16.62 -35.75 30.26
CA VAL C 287 -17.35 -36.99 30.54
C VAL C 287 -18.67 -36.63 31.22
N THR C 288 -19.71 -37.39 30.90
CA THR C 288 -21.00 -37.25 31.57
C THR C 288 -21.70 -38.64 31.46
N LYS D 2 -43.15 19.44 3.44
CA LYS D 2 -43.14 19.77 2.01
C LYS D 2 -41.78 20.30 1.50
N VAL D 3 -40.68 19.63 1.88
CA VAL D 3 -39.37 20.01 1.38
C VAL D 3 -39.24 19.75 -0.11
N GLY D 4 -39.57 18.52 -0.55
CA GLY D 4 -39.37 18.05 -1.92
C GLY D 4 -38.06 17.28 -2.10
N ARG D 5 -37.90 16.69 -3.30
CA ARG D 5 -36.61 16.11 -3.68
C ARG D 5 -35.85 17.14 -4.52
N LEU D 6 -34.76 17.62 -3.98
CA LEU D 6 -34.00 18.68 -4.63
C LEU D 6 -32.76 18.15 -5.34
N ILE D 7 -32.26 18.95 -6.27
CA ILE D 7 -30.98 18.73 -6.94
C ILE D 7 -29.91 19.57 -6.23
N TYR D 8 -29.02 18.93 -5.49
CA TYR D 8 -27.94 19.63 -4.83
C TYR D 8 -26.71 19.75 -5.73
N THR D 9 -26.06 20.90 -5.69
CA THR D 9 -24.76 21.08 -6.32
C THR D 9 -23.79 21.54 -5.24
N ALA D 10 -22.62 20.92 -5.21
CA ALA D 10 -21.63 21.22 -4.20
C ALA D 10 -20.30 21.54 -4.87
N GLY D 11 -19.58 22.52 -4.32
CA GLY D 11 -18.29 22.95 -4.83
C GLY D 11 -18.48 23.58 -6.21
N GLY D 12 -17.39 23.51 -7.00
CA GLY D 12 -17.28 24.04 -8.34
C GLY D 12 -16.02 24.86 -8.48
N TYR D 13 -15.85 25.49 -9.64
CA TYR D 13 -14.71 26.35 -9.89
C TYR D 13 -15.16 27.60 -10.61
N PHE D 14 -14.61 28.76 -10.18
CA PHE D 14 -14.70 30.04 -10.91
C PHE D 14 -13.57 30.90 -10.37
N ARG D 15 -12.45 30.94 -11.09
CA ARG D 15 -11.27 31.65 -10.57
C ARG D 15 -10.57 30.80 -9.51
N GLN D 16 -11.27 30.51 -8.43
CA GLN D 16 -10.76 29.61 -7.41
C GLN D 16 -11.83 28.56 -7.15
N SER D 17 -11.46 27.55 -6.38
CA SER D 17 -12.45 26.55 -6.02
C SER D 17 -13.47 27.10 -5.02
N LEU D 18 -14.74 26.79 -5.26
CA LEU D 18 -15.88 27.32 -4.50
C LEU D 18 -16.32 26.37 -3.40
N SER D 19 -17.15 26.90 -2.51
CA SER D 19 -17.69 26.10 -1.41
C SER D 19 -19.19 26.23 -1.31
N TYR D 20 -19.84 26.68 -2.40
CA TYR D 20 -21.30 26.76 -2.49
C TYR D 20 -21.98 25.40 -2.38
N LEU D 21 -23.08 25.36 -1.62
CA LEU D 21 -24.02 24.25 -1.65
C LEU D 21 -25.41 24.83 -1.96
N GLU D 22 -25.87 24.70 -3.18
CA GLU D 22 -27.18 25.22 -3.54
C GLU D 22 -28.07 24.10 -4.04
N ALA D 23 -29.35 24.16 -3.73
CA ALA D 23 -30.29 23.12 -4.12
C ALA D 23 -31.36 23.73 -5.02
N TYR D 24 -31.69 23.05 -6.10
CA TYR D 24 -32.64 23.57 -7.07
C TYR D 24 -33.85 22.68 -7.03
N ASN D 25 -35.00 23.25 -6.64
CA ASN D 25 -36.27 22.54 -6.77
C ASN D 25 -36.81 22.62 -8.20
N PRO D 26 -36.69 21.57 -9.01
CA PRO D 26 -37.21 21.70 -10.39
C PRO D 26 -38.70 21.97 -10.44
N SER D 27 -39.50 21.55 -9.46
CA SER D 27 -40.95 21.74 -9.56
C SER D 27 -41.30 23.22 -9.71
N ASP D 28 -40.87 24.06 -8.75
CA ASP D 28 -41.22 25.46 -8.82
C ASP D 28 -40.12 26.37 -9.34
N GLY D 29 -38.90 25.88 -9.49
CA GLY D 29 -37.84 26.71 -10.04
C GLY D 29 -37.04 27.51 -9.03
N THR D 30 -37.28 27.34 -7.74
CA THR D 30 -36.50 28.10 -6.77
C THR D 30 -35.10 27.52 -6.63
N TRP D 31 -34.20 28.34 -6.09
CA TRP D 31 -32.87 27.91 -5.70
C TRP D 31 -32.65 28.21 -4.22
N LEU D 32 -32.20 27.22 -3.47
CA LEU D 32 -31.92 27.36 -2.05
C LEU D 32 -30.42 27.55 -1.87
N ARG D 33 -30.04 28.15 -0.75
CA ARG D 33 -28.63 28.35 -0.43
C ARG D 33 -28.33 27.70 0.92
N LEU D 34 -27.69 26.56 0.89
CA LEU D 34 -27.48 25.77 2.08
C LEU D 34 -26.04 25.92 2.54
N ALA D 35 -25.73 25.20 3.62
CA ALA D 35 -24.49 25.32 4.37
C ALA D 35 -23.25 25.18 3.48
N ASP D 36 -22.43 26.23 3.46
CA ASP D 36 -21.18 26.21 2.73
C ASP D 36 -20.33 25.01 3.14
N LEU D 37 -19.59 24.49 2.16
CA LEU D 37 -18.63 23.41 2.39
C LEU D 37 -17.51 23.85 3.32
N GLN D 38 -17.18 22.99 4.29
CA GLN D 38 -16.04 23.28 5.18
C GLN D 38 -14.80 23.72 4.42
N VAL D 39 -14.51 23.10 3.29
CA VAL D 39 -13.35 23.49 2.49
C VAL D 39 -13.77 23.63 1.04
N PRO D 40 -13.41 24.71 0.35
CA PRO D 40 -13.82 24.81 -1.04
C PRO D 40 -13.16 23.69 -1.84
N ARG D 41 -13.97 23.03 -2.68
CA ARG D 41 -13.51 21.91 -3.45
C ARG D 41 -14.00 22.02 -4.87
N SER D 42 -13.22 21.43 -5.76
CA SER D 42 -13.52 21.42 -7.16
C SER D 42 -13.17 20.02 -7.69
N GLY D 43 -13.88 19.59 -8.74
CA GLY D 43 -13.56 18.27 -9.27
C GLY D 43 -13.83 17.14 -8.29
N LEU D 44 -14.69 17.41 -7.31
CA LEU D 44 -15.21 16.44 -6.37
C LEU D 44 -16.45 15.78 -6.98
N ALA D 45 -17.16 14.98 -6.20
CA ALA D 45 -18.31 14.27 -6.71
C ALA D 45 -19.28 13.98 -5.57
N GLY D 46 -20.58 13.99 -5.91
CA GLY D 46 -21.63 13.90 -4.92
C GLY D 46 -22.47 12.65 -5.11
N CYS D 47 -22.79 12.00 -4.00
CA CYS D 47 -23.81 11.00 -4.07
C CYS D 47 -24.68 11.08 -2.82
N VAL D 48 -25.76 10.30 -2.81
CA VAL D 48 -26.68 10.27 -1.69
C VAL D 48 -26.78 8.85 -1.15
N VAL D 49 -26.86 8.73 0.17
CA VAL D 49 -26.95 7.42 0.79
C VAL D 49 -27.73 7.61 2.07
N GLY D 50 -29.03 7.31 2.00
CA GLY D 50 -29.89 7.31 3.14
C GLY D 50 -30.42 8.68 3.53
N GLY D 51 -30.75 9.52 2.55
CA GLY D 51 -31.14 10.88 2.84
C GLY D 51 -29.99 11.83 3.04
N LEU D 52 -28.76 11.33 3.23
CA LEU D 52 -27.56 12.13 3.40
C LEU D 52 -26.80 12.36 2.09
N LEU D 53 -26.13 13.50 2.00
CA LEU D 53 -25.36 13.87 0.80
C LEU D 53 -23.86 13.81 1.10
N TYR D 54 -23.09 13.23 0.19
CA TYR D 54 -21.66 13.10 0.41
C TYR D 54 -20.90 13.85 -0.66
N ALA D 55 -19.88 14.61 -0.24
CA ALA D 55 -18.93 15.21 -1.15
C ALA D 55 -17.64 14.44 -0.99
N VAL D 56 -17.05 14.07 -2.13
CA VAL D 56 -16.00 13.07 -2.16
C VAL D 56 -14.85 13.59 -3.01
N GLY D 57 -13.68 13.82 -2.40
CA GLY D 57 -12.52 14.10 -3.22
C GLY D 57 -12.55 15.49 -3.85
N GLY D 58 -11.91 15.61 -5.01
CA GLY D 58 -11.68 16.88 -5.65
C GLY D 58 -10.34 17.47 -5.29
N ARG D 59 -10.23 18.80 -5.43
CA ARG D 59 -9.03 19.56 -5.09
C ARG D 59 -9.40 20.67 -4.12
N ASN D 60 -8.53 20.91 -3.13
CA ASN D 60 -8.73 21.87 -2.03
C ASN D 60 -8.29 23.28 -2.45
N ASN D 61 -8.29 24.22 -1.51
CA ASN D 61 -7.91 25.59 -1.81
C ASN D 61 -7.04 26.15 -0.70
N SER D 62 -6.60 27.40 -0.92
CA SER D 62 -5.52 28.17 -0.33
C SER D 62 -4.58 27.36 0.56
N PRO D 63 -4.12 27.96 1.69
CA PRO D 63 -2.72 27.80 2.10
C PRO D 63 -2.13 26.40 2.05
N ASP D 64 -0.80 26.31 2.05
CA ASP D 64 -0.04 25.05 2.02
C ASP D 64 0.09 24.49 0.62
N GLY D 65 -0.12 25.31 -0.41
CA GLY D 65 -0.46 24.77 -1.71
C GLY D 65 -1.93 24.35 -1.66
N ASN D 66 -2.52 24.06 -2.83
CA ASN D 66 -3.95 23.83 -2.84
C ASN D 66 -4.31 22.34 -2.86
N THR D 67 -3.53 21.48 -3.51
CA THR D 67 -3.55 20.04 -3.19
C THR D 67 -4.86 19.26 -3.40
N ASP D 68 -4.70 17.99 -3.81
CA ASP D 68 -5.80 17.10 -4.12
C ASP D 68 -6.39 16.46 -2.87
N SER D 69 -7.71 16.25 -2.90
CA SER D 69 -8.53 15.99 -1.72
C SER D 69 -8.83 14.52 -1.56
N SER D 70 -8.72 14.04 -0.33
CA SER D 70 -9.12 12.70 0.03
C SER D 70 -10.38 12.74 0.89
N ALA D 71 -10.98 13.93 0.97
CA ALA D 71 -12.06 14.26 1.90
C ALA D 71 -13.35 13.55 1.53
N LEU D 72 -14.01 13.01 2.56
CA LEU D 72 -15.40 12.59 2.42
C LEU D 72 -16.19 13.29 3.51
N ASP D 73 -17.10 14.15 3.12
CA ASP D 73 -17.95 14.88 4.08
C ASP D 73 -19.41 14.59 3.80
N CYS D 74 -20.17 14.53 4.88
CA CYS D 74 -21.58 14.16 4.92
C CYS D 74 -22.43 15.37 5.30
N TYR D 75 -23.41 15.73 4.47
CA TYR D 75 -24.33 16.84 4.75
C TYR D 75 -25.74 16.32 5.03
N ASN D 76 -26.34 16.73 6.16
CA ASN D 76 -27.68 16.27 6.53
C ASN D 76 -28.72 17.34 6.24
N PRO D 77 -29.64 17.17 5.28
CA PRO D 77 -30.58 18.27 5.00
C PRO D 77 -31.51 18.60 6.14
N MET D 78 -31.76 17.68 7.08
CA MET D 78 -32.51 18.01 8.29
C MET D 78 -31.83 19.10 9.08
N THR D 79 -30.50 18.98 9.26
CA THR D 79 -29.74 19.90 10.10
C THR D 79 -28.93 20.93 9.32
N ASN D 80 -28.98 20.90 7.98
CA ASN D 80 -28.16 21.80 7.15
C ASN D 80 -26.70 21.86 7.63
N GLN D 81 -26.16 20.73 8.11
CA GLN D 81 -24.79 20.70 8.62
C GLN D 81 -23.90 19.66 7.93
N TRP D 82 -22.67 20.06 7.56
CA TRP D 82 -21.65 19.12 7.08
C TRP D 82 -20.92 18.48 8.26
N SER D 83 -20.61 17.19 8.13
CA SER D 83 -19.81 16.53 9.17
C SER D 83 -18.73 15.68 8.52
N PRO D 84 -17.47 15.85 8.89
CA PRO D 84 -16.40 15.00 8.37
C PRO D 84 -16.63 13.51 8.60
N CYS D 85 -16.31 12.71 7.60
CA CYS D 85 -16.19 11.26 7.75
C CYS D 85 -14.73 10.82 7.50
N ALA D 86 -14.54 9.50 7.63
CA ALA D 86 -13.23 8.91 7.38
C ALA D 86 -12.78 9.19 5.95
N PRO D 87 -11.53 9.60 5.75
CA PRO D 87 -11.03 9.94 4.41
C PRO D 87 -10.65 8.71 3.58
N MET D 88 -10.64 8.92 2.28
CA MET D 88 -10.31 7.80 1.41
C MET D 88 -8.88 7.32 1.63
N SER D 89 -8.63 6.09 1.22
CA SER D 89 -7.28 5.59 1.15
C SER D 89 -6.32 6.68 0.67
N VAL D 90 -6.63 7.30 -0.47
CA VAL D 90 -5.70 8.19 -1.17
C VAL D 90 -6.46 9.41 -1.65
N PRO D 91 -5.79 10.45 -2.15
CA PRO D 91 -6.50 11.64 -2.65
C PRO D 91 -7.01 11.38 -4.07
N ARG D 92 -8.30 11.52 -4.28
CA ARG D 92 -8.88 11.30 -5.60
C ARG D 92 -9.49 12.60 -6.11
N ASN D 93 -8.77 13.30 -6.98
CA ASN D 93 -9.26 14.50 -7.63
C ASN D 93 -9.70 14.14 -9.04
N ARG D 94 -10.70 14.85 -9.56
CA ARG D 94 -11.34 14.46 -10.82
C ARG D 94 -11.84 13.02 -10.71
N ILE D 95 -12.75 12.83 -9.77
CA ILE D 95 -13.16 11.54 -9.30
C ILE D 95 -14.50 11.20 -9.94
N GLY D 96 -14.86 9.91 -9.89
CA GLY D 96 -16.22 9.48 -10.14
C GLY D 96 -16.70 8.64 -8.97
N VAL D 97 -18.01 8.72 -8.66
CA VAL D 97 -18.55 7.87 -7.61
C VAL D 97 -19.90 7.28 -7.97
N GLY D 98 -20.23 6.22 -7.22
CA GLY D 98 -21.47 5.52 -7.37
C GLY D 98 -21.86 4.88 -6.05
N VAL D 99 -23.13 4.57 -5.96
CA VAL D 99 -23.67 3.96 -4.77
C VAL D 99 -24.29 2.65 -5.19
N ILE D 100 -23.99 1.60 -4.43
CA ILE D 100 -24.60 0.28 -4.61
C ILE D 100 -24.93 -0.25 -3.25
N ASP D 101 -26.18 -0.68 -3.06
CA ASP D 101 -26.60 -1.24 -1.79
C ASP D 101 -26.03 -0.40 -0.64
N GLY D 102 -26.23 0.92 -0.78
CA GLY D 102 -25.94 1.88 0.28
C GLY D 102 -24.49 1.99 0.68
N HIS D 103 -23.56 1.69 -0.24
CA HIS D 103 -22.14 1.88 -0.06
C HIS D 103 -21.65 2.83 -1.14
N ILE D 104 -20.68 3.69 -0.81
CA ILE D 104 -20.13 4.62 -1.78
C ILE D 104 -18.87 4.01 -2.40
N TYR D 105 -18.79 4.09 -3.73
CA TYR D 105 -17.66 3.59 -4.50
C TYR D 105 -16.91 4.79 -5.06
N ALA D 106 -15.69 5.01 -4.57
CA ALA D 106 -14.85 6.05 -5.14
C ALA D 106 -13.97 5.40 -6.21
N VAL D 107 -14.10 5.83 -7.46
CA VAL D 107 -13.48 5.12 -8.57
C VAL D 107 -12.52 6.06 -9.29
N GLY D 108 -11.25 5.70 -9.34
CA GLY D 108 -10.31 6.44 -10.18
C GLY D 108 -9.90 7.76 -9.58
N GLY D 109 -9.73 8.77 -10.46
CA GLY D 109 -9.26 10.09 -10.09
C GLY D 109 -7.73 10.20 -9.97
N SER D 110 -7.27 11.42 -9.67
CA SER D 110 -5.84 11.75 -9.71
C SER D 110 -5.34 12.21 -8.35
N HIS D 111 -4.03 12.02 -8.10
CA HIS D 111 -3.34 12.63 -6.95
C HIS D 111 -2.13 13.37 -7.55
N GLY D 112 -2.30 14.68 -7.70
CA GLY D 112 -1.43 15.44 -8.58
C GLY D 112 -1.00 14.59 -9.76
N CYS D 113 0.26 14.18 -9.70
CA CYS D 113 0.86 13.40 -10.78
C CYS D 113 0.06 12.13 -11.06
N ILE D 114 -0.43 11.46 -10.01
CA ILE D 114 -0.88 10.06 -10.07
C ILE D 114 -2.25 9.98 -10.73
N HIS D 115 -2.40 9.02 -11.65
CA HIS D 115 -3.65 8.71 -12.33
C HIS D 115 -4.15 7.38 -11.79
N HIS D 116 -5.00 7.44 -10.76
CA HIS D 116 -5.47 6.26 -10.05
C HIS D 116 -6.19 5.23 -10.91
N ASN D 117 -5.93 3.96 -10.61
CA ASN D 117 -6.71 2.85 -11.11
C ASN D 117 -7.41 2.11 -9.99
N SER D 118 -7.08 2.43 -8.73
CA SER D 118 -7.70 1.80 -7.59
C SER D 118 -9.12 2.29 -7.41
N VAL D 119 -9.84 1.57 -6.55
CA VAL D 119 -11.25 1.80 -6.27
C VAL D 119 -11.49 1.41 -4.82
N GLU D 120 -12.20 2.25 -4.10
CA GLU D 120 -12.46 2.02 -2.69
C GLU D 120 -13.97 2.08 -2.47
N ARG D 121 -14.40 1.37 -1.44
CA ARG D 121 -15.80 1.30 -1.04
C ARG D 121 -15.89 1.82 0.38
N TYR D 122 -16.64 2.90 0.56
CA TYR D 122 -16.93 3.38 1.90
C TYR D 122 -18.23 2.74 2.41
N GLU D 123 -18.20 2.35 3.68
CA GLU D 123 -19.31 1.67 4.32
C GLU D 123 -19.86 2.55 5.45
N PRO D 124 -20.90 3.35 5.19
CA PRO D 124 -21.38 4.29 6.22
C PRO D 124 -21.57 3.71 7.61
N GLU D 125 -22.27 2.59 7.76
CA GLU D 125 -22.54 2.10 9.11
C GLU D 125 -21.27 1.91 9.93
N ARG D 126 -20.10 1.75 9.30
CA ARG D 126 -18.85 1.53 10.02
C ARG D 126 -17.87 2.68 9.90
N ASP D 127 -18.15 3.67 9.03
CA ASP D 127 -17.26 4.82 8.81
C ASP D 127 -15.86 4.38 8.39
N GLU D 128 -15.80 3.57 7.33
CA GLU D 128 -14.60 2.86 6.92
C GLU D 128 -14.56 2.76 5.41
N TRP D 129 -13.40 3.07 4.84
CA TRP D 129 -13.12 2.78 3.45
C TRP D 129 -12.29 1.52 3.39
N HIS D 130 -12.56 0.69 2.38
CA HIS D 130 -11.77 -0.47 2.05
C HIS D 130 -11.63 -0.45 0.54
N LEU D 131 -10.53 -1.01 0.05
CA LEU D 131 -10.33 -1.03 -1.39
C LEU D 131 -11.01 -2.25 -1.99
N VAL D 132 -11.22 -2.21 -3.30
CA VAL D 132 -11.78 -3.34 -4.04
C VAL D 132 -10.98 -3.53 -5.32
N ALA D 133 -11.45 -4.40 -6.18
CA ALA D 133 -10.69 -4.71 -7.39
C ALA D 133 -10.34 -3.46 -8.19
N PRO D 134 -9.08 -3.21 -8.51
CA PRO D 134 -8.73 -2.04 -9.33
C PRO D 134 -9.24 -2.18 -10.76
N MET D 135 -9.69 -1.07 -11.34
CA MET D 135 -10.13 -1.08 -12.73
C MET D 135 -9.03 -1.55 -13.67
N LEU D 136 -9.47 -1.98 -14.85
CA LEU D 136 -8.60 -2.40 -15.94
C LEU D 136 -7.71 -1.27 -16.43
N THR D 137 -8.16 -0.03 -16.27
CA THR D 137 -7.55 1.19 -16.79
C THR D 137 -7.27 2.12 -15.63
N ARG D 138 -6.30 3.02 -15.83
CA ARG D 138 -6.24 4.24 -15.03
C ARG D 138 -7.29 5.24 -15.55
N ARG D 139 -7.91 6.00 -14.66
CA ARG D 139 -8.99 6.87 -15.16
C ARG D 139 -9.19 8.08 -14.27
N ILE D 140 -8.89 9.25 -14.79
CA ILE D 140 -9.25 10.45 -14.08
C ILE D 140 -10.24 11.22 -14.94
N GLY D 141 -11.02 12.08 -14.31
CA GLY D 141 -12.12 12.69 -15.04
C GLY D 141 -13.09 11.65 -15.53
N VAL D 142 -13.29 10.57 -14.75
CA VAL D 142 -14.11 9.43 -15.13
C VAL D 142 -15.56 9.67 -14.71
N GLY D 143 -16.50 9.19 -15.53
CA GLY D 143 -17.93 9.30 -15.24
C GLY D 143 -18.41 7.93 -14.82
N VAL D 144 -19.28 7.87 -13.83
CA VAL D 144 -19.65 6.61 -13.21
C VAL D 144 -21.16 6.58 -13.06
N ALA D 145 -21.74 5.43 -13.39
CA ALA D 145 -23.17 5.23 -13.25
C ALA D 145 -23.40 3.82 -12.73
N VAL D 146 -24.41 3.64 -11.89
CA VAL D 146 -24.75 2.30 -11.43
C VAL D 146 -26.06 1.87 -12.08
N LEU D 147 -26.03 0.69 -12.66
CA LEU D 147 -27.19 0.11 -13.32
C LEU D 147 -27.27 -1.32 -12.82
N ASN D 148 -28.46 -1.74 -12.47
CA ASN D 148 -28.63 -3.12 -12.07
C ASN D 148 -27.55 -3.57 -11.06
N ARG D 149 -27.31 -2.74 -10.04
CA ARG D 149 -26.30 -2.99 -9.00
C ARG D 149 -24.96 -3.41 -9.63
N LEU D 150 -24.69 -2.87 -10.82
CA LEU D 150 -23.41 -3.01 -11.48
C LEU D 150 -22.87 -1.61 -11.74
N LEU D 151 -21.59 -1.40 -11.40
CA LEU D 151 -20.97 -0.08 -11.49
C LEU D 151 -20.25 0.04 -12.82
N TYR D 152 -20.42 1.18 -13.51
CA TYR D 152 -19.87 1.38 -14.84
C TYR D 152 -19.00 2.64 -14.89
N ALA D 153 -17.70 2.45 -15.15
CA ALA D 153 -16.73 3.54 -15.26
C ALA D 153 -16.54 3.89 -16.73
N VAL D 154 -16.65 5.16 -17.07
CA VAL D 154 -16.85 5.58 -18.45
C VAL D 154 -15.94 6.75 -18.71
N GLY D 155 -15.21 6.70 -19.82
CA GLY D 155 -14.33 7.77 -20.22
C GLY D 155 -13.12 7.97 -19.31
N GLY D 156 -12.50 9.13 -19.50
CA GLY D 156 -11.43 9.58 -18.64
C GLY D 156 -10.13 9.80 -19.42
N PHE D 157 -9.06 9.95 -18.64
CA PHE D 157 -7.71 10.17 -19.13
C PHE D 157 -6.81 9.30 -18.28
N ASP D 158 -5.94 8.51 -18.92
CA ASP D 158 -5.16 7.54 -18.17
C ASP D 158 -3.75 8.03 -17.88
N GLY D 159 -3.43 9.27 -18.22
CA GLY D 159 -2.09 9.79 -18.10
C GLY D 159 -1.40 9.96 -19.42
N THR D 160 -1.74 9.13 -20.42
CA THR D 160 -1.17 9.38 -21.74
C THR D 160 -2.25 9.40 -22.81
N ASN D 161 -3.36 8.72 -22.59
CA ASN D 161 -4.40 8.65 -23.59
C ASN D 161 -5.73 9.05 -23.00
N ARG D 162 -6.42 9.97 -23.66
CA ARG D 162 -7.83 10.19 -23.36
C ARG D 162 -8.62 8.98 -23.83
N LEU D 163 -9.63 8.57 -23.05
CA LEU D 163 -10.25 7.27 -23.23
C LEU D 163 -11.66 7.38 -23.77
N ASN D 164 -11.99 6.50 -24.69
CA ASN D 164 -13.38 6.29 -25.05
C ASN D 164 -13.90 4.96 -24.54
N SER D 165 -13.09 4.20 -23.82
CA SER D 165 -13.43 2.88 -23.30
C SER D 165 -14.21 2.98 -22.01
N ALA D 166 -14.84 1.86 -21.66
CA ALA D 166 -15.67 1.77 -20.46
C ALA D 166 -15.49 0.39 -19.87
N GLU D 167 -15.62 0.31 -18.56
CA GLU D 167 -15.56 -0.95 -17.83
C GLU D 167 -16.79 -1.04 -16.96
N CYS D 168 -17.07 -2.26 -16.51
CA CYS D 168 -18.20 -2.55 -15.65
C CYS D 168 -17.70 -3.36 -14.47
N TYR D 169 -18.13 -2.98 -13.28
CA TYR D 169 -17.69 -3.62 -12.05
C TYR D 169 -18.75 -4.56 -11.50
N TYR D 170 -18.30 -5.74 -11.03
CA TYR D 170 -19.20 -6.75 -10.50
C TYR D 170 -18.94 -6.83 -9.00
N PRO D 171 -19.69 -6.07 -8.20
CA PRO D 171 -19.44 -6.05 -6.74
C PRO D 171 -19.37 -7.42 -6.12
N GLU D 172 -20.27 -8.31 -6.54
CA GLU D 172 -20.41 -9.58 -5.82
C GLU D 172 -19.23 -10.48 -6.12
N ARG D 173 -18.77 -10.46 -7.37
CA ARG D 173 -17.57 -11.16 -7.80
C ARG D 173 -16.30 -10.38 -7.56
N ASN D 174 -16.39 -9.06 -7.41
CA ASN D 174 -15.24 -8.17 -7.31
C ASN D 174 -14.31 -8.33 -8.50
N GLU D 175 -14.82 -7.89 -9.66
CA GLU D 175 -14.04 -7.92 -10.90
C GLU D 175 -14.62 -6.97 -11.93
N TRP D 176 -13.77 -6.61 -12.90
CA TRP D 176 -14.08 -5.63 -13.93
C TRP D 176 -14.03 -6.29 -15.29
N ARG D 177 -14.97 -5.92 -16.15
CA ARG D 177 -14.95 -6.34 -17.55
C ARG D 177 -15.01 -5.09 -18.41
N MET D 178 -14.22 -5.03 -19.46
CA MET D 178 -14.40 -3.93 -20.40
C MET D 178 -15.70 -4.10 -21.17
N ILE D 179 -16.34 -2.99 -21.49
CA ILE D 179 -17.52 -3.01 -22.32
C ILE D 179 -17.19 -2.22 -23.60
N THR D 180 -18.11 -2.28 -24.55
CA THR D 180 -17.79 -1.72 -25.86
C THR D 180 -17.64 -0.21 -25.71
N ALA D 181 -16.58 0.33 -26.30
CA ALA D 181 -16.23 1.73 -26.08
C ALA D 181 -17.26 2.66 -26.70
N MET D 182 -17.07 3.94 -26.41
CA MET D 182 -17.94 4.98 -26.92
C MET D 182 -17.49 5.42 -28.30
N ASN D 183 -18.44 5.97 -29.05
CA ASN D 183 -18.12 6.59 -30.32
C ASN D 183 -17.09 7.69 -30.15
N THR D 184 -17.27 8.52 -29.13
CA THR D 184 -16.47 9.72 -28.92
C THR D 184 -15.53 9.52 -27.74
N ILE D 185 -14.31 10.04 -27.87
CA ILE D 185 -13.39 10.06 -26.73
C ILE D 185 -13.81 11.18 -25.79
N ARG D 186 -14.09 10.83 -24.52
CA ARG D 186 -14.63 11.76 -23.53
C ARG D 186 -13.84 11.70 -22.23
N SER D 187 -13.33 12.83 -21.80
CA SER D 187 -12.91 12.99 -20.43
C SER D 187 -13.76 14.09 -19.79
N GLY D 188 -13.92 14.03 -18.48
CA GLY D 188 -14.84 14.94 -17.82
C GLY D 188 -16.23 15.03 -18.42
N ALA D 189 -16.81 13.92 -18.89
CA ALA D 189 -18.19 13.96 -19.32
C ALA D 189 -19.15 13.73 -18.15
N GLY D 190 -20.47 13.94 -18.42
CA GLY D 190 -21.47 13.76 -17.41
C GLY D 190 -22.16 12.42 -17.65
N VAL D 191 -22.05 11.55 -16.68
CA VAL D 191 -22.48 10.16 -16.82
C VAL D 191 -23.59 9.91 -15.79
N CYS D 192 -24.80 9.59 -16.28
CA CYS D 192 -25.85 9.11 -15.41
C CYS D 192 -26.49 7.89 -16.03
N VAL D 193 -27.46 7.34 -15.30
CA VAL D 193 -28.30 6.24 -15.76
C VAL D 193 -29.77 6.69 -15.78
N LEU D 194 -30.46 6.43 -16.90
CA LEU D 194 -31.88 6.75 -17.04
C LEU D 194 -32.56 5.67 -17.87
N HIS D 195 -33.65 5.11 -17.33
CA HIS D 195 -34.45 4.10 -18.04
C HIS D 195 -33.54 3.04 -18.66
N ASN D 196 -32.64 2.51 -17.83
CA ASN D 196 -31.79 1.36 -18.16
C ASN D 196 -30.81 1.62 -19.30
N CYS D 197 -30.46 2.87 -19.55
CA CYS D 197 -29.26 3.15 -20.32
C CYS D 197 -28.36 4.11 -19.55
N ILE D 198 -27.08 4.03 -19.90
CA ILE D 198 -26.02 4.83 -19.31
C ILE D 198 -25.72 5.98 -20.24
N TYR D 199 -25.94 7.20 -19.75
CA TYR D 199 -25.78 8.38 -20.58
C TYR D 199 -24.38 8.97 -20.37
N ALA D 200 -23.69 9.21 -21.48
CA ALA D 200 -22.44 9.97 -21.52
C ALA D 200 -22.78 11.30 -22.18
N ALA D 201 -22.87 12.37 -21.41
CA ALA D 201 -23.17 13.69 -21.94
C ALA D 201 -21.95 14.60 -21.80
N GLY D 202 -21.57 15.27 -22.90
CA GLY D 202 -20.49 16.26 -22.92
C GLY D 202 -19.11 15.67 -22.67
N GLY D 203 -18.18 16.54 -22.29
CA GLY D 203 -16.80 16.16 -21.99
C GLY D 203 -15.85 16.77 -23.01
N TYR D 204 -14.57 16.42 -22.88
CA TYR D 204 -13.49 16.85 -23.77
C TYR D 204 -12.96 15.65 -24.54
N ASP D 205 -12.85 15.77 -25.87
CA ASP D 205 -12.41 14.69 -26.75
C ASP D 205 -10.92 14.74 -27.09
N GLY D 206 -10.18 15.68 -26.55
CA GLY D 206 -8.79 15.91 -26.90
C GLY D 206 -8.60 17.17 -27.70
N GLN D 207 -9.61 17.59 -28.46
CA GLN D 207 -9.50 18.83 -29.22
C GLN D 207 -10.42 19.92 -28.69
N ASP D 208 -11.69 19.62 -28.39
CA ASP D 208 -12.57 20.64 -27.79
C ASP D 208 -13.67 19.97 -26.95
N GLN D 209 -14.45 20.82 -26.27
CA GLN D 209 -15.58 20.38 -25.46
C GLN D 209 -16.72 19.87 -26.32
N LEU D 210 -17.32 18.76 -25.89
CA LEU D 210 -18.38 18.14 -26.66
C LEU D 210 -19.74 18.71 -26.28
N ASN D 211 -20.67 18.65 -27.21
CA ASN D 211 -22.05 18.86 -26.89
C ASN D 211 -22.88 17.67 -27.29
N SER D 212 -22.23 16.62 -27.78
CA SER D 212 -22.89 15.39 -28.19
C SER D 212 -23.08 14.48 -27.00
N VAL D 213 -24.29 13.93 -26.84
CA VAL D 213 -24.54 12.94 -25.80
C VAL D 213 -24.92 11.60 -26.43
N GLU D 214 -24.41 10.51 -25.88
CA GLU D 214 -24.60 9.17 -26.39
C GLU D 214 -24.93 8.23 -25.24
N ARG D 215 -25.87 7.31 -25.47
CA ARG D 215 -26.31 6.41 -24.42
C ARG D 215 -26.01 4.96 -24.77
N TYR D 216 -25.73 4.19 -23.74
CA TYR D 216 -25.39 2.78 -23.86
C TYR D 216 -26.56 1.96 -23.39
N ASP D 217 -27.08 1.11 -24.27
CA ASP D 217 -28.12 0.17 -23.91
C ASP D 217 -27.48 -1.14 -23.52
N VAL D 218 -27.79 -1.63 -22.31
CA VAL D 218 -27.10 -2.84 -21.87
C VAL D 218 -27.64 -4.05 -22.60
N GLU D 219 -28.93 -4.04 -23.01
CA GLU D 219 -29.46 -5.09 -23.88
C GLU D 219 -28.68 -5.17 -25.20
N THR D 220 -28.83 -4.14 -26.04
CA THR D 220 -28.06 -3.98 -27.28
C THR D 220 -26.54 -4.06 -27.07
N GLU D 221 -26.03 -3.70 -25.89
CA GLU D 221 -24.59 -3.43 -25.72
C GLU D 221 -24.05 -2.54 -26.83
N THR D 222 -24.81 -1.52 -27.22
CA THR D 222 -24.28 -0.57 -28.18
C THR D 222 -24.51 0.86 -27.72
N TRP D 223 -23.56 1.73 -28.05
CA TRP D 223 -23.67 3.17 -27.82
C TRP D 223 -24.36 3.82 -29.00
N THR D 224 -25.34 4.65 -28.73
CA THR D 224 -26.09 5.34 -29.78
C THR D 224 -26.25 6.80 -29.41
N PHE D 225 -25.85 7.68 -30.32
CA PHE D 225 -26.06 9.09 -30.09
C PHE D 225 -27.54 9.41 -29.90
N VAL D 226 -27.79 10.53 -29.23
CA VAL D 226 -29.11 11.13 -29.09
C VAL D 226 -28.94 12.62 -29.23
N ALA D 227 -29.97 13.36 -28.85
CA ALA D 227 -29.99 14.77 -29.19
C ALA D 227 -28.90 15.52 -28.42
N PRO D 228 -28.05 16.29 -29.08
CA PRO D 228 -26.99 16.98 -28.35
C PRO D 228 -27.57 18.09 -27.48
N MET D 229 -26.79 18.48 -26.48
CA MET D 229 -27.11 19.66 -25.69
C MET D 229 -26.85 20.91 -26.52
N LYS D 230 -27.46 22.03 -26.10
CA LYS D 230 -27.25 23.24 -26.87
C LYS D 230 -25.96 23.94 -26.49
N HIS D 231 -25.45 23.70 -25.29
CA HIS D 231 -24.18 24.26 -24.86
C HIS D 231 -23.14 23.15 -24.75
N ARG D 232 -22.04 23.27 -25.50
CA ARG D 232 -20.89 22.38 -25.28
C ARG D 232 -20.40 22.55 -23.85
N ARG D 233 -20.21 21.44 -23.15
CA ARG D 233 -19.69 21.58 -21.79
C ARG D 233 -18.80 20.40 -21.42
N SER D 234 -17.84 20.69 -20.56
CA SER D 234 -16.89 19.75 -20.00
C SER D 234 -16.86 19.95 -18.48
N ALA D 235 -16.54 18.90 -17.74
CA ALA D 235 -16.62 18.92 -16.27
C ALA D 235 -17.95 19.51 -15.79
N LEU D 236 -19.05 18.95 -16.31
CA LEU D 236 -20.41 19.33 -15.94
C LEU D 236 -20.93 18.44 -14.82
N GLY D 237 -21.86 19.00 -14.05
CA GLY D 237 -22.62 18.20 -13.11
C GLY D 237 -23.81 17.53 -13.78
N ILE D 238 -24.19 16.35 -13.30
CA ILE D 238 -25.32 15.66 -13.93
C ILE D 238 -26.04 14.83 -12.89
N THR D 239 -27.38 14.86 -12.96
CA THR D 239 -28.24 14.02 -12.14
C THR D 239 -29.56 13.76 -12.86
N VAL D 240 -30.27 12.74 -12.41
CA VAL D 240 -31.60 12.42 -12.92
C VAL D 240 -32.60 12.75 -11.84
N HIS D 241 -33.68 13.41 -12.22
CA HIS D 241 -34.73 13.80 -11.29
C HIS D 241 -36.06 13.68 -12.01
N GLN D 242 -36.99 12.91 -11.43
CA GLN D 242 -38.29 12.61 -12.07
C GLN D 242 -38.11 12.27 -13.54
N GLY D 243 -37.33 11.23 -13.81
CA GLY D 243 -37.23 10.75 -15.17
C GLY D 243 -36.66 11.70 -16.22
N ARG D 244 -36.14 12.88 -15.83
CA ARG D 244 -35.40 13.67 -16.79
C ARG D 244 -33.97 13.91 -16.31
N ILE D 245 -33.05 14.11 -17.30
CA ILE D 245 -31.64 14.37 -17.05
C ILE D 245 -31.41 15.87 -16.90
N TYR D 246 -30.68 16.24 -15.86
CA TYR D 246 -30.22 17.61 -15.65
C TYR D 246 -28.69 17.66 -15.69
N VAL D 247 -28.14 18.55 -16.53
CA VAL D 247 -26.72 18.88 -16.54
C VAL D 247 -26.57 20.33 -16.11
N LEU D 248 -25.66 20.59 -15.17
CA LEU D 248 -25.44 21.91 -14.60
C LEU D 248 -24.02 22.38 -14.87
N GLY D 249 -23.87 23.49 -15.60
CA GLY D 249 -22.55 24.10 -15.65
C GLY D 249 -21.49 23.38 -16.48
N GLY D 250 -20.24 23.57 -16.08
CA GLY D 250 -19.09 23.09 -16.82
C GLY D 250 -18.36 24.22 -17.53
N TYR D 251 -17.25 23.87 -18.19
CA TYR D 251 -16.47 24.78 -19.02
C TYR D 251 -16.75 24.47 -20.49
N ASP D 252 -17.05 25.50 -21.27
CA ASP D 252 -17.44 25.30 -22.66
C ASP D 252 -16.30 25.58 -23.63
N GLY D 253 -15.07 25.64 -23.13
CA GLY D 253 -13.96 26.08 -23.91
C GLY D 253 -13.60 27.54 -23.72
N HIS D 254 -14.54 28.37 -23.29
CA HIS D 254 -14.28 29.81 -23.15
C HIS D 254 -14.85 30.36 -21.84
N THR D 255 -16.05 29.92 -21.44
CA THR D 255 -16.76 30.44 -20.29
C THR D 255 -17.11 29.32 -19.32
N PHE D 256 -17.17 29.65 -18.03
CA PHE D 256 -17.71 28.71 -17.05
C PHE D 256 -19.23 28.86 -17.02
N LEU D 257 -19.95 27.91 -17.62
CA LEU D 257 -21.39 28.02 -17.79
C LEU D 257 -22.16 28.02 -16.48
N ASP D 258 -23.19 28.86 -16.43
CA ASP D 258 -24.20 28.78 -15.39
C ASP D 258 -25.46 28.08 -15.88
N SER D 259 -25.53 27.76 -17.18
CA SER D 259 -26.70 27.16 -17.77
C SER D 259 -27.01 25.80 -17.12
N VAL D 260 -28.31 25.48 -17.02
CA VAL D 260 -28.76 24.16 -16.58
C VAL D 260 -29.71 23.62 -17.64
N GLU D 261 -29.31 22.57 -18.34
CA GLU D 261 -30.13 22.00 -19.40
C GLU D 261 -30.79 20.70 -18.97
N CYS D 262 -32.01 20.47 -19.48
CA CYS D 262 -32.81 19.34 -19.10
C CYS D 262 -33.18 18.52 -20.32
N TYR D 263 -33.09 17.20 -20.18
CA TYR D 263 -33.34 16.27 -21.26
C TYR D 263 -34.62 15.52 -21.01
N ASP D 264 -35.49 15.49 -22.02
CA ASP D 264 -36.64 14.63 -21.96
C ASP D 264 -36.36 13.43 -22.86
N PRO D 265 -36.27 12.23 -22.29
CA PRO D 265 -36.09 11.05 -23.15
C PRO D 265 -37.27 10.83 -24.07
N ASP D 266 -38.50 11.08 -23.57
CA ASP D 266 -39.72 10.85 -24.34
C ASP D 266 -39.69 11.60 -25.66
N THR D 267 -39.28 12.85 -25.64
CA THR D 267 -39.27 13.68 -26.83
C THR D 267 -37.89 13.80 -27.48
N ASP D 268 -36.83 13.24 -26.88
CA ASP D 268 -35.45 13.46 -27.30
C ASP D 268 -35.18 14.94 -27.55
N THR D 269 -35.34 15.75 -26.51
CA THR D 269 -35.08 17.19 -26.59
C THR D 269 -34.39 17.69 -25.32
N TRP D 270 -33.61 18.76 -25.49
CA TRP D 270 -32.95 19.43 -24.37
C TRP D 270 -33.63 20.78 -24.15
N SER D 271 -33.89 21.13 -22.92
CA SER D 271 -34.48 22.43 -22.61
C SER D 271 -33.57 23.14 -21.61
N GLU D 272 -33.44 24.46 -21.76
CA GLU D 272 -32.73 25.24 -20.75
C GLU D 272 -33.75 25.63 -19.69
N VAL D 273 -33.74 24.89 -18.58
CA VAL D 273 -34.76 25.05 -17.55
C VAL D 273 -34.41 26.15 -16.57
N THR D 274 -33.13 26.41 -16.35
CA THR D 274 -32.76 27.36 -15.30
C THR D 274 -31.28 27.71 -15.44
N ARG D 275 -30.81 28.64 -14.60
CA ARG D 275 -29.42 29.05 -14.55
C ARG D 275 -28.94 28.97 -13.11
N MET D 276 -27.67 28.71 -12.93
CA MET D 276 -27.18 28.71 -11.57
C MET D 276 -26.88 30.13 -11.11
N THR D 277 -26.87 30.32 -9.79
CA THR D 277 -26.64 31.67 -9.28
C THR D 277 -25.37 32.24 -9.87
N SER D 278 -24.28 31.50 -9.77
CA SER D 278 -23.01 31.84 -10.42
C SER D 278 -22.66 30.70 -11.36
N GLY D 279 -22.08 31.04 -12.52
CA GLY D 279 -21.59 30.02 -13.43
C GLY D 279 -20.34 29.36 -12.88
N ARG D 280 -20.24 28.05 -13.06
CA ARG D 280 -19.17 27.29 -12.42
C ARG D 280 -18.99 25.98 -13.13
N SER D 281 -18.01 25.22 -12.68
CA SER D 281 -17.72 23.95 -13.30
C SER D 281 -17.04 23.08 -12.27
N GLY D 282 -17.07 21.77 -12.52
CA GLY D 282 -16.41 20.87 -11.59
C GLY D 282 -17.18 20.71 -10.30
N VAL D 283 -18.51 20.74 -10.37
CA VAL D 283 -19.35 20.62 -9.17
C VAL D 283 -19.60 19.13 -8.91
N GLY D 284 -20.16 18.83 -7.74
CA GLY D 284 -20.77 17.53 -7.46
C GLY D 284 -22.28 17.68 -7.32
N VAL D 285 -23.02 16.67 -7.75
CA VAL D 285 -24.47 16.77 -7.86
C VAL D 285 -25.09 15.50 -7.29
N ALA D 286 -26.27 15.66 -6.70
CA ALA D 286 -27.01 14.53 -6.13
C ALA D 286 -28.44 15.02 -5.89
N VAL D 287 -29.30 14.11 -5.44
CA VAL D 287 -30.72 14.37 -5.34
C VAL D 287 -31.26 13.69 -4.10
N THR D 288 -32.07 14.40 -3.35
CA THR D 288 -32.61 13.79 -2.17
C THR D 288 -33.69 14.70 -1.65
C10 GFD E . 6.31 -13.57 8.43
C10 GFD E . 8.44 -15.06 8.95
N12 GFD E . 7.80 -17.37 11.29
N12 GFD E . 3.58 -14.02 9.17
C13 GFD E . 3.11 -12.89 10.29
C13 GFD E . 8.95 -17.52 11.58
C17 GFD E . 6.74 -19.81 10.35
C17 GFD E . 1.67 -15.91 8.17
C22 GFD E . 1.69 -15.79 8.21
C22 GFD E . 6.54 -20.10 9.96
C24 GFD E . 1.37 -18.18 8.45
C24 GFD E . 5.62 -21.81 11.42
C26 GFD E . -0.48 -16.69 8.80
C26 GFD E . 4.32 -20.96 9.60
C28 GFD E . 6.65 -20.74 11.39
C28 GFD E . 0.47 -15.73 8.87
C01 GFD E . 4.45 -15.79 10.73
C01 GFD E . 5.63 -16.88 10.49
C02 GFD E . 5.48 -16.62 11.19
C02 GFD E . 4.58 -16.02 10.17
C03 GFD E . 6.78 -16.43 10.75
C03 GFD E . 4.80 -14.84 9.48
C04 GFD E . 7.05 -15.41 9.81
C04 GFD E . 6.10 -14.54 9.07
C05 GFD E . 6.03 -14.58 9.35
C05 GFD E . 7.16 -15.39 9.37
C06 GFD E . 4.72 -14.77 9.81
C06 GFD E . 6.93 -16.56 10.12
C07 GFD E . 8.34 -15.27 9.38
C07 GFD E . 6.27 -13.39 8.37
C08 GFD E . 8.63 -14.26 8.47
C08 GFD E . 7.54 -13.04 7.95
C09 GFD E . 7.63 -13.42 7.99
C09 GFD E . 8.62 -13.86 8.23
C16 GFD E . 8.33 -17.32 12.64
C16 GFD E . 3.06 -13.06 10.17
C23 GFD E . 2.20 -17.09 8.17
C23 GFD E . 6.67 -20.96 11.06
C25 GFD E . 0.04 -17.98 8.75
C25 GFD E . 4.44 -21.82 10.69
C27 GFD E . 0.35 -15.60 8.54
C27 GFD E . 5.37 -20.10 9.23
C29 GFD E . 5.55 -21.58 11.47
C29 GFD E . -0.31 -16.82 9.23
C30 GFD E . 4.53 -21.50 10.52
C30 GFD E . 0.08 -18.11 8.91
C31 GFD E . 4.62 -20.59 9.50
C31 GFD E . 1.27 -18.29 8.23
C32 GFD E . 5.73 -19.73 9.40
C32 GFD E . 2.06 -17.20 7.86
C35 GFD E . 2.98 -11.49 9.68
C35 GFD E . 8.78 -16.40 12.61
C38 GFD E . 8.97 -15.96 12.98
C38 GFD E . 3.37 -11.58 9.97
C41 GFD E . -1.77 -18.82 10.02
C41 GFD E . 2.78 -22.48 12.33
N11 GFD E . 3.58 -13.93 9.36
N11 GFD E . 7.97 -17.58 10.46
N33 GFD E . 3.37 -22.41 10.62
N33 GFD E . -0.75 -19.27 9.29
N36 GFD E . 2.08 -10.52 10.30
N36 GFD E . 7.51 -16.19 13.27
N40 GFD E . 10.43 -15.86 13.04
N40 GFD E . 3.81 -11.12 8.64
O18 GFD E . 9.47 -19.34 10.65
O18 GFD E . 3.60 -14.84 6.61
O19 GFD E . 8.52 -18.28 8.88
O19 GFD E . 1.95 -13.33 7.16
O20 GFD E . 2.05 -13.21 7.29
O20 GFD E . 7.81 -18.69 8.01
O21 GFD E . 3.74 -14.67 6.80
O21 GFD E . 9.24 -19.67 9.47
O34 GFD E . -0.81 -19.08 9.03
O34 GFD E . 3.38 -22.69 11.07
O37 GFD E . 3.62 -11.20 8.74
O37 GFD E . 9.70 -15.72 12.92
O39 GFD E . 8.28 -15.02 13.20
O39 GFD E . 3.25 -10.82 10.89
S14 GFD E . 2.79 -14.35 7.87
S14 GFD E . 7.94 -18.99 9.45
S15 GFD E . 8.21 -18.70 10.26
S15 GFD E . 2.73 -14.46 7.70
H101 GFD E . 5.52 -12.92 8.07
H101 GFD E . 9.28 -15.70 9.17
H132 GFD E . 3.80 -12.83 11.12
H132 GFD E . 8.89 -18.46 12.09
H131 GFD E . 2.13 -13.17 10.67
H131 GFD E . 9.93 -17.42 11.14
H241 GFD E . 1.77 -19.18 8.41
H241 GFD E . 5.73 -22.47 12.26
H261 GFD E . -1.52 -16.53 9.04
H261 GFD E . 3.40 -20.96 9.01
H281 GFD E . 7.43 -20.79 12.14
H281 GFD E . 0.15 -14.72 9.14
H011 GFD E . 3.44 -15.93 11.09
H011 GFD E . 5.44 -17.80 11.04
H021 GFD E . 5.26 -17.41 11.90
H021 GFD E . 3.58 -16.27 10.48
H071 GFD E . 9.13 -15.92 9.75
H071 GFD E . 5.42 -12.75 8.16
H081 GFD E . 9.66 -14.13 8.12
H081 GFD E . 7.69 -12.12 7.39
H091 GFD E . 7.87 -12.63 7.27
H091 GFD E . 9.62 -13.58 7.90
H161 GFD E . 9.09 -18.09 12.75
H161 GFD E . 3.45 -13.35 11.14
H162 GFD E . 7.52 -17.50 13.34
H162 GFD E . 1.97 -13.16 10.18
H231 GFD E . 3.24 -17.25 7.93
H231 GFD E . 7.59 -20.96 11.63
H271 GFD E . -0.05 -14.59 8.57
H271 GFD E . 5.25 -19.44 8.38
H291 GFD E . 5.48 -22.30 12.28
H291 GFD E . -1.24 -16.66 9.77
H311 GFD E . 3.83 -20.53 8.76
H311 GFD E . 1.59 -19.29 7.98
H321 GFD E . 5.79 -19.01 8.61
H321 GFD E . 2.99 -17.36 7.33
H411 GFD E . -2.59 -18.26 9.58
H411 GFD E . 1.84 -23.03 12.38
H412 GFD E . -1.31 -18.24 10.82
H412 GFD E . 2.60 -21.42 12.46
H413 GFD E . -2.14 -19.76 10.42
H413 GFD E . 3.45 -22.83 13.11
H331 GFD E . 2.85 -22.66 9.80
H331 GFD E . -1.69 -19.13 9.60
H332 GFD E . 3.10 -22.79 11.51
H332 GFD E . -0.38 -20.20 9.22
H362 GFD E . 2.00 -9.61 9.92
H362 GFD E . 7.43 -15.46 13.95
H361 GFD E . 1.54 -10.78 11.11
H361 GFD E . 6.72 -16.76 13.05
H402 GFD E . 10.99 -16.67 12.85
H402 GFD E . 4.02 -10.16 8.48
H401 GFD E . 10.87 -14.99 13.26
H401 GFD E . 3.90 -11.78 7.89
C10 GFD F . -1.36 -26.91 21.95
C10 GFD F . -3.50 -27.08 20.59
N12 GFD F . -3.28 -26.46 17.34
N12 GFD F . 1.44 -26.54 20.94
C13 GFD F . 1.77 -25.12 21.32
C13 GFD F . -4.28 -25.71 17.38
C17 GFD F . -2.23 -28.39 15.58
C17 GFD F . 3.25 -28.34 19.57
C22 GFD F . 3.23 -28.26 19.61
C22 GFD F . -2.17 -28.67 15.75
C24 GFD F . 3.36 -29.05 17.32
C24 GFD F . -1.09 -28.46 13.60
C26 GFD F . 5.33 -28.23 18.44
C26 GFD F . 0.04 -29.60 15.39
C28 GFD F . -2.16 -27.88 14.29
C28 GFD F . 4.57 -27.96 19.41
C01 GFD F . 0.22 -26.28 18.68
C01 GFD F . -0.93 -26.57 18.00
C02 GFD F . -0.89 -26.27 17.84
C02 GFD F . 0.22 -26.51 18.79
C03 GFD F . -2.17 -26.46 18.36
C03 GFD F . 0.15 -26.63 20.19
C04 GFD F . -2.31 -26.69 19.74
C04 GFD F . -1.12 -26.82 20.77
C05 GFD F . -1.19 -26.70 20.58
C05 GFD F . -2.27 -26.89 19.97
C06 GFD F . 0.09 -26.49 20.05
C06 GFD F . -2.17 -26.74 18.58
C07 GFD F . -3.58 -26.89 20.22
C07 GFD F . -1.16 -26.94 22.13
C08 GFD F . -3.75 -27.11 21.58
C08 GFD F . -2.39 -27.12 22.75
C09 GFD F . -2.65 -27.12 22.45
C09 GFD F . -3.56 -27.19 21.98
C16 GFD F . -3.93 -25.27 16.80
C16 GFD F . 1.98 -25.24 21.37
C23 GFD F . 2.60 -28.79 18.48
C23 GFD F . -2.18 -28.22 14.42
C25 GFD F . 4.71 -28.77 17.30
C25 GFD F . 0.02 -29.15 14.07
C27 GFD F . 4.59 -27.97 19.59
C27 GFD F . -1.05 -29.35 16.23
C29 GFD F . -1.06 -28.16 13.48
C29 GFD F . 5.22 -28.22 18.21
C30 GFD F . -0.03 -28.96 13.95
C30 GFD F . 4.54 -28.87 17.17
C31 GFD F . -0.08 -29.47 15.23
C31 GFD F . 3.23 -29.25 17.33
C32 GFD F . -1.17 -29.18 16.06
C32 GFD F . 2.57 -28.99 18.53
C35 GFD F . 2.15 -24.98 22.79
C35 GFD F . -3.87 -24.46 18.15
C38 GFD F . -4.13 -24.20 17.86
C38 GFD F . 1.80 -24.89 22.86
C41 GFD F . 6.48 -28.08 15.95
C41 GFD F . 1.90 -28.27 12.95
N11 GFD F . 1.34 -26.46 20.86
N11 GFD F . -3.37 -26.83 17.67
N33 GFD F . 1.12 -29.26 13.09
N33 GFD F . 5.24 -29.15 15.91
N36 GFD F . 3.00 -23.87 23.21
N36 GFD F . -2.74 -23.69 17.66
N40 GFD F . -5.46 -23.99 18.41
N40 GFD F . 1.52 -25.93 23.85
O18 GFD F . -4.97 -27.98 15.97
O18 GFD F . 1.53 -29.12 21.58
O19 GFD F . -3.93 -29.03 17.68
O19 GFD F . 3.34 -27.87 22.26
O20 GFD F . 3.14 -27.81 22.28
O20 GFD F . -3.72 -29.38 17.92
O21 GFD F . 1.37 -29.05 21.48
O21 GFD F . -4.93 -28.45 16.24
O34 GFD F . 5.47 -29.02 16.15
O34 GFD F . 1.13 -29.41 13.24
O37 GFD F . 1.75 -25.75 23.60
O37 GFD F . -4.47 -24.13 19.10
O39 GFD F . -3.19 -23.56 18.21
O39 GFD F . 1.90 -23.75 23.20
S14 GFD F . 2.25 -27.91 21.13
S14 GFD F . -3.60 -28.35 16.89
S15 GFD F . -3.68 -27.99 16.66
S15 GFD F . 2.37 -28.00 21.16
H101 GFD F . -0.50 -26.92 22.61
H101 GFD F . -4.41 -27.13 19.99
H132 GFD F . 0.97 -24.43 21.11
H132 GFD F . -4.26 -25.50 16.33
H131 GFD F . 2.64 -24.84 20.73
H131 GFD F . -5.27 -25.99 17.68
H241 GFD F . 2.87 -29.46 16.45
H241 GFD F . -1.11 -28.12 12.56
H261 GFD F . 6.40 -28.01 18.42
H261 GFD F . 0.91 -30.13 15.77
H281 GFD F . -2.96 -27.25 13.91
H281 GFD F . 5.09 -27.45 20.21
H011 GFD F . 1.22 -26.11 18.26
H011 GFD F . -0.84 -26.48 16.92
H021 GFD F . -0.75 -26.11 16.78
H021 GFD F . 1.19 -26.36 18.33
H071 GFD F . -4.43 -26.89 19.55
H071 GFD F . -0.25 -26.89 22.72
H081 GFD F . -4.75 -27.27 21.98
H081 GFD F . -2.44 -27.23 23.83
H091 GFD F . -2.80 -27.29 23.52
H091 GFD F . -4.52 -27.35 22.48
H161 GFD F . -4.90 -25.56 16.40
H161 GFD F . 1.50 -24.47 20.77
H162 GFD F . -3.32 -24.87 15.99
H162 GFD F . 3.05 -25.24 21.15
H231 GFD F . 1.54 -29.02 18.50
H231 GFD F . -3.04 -27.68 14.04
H271 GFD F . 5.07 -27.55 20.46
H271 GFD F . -1.03 -29.70 17.25
H291 GFD F . -1.02 -27.77 12.48
H291 GFD F . 6.25 -27.93 18.08
H311 GFD F . 0.72 -30.09 15.61
H311 GFD F . 2.71 -29.76 16.52
H321 GFD F . -1.21 -29.57 17.05
H321 GFD F . 1.55 -29.29 18.66
H411 GFD F . 7.32 -28.31 16.61
H411 GFD F . 2.85 -28.57 12.52
H412 GFD F . 6.11 -27.08 16.18
H412 GFD F . 2.08 -27.72 13.86
H413 GFD F . 6.82 -28.11 14.91
H413 GFD F . 1.36 -27.64 12.24
H331 GFD F . 1.45 -30.20 13.02
H331 GFD F . 6.18 -28.83 15.78
H332 GFD F . 1.55 -28.53 12.55
H332 GFD F . 4.76 -29.67 15.18
H362 GFD F . 3.24 -23.78 24.17
H362 GFD F . -2.45 -22.86 18.14
H361 GFD F . 3.35 -23.21 22.53
H361 GFD F . -2.25 -23.99 16.84
H402 GFD F . -6.22 -24.56 18.08
H402 GFD F . 1.40 -25.69 24.81
H401 GFD F . -5.63 -23.29 19.11
H401 GFD F . 1.44 -26.89 23.55
C34 A1EMM G . -3.14 25.42 -12.14
C35 A1EMM G . -4.71 25.57 -12.21
C37 A1EMM G . -5.30 25.72 -13.64
C39 A1EMM G . -7.11 24.56 -14.89
C40 A1EMM G . -7.29 23.10 -15.45
C42 A1EMM G . -7.60 21.94 -17.55
C43 A1EMM G . -6.72 20.71 -17.92
C45 A1EMM G . -5.35 22.19 -19.22
C46 A1EMM G . -5.95 23.28 -20.16
C48 A1EMM G . -7.44 25.20 -20.01
C49 A1EMM G . -8.62 24.23 -20.30
C50 A1EMM G . -8.89 23.80 -21.77
O36 A1EMM G . -2.67 25.21 -11.08
O38 A1EMM G . -6.13 24.55 -13.84
O41 A1EMM G . -6.91 22.95 -16.82
O44 A1EMM G . -6.16 21.01 -19.19
O47 A1EMM G . -6.37 24.43 -19.39
O61 A1EMM G . -8.54 24.53 -22.66
C06 A1EMM G . 6.21 23.03 -18.39
N12 A1EMM G . 4.23 23.08 -13.78
C53 A1EMM G . 4.50 20.67 -20.26
C16 A1EMM G . 2.09 25.08 -13.32
C15 A1EMM G . 1.17 23.24 -19.87
C24 A1EMM G . -0.48 24.31 -18.47
C22 A1EMM G . -1.13 22.51 -19.92
C30 A1EMM G . 1.39 25.14 -12.11
C09 A1EMM G . 2.91 21.74 -17.18
C08 A1EMM G . 3.01 22.07 -15.79
C07 A1EMM G . 4.15 22.68 -15.27
C04 A1EMM G . 5.23 23.01 -16.17
C05 A1EMM G . 5.13 22.70 -17.52
C10 A1EMM G . 3.96 22.04 -18.06
C03 A1EMM G . 6.38 23.65 -15.65
C02 A1EMM G . 7.43 23.97 -16.51
C01 A1EMM G . 7.33 23.65 -17.88
C57 A1EMM G . 4.48 22.08 -12.71
C25 A1EMM G . 0.84 24.21 -18.92
C23 A1EMM G . -1.47 23.47 -18.98
C21 A1EMM G . 0.18 22.39 -20.36
C29 A1EMM G . -0.02 25.29 -12.09
C28 A1EMM G . -0.75 25.38 -13.28
C27 A1EMM G . -0.04 25.30 -14.49
C26 A1EMM G . 1.35 25.17 -14.52
C54 A1EMM G . 4.32 19.42 -19.39
C58 A1EMM G . 5.75 22.47 -11.99
C32 A1EMM G . -2.95 24.16 -17.29
N11 A1EMM G . 3.84 21.81 -19.54
N33 A1EMM G . -2.23 25.53 -13.33
N55 A1EMM G . 2.99 19.13 -18.82
N59 A1EMM G . 7.02 22.46 -12.71
O18 A1EMM G . 4.46 25.63 -14.53
O17 A1EMM G . 4.64 25.42 -12.27
O20 A1EMM G . 3.38 24.47 -20.26
O19 A1EMM G . 3.02 22.91 -21.87
O31 A1EMM G . -2.80 23.56 -18.54
O56 A1EMM G . 5.25 18.71 -19.19
O60 A1EMM G . 5.69 22.80 -10.85
S14 A1EMM G . 2.92 23.09 -20.43
S13 A1EMM G . 3.95 24.83 -13.44
C80 A1EMM G . -12.91 18.75 -12.99
N68 A1EMM G . -10.73 17.39 -17.22
C93 A1EMM G . -10.60 21.26 -11.37
C64 A1EMM G . -10.99 19.42 -19.67
C83 A1EMM G . -11.89 23.43 -14.21
C87 A1EMM G . -11.55 24.12 -16.48
C89 A1EMM G . -10.40 25.26 -14.69
C63 A1EMM G . -10.30 19.16 -20.83
C75 A1EMM G . -10.11 20.37 -14.79
C76 A1EMM G . -9.95 19.48 -15.92
C71 A1EMM G . -10.76 18.34 -16.05
C72 A1EMM G . -11.78 18.14 -15.02
C73 A1EMM G . -11.92 19.00 -13.97
C74 A1EMM G . -11.07 20.15 -13.79
C77 A1EMM G . -12.60 17.01 -15.18
C78 A1EMM G . -13.57 16.78 -14.23
C79 A1EMM G . -13.72 17.64 -13.14
C97 A1EMM G . -10.16 16.02 -17.12
C86 A1EMM G . -12.17 23.26 -15.56
C88 A1EMM G . -10.65 25.11 -16.05
C90 A1EMM G . -10.99 24.41 -13.76
C62 A1EMM G . -9.80 20.20 -21.61
C52 A1EMM G . -10.01 21.53 -21.25
C66 A1EMM G . -10.73 21.79 -20.12
C65 A1EMM G . -11.24 20.73 -19.33
C94 A1EMM G . -9.75 20.05 -11.04
C98 A1EMM G . -8.60 15.97 -17.15
C92 A1EMM G . -10.44 25.92 -18.33
N81 A1EMM G . -11.33 21.14 -12.64
N51 A1EMM G . -9.51 22.57 -22.14
N95 A1EMM G . -9.75 19.59 -9.66
N99 A1EMM G . -7.85 16.23 -18.41
O69 A1EMM G . -12.99 18.39 -18.35
O70 A1EMM G . -11.81 16.84 -19.57
O84 A1EMM G . -12.93 23.04 -11.72
O85 A1EMM G . -13.95 21.83 -13.36
O91 A1EMM G . -10.01 26.00 -16.98
O96 A1EMM G . -9.08 19.53 -11.88
OA0 A1EMM G . -8.01 15.70 -16.16
S82 A1EMM G . -12.61 22.32 -12.94
S67 A1EMM G . -11.63 17.99 -18.66
H351 A1EMM G . -4.99 26.46 -11.64
H352 A1EMM G . -5.15 24.69 -11.74
H371 A1EMM G . -4.52 25.74 -14.39
H372 A1EMM G . -5.91 26.61 -13.71
H391 A1EMM G . -6.76 25.22 -15.70
H392 A1EMM G . -8.06 24.93 -14.50
H402 A1EMM G . -8.34 22.83 -15.36
H401 A1EMM G . -6.69 22.43 -14.86
H421 A1EMM G . -7.99 22.36 -18.47
H422 A1EMM G . -8.43 21.59 -16.95
H432 A1EMM G . -7.33 19.81 -17.97
H431 A1EMM G . -5.93 20.58 -17.18
H452 A1EMM G . -4.37 21.92 -19.58
H451 A1EMM G . -5.28 22.58 -18.22
H461 A1EMM G . -6.81 22.87 -20.68
H462 A1EMM G . -5.19 23.59 -20.87
H482 A1EMM G . -7.08 25.64 -20.94
H481 A1EMM G . -7.75 25.99 -19.33
H492 A1EMM G . -9.51 24.71 -19.95
H491 A1EMM G . -8.47 23.34 -19.74
H061 A1EMM G . 6.15 22.79 -19.45
H532 A1EMM G . 5.55 20.87 -20.39
H531 A1EMM G . 4.03 20.53 -21.22
H241 A1EMM G . -0.73 25.06 -17.74
H221 A1EMM G . -1.90 21.84 -20.32
H301 A1EMM G . 1.94 25.07 -11.19
H091 A1EMM G . 2.01 21.26 -17.56
H081 A1EMM G . 2.18 21.82 -15.13
H031 A1EMM G . 6.45 23.88 -14.60
H021 A1EMM G . 8.31 24.45 -16.13
H011 A1EMM G . 8.17 23.90 -18.56
H571 A1EMM G . 3.64 22.08 -12.02
H572 A1EMM G . 4.58 21.10 -13.16
H251 A1EMM G . 1.60 24.86 -18.53
H211 A1EMM G . 0.43 21.65 -21.11
H291 A1EMM G . -0.54 25.32 -11.13
H271 A1EMM G . -0.59 25.37 -15.44
H261 A1EMM G . 1.86 25.12 -15.47
H321 A1EMM G . -2.22 23.75 -16.60
H322 A1EMM G . -3.95 23.97 -16.92
H323 A1EMM G . -2.79 25.24 -17.38
H331 A1EMM G . -2.66 25.72 -14.22
H552 A1EMM G . 2.85 18.30 -18.25
H551 A1EMM G . 2.21 19.74 -18.99
H592 A1EMM G . 7.05 22.17 -13.68
H591 A1EMM G . 7.87 22.70 -12.24
H801 A1EMM G . -13.04 19.42 -12.13
H932 A1EMM G . -11.31 21.40 -10.58
H931 A1EMM G . -9.95 22.11 -11.43
H871 A1EMM G . -11.75 24.00 -17.54
H891 A1EMM G . -9.73 26.05 -14.35
H631 A1EMM G . -10.13 18.15 -21.14
H751 A1EMM G . -9.47 21.25 -14.72
H761 A1EMM G . -9.19 19.67 -16.66
H771 A1EMM G . -12.49 16.34 -16.03
H781 A1EMM G . -14.21 15.91 -14.32
H791 A1EMM G . -14.49 17.43 -12.41
H971 A1EMM G . -10.54 15.42 -17.94
H972 A1EMM G . -10.48 15.58 -16.17
H861 A1EMM G . -12.86 22.49 -15.89
H901 A1EMM G . -10.76 24.50 -12.69
H621 A1EMM G . -9.25 19.97 -22.52
H661 A1EMM G . -10.92 22.81 -19.82
H651 A1EMM G . -11.81 20.96 -18.44
H921 A1EMM G . -11.44 26.39 -18.43
H922 A1EMM G . -9.73 26.47 -18.98
H923 A1EMM G . -10.49 24.87 -18.65
H511 A1EMM G . -9.62 22.40 -23.12
H952 A1EMM G . -10.31 20.05 -8.98
H951 A1EMM G . -9.20 18.79 -9.39
H992 A1EMM G . -6.86 16.21 -18.42
H991 A1EMM G . -8.36 16.46 -19.25
#